data_8SZT
#
_entry.id   8SZT
#
_cell.length_a   113.949
_cell.length_b   181.689
_cell.length_c   155.330
_cell.angle_alpha   90.000
_cell.angle_beta   90.000
_cell.angle_gamma   90.000
#
_symmetry.space_group_name_H-M   'C 2 2 21'
#
loop_
_entity.id
_entity.type
_entity.pdbx_description
1 polymer 'Histone deacetylase domain-containing protein'
2 non-polymer 'ZINC ION'
3 non-polymer 'POTASSIUM ION'
4 non-polymer 'CHLORIDE ION'
5 water water
#
_entity_poly.entity_id   1
_entity_poly.type   'polypeptide(L)'
_entity_poly.pdbx_seq_one_letter_code
;GHMKKIGYVWDTLYSWVDTGTGGVFAANLSKRIQPITHHMNHPDTKRRFNELVMTSGQIDFLTPIKPYPATDADILRVHD
KQLLDNAKNVSNKECGGDIGDRVTHLGNGGIEIAYLSAGGAIELTKKVISGELHTGYALVSPPGHHATKKDSMGFCIFNN
TSIAAAYAKDILGLKRVAIVDWDVHHGNGTQDIWWEDSSVLTISIHQNKCFPTNSGFINERGAGNGFGYNLNIPLPPGSG
NGAYIYAFEKVIVPALKKYEPELIIVGSGFDASILDPLSRMMVSSEGFKKMASLILEVSNEINGGKCLFVQEGGYSPHYL
PFCGLAVIEALTGMHTLDDPLIDMVGEMGGNELLPHEKKVVDECANLIADIN
;
_entity_poly.pdbx_strand_id   B,A,C,D
#
# COMPACT_ATOMS: atom_id res chain seq x y z
N LYS A 5 14.20 8.40 25.64
CA LYS A 5 14.44 9.85 25.65
C LYS A 5 15.08 10.39 24.38
N ILE A 6 14.30 11.18 23.63
CA ILE A 6 14.55 11.49 22.22
C ILE A 6 14.72 12.99 22.09
N GLY A 7 15.86 13.42 21.55
CA GLY A 7 16.13 14.85 21.42
C GLY A 7 15.60 15.45 20.13
N TYR A 8 15.28 16.74 20.19
CA TYR A 8 14.76 17.51 19.06
C TYR A 8 15.36 18.90 19.07
N VAL A 9 16.08 19.25 18.01
CA VAL A 9 16.75 20.53 17.87
C VAL A 9 15.99 21.40 16.88
N TRP A 10 15.63 22.61 17.31
CA TRP A 10 14.95 23.56 16.46
C TRP A 10 15.26 24.94 17.00
N ASP A 11 15.40 25.90 16.09
CA ASP A 11 15.49 27.30 16.50
C ASP A 11 14.76 28.16 15.49
N THR A 12 14.03 29.16 16.01
CA THR A 12 13.30 30.09 15.15
C THR A 12 14.18 30.63 14.01
N LEU A 13 15.46 30.89 14.29
CA LEU A 13 16.33 31.46 13.27
C LEU A 13 16.48 30.57 12.03
N TYR A 14 16.30 29.24 12.17
CA TYR A 14 16.46 28.42 10.97
C TYR A 14 15.41 28.78 9.93
N SER A 15 14.28 29.33 10.34
CA SER A 15 13.27 29.78 9.40
C SER A 15 13.41 31.24 9.04
N TRP A 16 14.53 31.87 9.37
CA TRP A 16 14.76 33.26 8.99
C TRP A 16 15.71 33.38 7.80
N VAL A 17 16.14 32.26 7.22
CA VAL A 17 16.95 32.29 6.00
C VAL A 17 16.24 33.13 4.96
N ASP A 18 17.02 33.98 4.27
CA ASP A 18 16.49 34.96 3.32
C ASP A 18 16.60 34.40 1.89
N THR A 19 15.48 33.92 1.36
CA THR A 19 15.45 33.29 0.05
C THR A 19 14.80 34.18 -1.01
N GLY A 20 14.90 35.50 -0.85
CA GLY A 20 14.31 36.42 -1.82
C GLY A 20 15.13 36.55 -3.08
N THR A 21 16.44 36.63 -2.94
CA THR A 21 17.37 36.69 -4.05
C THR A 21 18.00 35.31 -4.26
N GLY A 22 18.55 35.08 -5.46
CA GLY A 22 19.27 33.85 -5.75
C GLY A 22 18.39 32.69 -6.20
N GLY A 23 19.04 31.58 -6.52
CA GLY A 23 18.39 30.36 -6.96
C GLY A 23 18.63 30.07 -8.43
N VAL A 24 18.26 28.84 -8.84
CA VAL A 24 18.40 28.50 -10.26
C VAL A 24 17.42 29.30 -11.09
N PHE A 25 16.31 29.73 -10.48
CA PHE A 25 15.32 30.58 -11.12
C PHE A 25 15.34 32.01 -10.60
N ALA A 26 16.53 32.49 -10.21
CA ALA A 26 16.70 33.88 -9.82
C ALA A 26 16.31 34.81 -10.96
N ALA A 27 15.62 35.88 -10.62
CA ALA A 27 15.05 36.79 -11.61
C ALA A 27 16.13 37.28 -12.57
N ASN A 28 15.76 37.43 -13.83
CA ASN A 28 16.74 37.80 -14.84
C ASN A 28 16.00 38.37 -16.04
N LEU A 29 15.94 39.70 -16.13
CA LEU A 29 15.07 40.36 -17.11
C LEU A 29 15.49 40.07 -18.55
N SER A 30 16.79 39.90 -18.80
CA SER A 30 17.25 39.60 -20.14
C SER A 30 16.98 38.15 -20.55
N LYS A 31 17.04 37.22 -19.60
CA LYS A 31 16.61 35.85 -19.91
C LYS A 31 15.09 35.67 -19.74
N ARG A 32 14.36 36.73 -19.38
CA ARG A 32 12.89 36.73 -19.18
C ARG A 32 12.45 35.70 -18.15
N ILE A 33 13.21 35.58 -17.07
CA ILE A 33 12.80 34.79 -15.92
C ILE A 33 12.11 35.74 -14.95
N GLN A 34 10.78 35.65 -14.91
CA GLN A 34 9.98 36.56 -14.11
C GLN A 34 10.23 36.34 -12.62
N PRO A 35 10.35 37.41 -11.83
CA PRO A 35 10.46 37.24 -10.38
C PRO A 35 9.29 36.47 -9.81
N ILE A 36 9.57 35.64 -8.81
CA ILE A 36 8.57 34.79 -8.18
C ILE A 36 8.69 34.93 -6.66
N THR A 37 7.55 34.91 -5.98
CA THR A 37 7.55 35.12 -4.52
C THR A 37 8.08 33.92 -3.75
N HIS A 38 7.89 32.69 -4.25
CA HIS A 38 8.26 31.47 -3.53
C HIS A 38 9.36 30.72 -4.28
N HIS A 39 10.60 30.84 -3.79
CA HIS A 39 11.65 30.04 -4.39
C HIS A 39 11.63 28.63 -3.83
N MET A 40 12.42 27.74 -4.44
CA MET A 40 12.42 26.34 -4.05
C MET A 40 12.84 26.15 -2.58
N ASN A 41 13.81 26.91 -2.09
CA ASN A 41 14.34 26.66 -0.75
C ASN A 41 13.70 27.55 0.31
N HIS A 42 12.46 27.96 0.07
CA HIS A 42 11.77 28.90 0.95
C HIS A 42 11.61 28.29 2.36
N PRO A 43 11.75 29.11 3.41
CA PRO A 43 11.69 28.57 4.79
C PRO A 43 10.38 27.93 5.16
N ASP A 44 9.30 28.18 4.44
CA ASP A 44 7.99 27.66 4.81
C ASP A 44 7.99 26.13 4.87
N THR A 45 8.75 25.47 3.99
CA THR A 45 8.73 24.01 3.94
C THR A 45 9.17 23.41 5.27
N LYS A 46 10.32 23.84 5.79
CA LYS A 46 10.77 23.26 7.05
C LYS A 46 10.12 23.93 8.26
N ARG A 47 9.50 25.09 8.10
CA ARG A 47 8.78 25.65 9.24
C ARG A 47 7.51 24.84 9.49
N ARG A 48 6.81 24.47 8.41
CA ARG A 48 5.62 23.63 8.52
C ARG A 48 5.93 22.30 9.18
N PHE A 49 7.08 21.70 8.83
CA PHE A 49 7.51 20.49 9.51
C PHE A 49 7.60 20.74 11.02
N ASN A 50 8.29 21.83 11.41
CA ASN A 50 8.41 22.10 12.83
C ASN A 50 7.05 22.34 13.45
N GLU A 51 6.18 23.05 12.74
CA GLU A 51 4.90 23.38 13.34
C GLU A 51 4.00 22.16 13.43
N LEU A 52 4.21 21.15 12.59
CA LEU A 52 3.49 19.89 12.70
C LEU A 52 4.00 19.04 13.87
N VAL A 53 5.30 19.10 14.17
CA VAL A 53 5.79 18.45 15.39
C VAL A 53 5.10 19.04 16.62
N MET A 54 4.83 20.34 16.60
CA MET A 54 4.13 20.94 17.74
C MET A 54 2.67 20.49 17.79
N THR A 55 1.91 20.74 16.71
CA THR A 55 0.45 20.56 16.75
C THR A 55 0.01 19.10 16.71
N SER A 56 0.87 18.18 16.27
CA SER A 56 0.52 16.75 16.30
C SER A 56 0.68 16.14 17.68
N GLY A 57 1.23 16.88 18.65
CA GLY A 57 1.57 16.32 19.92
C GLY A 57 2.81 15.45 19.96
N GLN A 58 3.58 15.34 18.86
CA GLN A 58 4.85 14.65 18.97
C GLN A 58 5.80 15.37 19.95
N ILE A 59 5.63 16.68 20.13
CA ILE A 59 6.56 17.43 20.98
C ILE A 59 6.51 16.91 22.40
N ASP A 60 5.37 16.36 22.82
CA ASP A 60 5.28 15.88 24.19
C ASP A 60 6.12 14.62 24.40
N PHE A 61 6.49 13.91 23.35
CA PHE A 61 7.40 12.79 23.52
C PHE A 61 8.84 13.17 23.29
N LEU A 62 9.13 14.44 23.04
CA LEU A 62 10.49 14.83 22.70
C LEU A 62 11.12 15.71 23.78
N THR A 63 12.45 15.63 23.86
CA THR A 63 13.25 16.52 24.69
C THR A 63 13.80 17.62 23.83
N PRO A 64 13.34 18.86 23.96
CA PRO A 64 13.88 19.95 23.15
C PRO A 64 15.33 20.22 23.53
N ILE A 65 16.11 20.61 22.52
CA ILE A 65 17.54 20.81 22.67
C ILE A 65 17.90 22.17 22.07
N LYS A 66 18.40 23.09 22.89
CA LYS A 66 18.76 24.39 22.36
C LYS A 66 20.07 24.29 21.59
N PRO A 67 20.14 24.74 20.34
CA PRO A 67 21.42 24.77 19.64
C PRO A 67 22.24 26.00 20.00
N TYR A 68 23.55 25.86 19.80
CA TYR A 68 24.57 26.86 20.08
C TYR A 68 25.47 26.94 18.87
N PRO A 69 25.99 28.13 18.56
CA PRO A 69 26.76 28.29 17.32
C PRO A 69 28.01 27.42 17.32
N ALA A 70 28.16 26.65 16.25
CA ALA A 70 29.45 26.08 15.93
C ALA A 70 30.51 27.16 15.92
N THR A 71 31.70 26.84 16.40
CA THR A 71 32.80 27.78 16.34
C THR A 71 33.57 27.62 15.02
N ASP A 72 34.36 28.65 14.70
CA ASP A 72 35.22 28.59 13.54
C ASP A 72 36.11 27.36 13.54
N ALA A 73 36.61 26.96 14.72
CA ALA A 73 37.41 25.75 14.79
C ALA A 73 36.59 24.52 14.36
N ASP A 74 35.34 24.41 14.84
CA ASP A 74 34.48 23.31 14.39
C ASP A 74 34.43 23.24 12.85
N ILE A 75 34.25 24.38 12.20
CA ILE A 75 34.16 24.41 10.75
C ILE A 75 35.48 23.99 10.12
N LEU A 76 36.61 24.42 10.71
CA LEU A 76 37.90 24.16 10.08
C LEU A 76 38.43 22.75 10.31
N ARG A 77 37.77 21.93 11.14
CA ARG A 77 38.14 20.50 11.17
C ARG A 77 37.89 19.84 9.83
N VAL A 78 36.92 20.33 9.06
CA VAL A 78 36.59 19.71 7.77
C VAL A 78 36.64 20.69 6.60
N HIS A 79 36.64 22.01 6.81
CA HIS A 79 36.64 22.96 5.71
C HIS A 79 37.92 23.79 5.67
N ASP A 80 38.42 24.06 4.46
CA ASP A 80 39.55 24.98 4.27
C ASP A 80 39.21 26.39 4.76
N LYS A 81 40.24 27.12 5.18
CA LYS A 81 40.06 28.50 5.60
C LYS A 81 39.44 29.37 4.50
N GLN A 82 39.75 29.08 3.23
CA GLN A 82 39.21 29.90 2.14
C GLN A 82 37.69 29.81 2.09
N LEU A 83 37.15 28.59 2.23
CA LEU A 83 35.70 28.42 2.33
C LEU A 83 35.13 29.25 3.46
N LEU A 84 35.70 29.12 4.65
CA LEU A 84 35.22 29.90 5.79
C LEU A 84 35.36 31.40 5.53
N ASP A 85 36.47 31.82 4.94
CA ASP A 85 36.70 33.26 4.77
C ASP A 85 35.74 33.84 3.75
N ASN A 86 35.52 33.10 2.66
CA ASN A 86 34.55 33.49 1.65
C ASN A 86 33.18 33.77 2.26
N ALA A 87 32.78 32.97 3.26
CA ALA A 87 31.44 33.12 3.83
C ALA A 87 31.33 34.37 4.71
N LYS A 88 32.36 34.64 5.51
CA LYS A 88 32.35 35.86 6.31
C LYS A 88 32.33 37.09 5.41
N ASN A 89 33.07 37.04 4.29
CA ASN A 89 33.10 38.15 3.36
C ASN A 89 31.72 38.38 2.75
N VAL A 90 31.12 37.33 2.18
CA VAL A 90 29.80 37.48 1.58
C VAL A 90 28.76 37.86 2.63
N SER A 91 28.92 37.40 3.87
CA SER A 91 27.92 37.68 4.89
C SER A 91 27.94 39.14 5.34
N ASN A 92 29.10 39.82 5.26
CA ASN A 92 29.22 41.18 5.77
C ASN A 92 28.51 42.20 4.88
N LYS A 93 28.45 41.95 3.57
CA LYS A 93 27.76 42.79 2.59
C LYS A 93 26.28 43.00 2.94
N GLU A 94 25.57 43.76 2.12
CA GLU A 94 24.11 43.82 2.27
C GLU A 94 23.49 42.65 1.55
N GLY A 97 24.71 38.42 -0.74
CA GLY A 97 25.28 38.09 -2.03
C GLY A 97 25.47 36.62 -2.34
N ASP A 98 25.76 36.30 -3.60
CA ASP A 98 26.05 34.92 -3.99
C ASP A 98 27.38 34.48 -3.39
N ILE A 99 27.47 33.19 -3.09
CA ILE A 99 28.61 32.67 -2.37
C ILE A 99 29.50 31.78 -3.23
N GLY A 100 28.94 31.01 -4.15
CA GLY A 100 29.76 30.08 -4.88
C GLY A 100 29.20 29.69 -6.22
N ASP A 101 28.09 28.95 -6.21
CA ASP A 101 27.54 28.33 -7.41
C ASP A 101 26.26 29.00 -7.91
N ARG A 102 26.14 30.32 -7.70
CA ARG A 102 25.00 31.10 -8.19
C ARG A 102 23.68 30.73 -7.52
N VAL A 103 23.40 29.44 -7.35
CA VAL A 103 22.16 29.03 -6.69
C VAL A 103 22.23 29.15 -5.17
N THR A 104 23.42 29.13 -4.56
CA THR A 104 23.55 29.32 -3.12
C THR A 104 23.68 30.81 -2.82
N HIS A 105 22.78 31.31 -1.99
CA HIS A 105 22.71 32.71 -1.63
C HIS A 105 22.71 32.84 -0.11
N LEU A 106 23.42 33.87 0.39
CA LEU A 106 23.57 34.09 1.82
C LEU A 106 23.22 35.55 2.12
N GLY A 107 22.10 35.78 2.81
CA GLY A 107 21.69 37.13 3.13
C GLY A 107 22.70 37.86 3.98
N ASN A 108 22.48 39.15 4.25
CA ASN A 108 23.43 39.90 5.06
C ASN A 108 23.39 39.38 6.50
N GLY A 109 24.55 38.96 7.02
CA GLY A 109 24.64 38.33 8.32
C GLY A 109 24.18 36.89 8.38
N GLY A 110 23.82 36.28 7.23
CA GLY A 110 23.35 34.92 7.20
C GLY A 110 24.33 33.87 7.72
N ILE A 111 25.63 34.19 7.78
CA ILE A 111 26.55 33.22 8.39
C ILE A 111 26.10 32.86 9.81
N GLU A 112 25.48 33.80 10.54
CA GLU A 112 24.93 33.48 11.85
C GLU A 112 24.06 32.23 11.81
N ILE A 113 23.21 32.12 10.79
CA ILE A 113 22.35 30.94 10.73
C ILE A 113 23.14 29.69 10.36
N ALA A 114 24.09 29.80 9.42
CA ALA A 114 24.89 28.64 9.10
C ALA A 114 25.65 28.13 10.33
N TYR A 115 26.26 29.05 11.10
CA TYR A 115 26.89 28.66 12.36
C TYR A 115 25.91 27.96 13.28
N LEU A 116 24.68 28.46 13.36
CA LEU A 116 23.71 27.88 14.26
C LEU A 116 23.25 26.52 13.75
N SER A 117 23.34 26.32 12.44
CA SER A 117 22.92 25.05 11.83
C SER A 117 23.90 23.93 12.18
N ALA A 118 25.20 24.21 12.06
CA ALA A 118 26.22 23.23 12.39
C ALA A 118 26.26 22.97 13.90
N GLY A 119 26.09 24.02 14.69
CA GLY A 119 26.05 23.84 16.12
C GLY A 119 24.87 23.01 16.58
N GLY A 120 23.76 23.07 15.84
CA GLY A 120 22.63 22.23 16.16
C GLY A 120 22.95 20.76 15.98
N ALA A 121 23.64 20.41 14.90
CA ALA A 121 24.05 19.03 14.74
C ALA A 121 25.15 18.63 15.70
N ILE A 122 25.93 19.59 16.23
CA ILE A 122 26.90 19.27 17.27
C ILE A 122 26.21 19.04 18.61
N GLU A 123 25.24 19.88 18.96
CA GLU A 123 24.51 19.70 20.22
C GLU A 123 23.84 18.33 20.30
N LEU A 124 23.09 17.94 19.27
CA LEU A 124 22.50 16.61 19.29
C LEU A 124 23.59 15.53 19.48
N THR A 125 24.70 15.65 18.74
CA THR A 125 25.74 14.64 18.82
C THR A 125 26.32 14.53 20.23
N LYS A 126 26.57 15.66 20.89
CA LYS A 126 27.11 15.59 22.25
C LYS A 126 26.18 14.81 23.16
N LYS A 127 24.90 15.22 23.21
CA LYS A 127 23.96 14.58 24.09
C LYS A 127 23.69 13.12 23.72
N VAL A 128 23.95 12.70 22.48
CA VAL A 128 23.72 11.30 22.16
C VAL A 128 24.92 10.44 22.60
N ILE A 129 26.14 10.96 22.42
CA ILE A 129 27.33 10.27 22.88
C ILE A 129 27.33 10.14 24.40
N SER A 130 27.04 11.25 25.08
CA SER A 130 27.08 11.27 26.54
C SER A 130 26.07 10.33 27.17
N GLY A 131 25.11 9.81 26.40
CA GLY A 131 24.04 9.07 26.99
C GLY A 131 22.90 9.91 27.52
N GLU A 132 23.01 11.25 27.49
CA GLU A 132 21.89 12.07 27.93
C GLU A 132 20.65 11.82 27.08
N LEU A 133 20.83 11.42 25.80
CA LEU A 133 19.70 11.02 24.95
C LEU A 133 20.06 9.74 24.21
N HIS A 134 19.02 8.97 23.85
CA HIS A 134 19.23 7.75 23.09
C HIS A 134 19.33 8.05 21.59
N THR A 135 18.59 9.03 21.11
CA THR A 135 18.64 9.41 19.70
C THR A 135 17.98 10.78 19.58
N GLY A 136 17.86 11.28 18.36
CA GLY A 136 17.14 12.53 18.20
C GLY A 136 17.16 13.01 16.77
N TYR A 137 16.41 14.09 16.53
CA TYR A 137 16.31 14.70 15.21
C TYR A 137 16.67 16.18 15.29
N ALA A 138 17.52 16.63 14.39
CA ALA A 138 17.99 18.01 14.39
C ALA A 138 17.42 18.71 13.15
N LEU A 139 16.37 19.51 13.33
CA LEU A 139 15.70 20.16 12.20
C LEU A 139 16.39 21.48 11.90
N VAL A 140 17.61 21.36 11.40
CA VAL A 140 18.45 22.52 11.16
C VAL A 140 18.24 22.99 9.73
N SER A 141 18.62 24.25 9.48
CA SER A 141 18.65 24.93 8.19
C SER A 141 19.71 26.01 8.28
N PRO A 142 20.55 26.24 7.26
CA PRO A 142 20.60 25.63 5.92
C PRO A 142 21.19 24.24 5.90
N PRO A 143 21.02 23.48 4.83
CA PRO A 143 21.55 22.11 4.78
C PRO A 143 23.07 22.13 4.52
N GLY A 144 23.67 20.94 4.52
CA GLY A 144 25.12 20.83 4.50
C GLY A 144 25.79 19.85 3.54
N HIS A 145 25.07 18.83 3.07
CA HIS A 145 25.82 17.72 2.48
C HIS A 145 26.43 18.04 1.11
N HIS A 146 26.24 19.23 0.55
CA HIS A 146 26.86 19.57 -0.73
C HIS A 146 28.18 20.33 -0.61
N ALA A 147 28.51 20.87 0.57
CA ALA A 147 29.75 21.62 0.74
C ALA A 147 30.96 20.68 0.86
N THR A 148 31.99 20.92 0.04
CA THR A 148 33.23 20.15 0.08
C THR A 148 34.24 20.83 0.99
N LYS A 149 35.49 20.36 1.01
CA LYS A 149 36.50 21.07 1.80
C LYS A 149 36.67 22.49 1.28
N LYS A 150 36.58 22.66 -0.05
CA LYS A 150 36.95 23.91 -0.70
C LYS A 150 35.78 24.83 -0.99
N ASP A 151 34.57 24.30 -1.13
CA ASP A 151 33.49 25.09 -1.73
C ASP A 151 32.14 24.83 -1.07
N SER A 152 31.44 25.93 -0.79
CA SER A 152 30.01 25.90 -0.54
C SER A 152 29.27 25.83 -1.85
N MET A 153 28.12 25.14 -1.85
CA MET A 153 27.28 25.01 -3.04
C MET A 153 25.95 24.40 -2.66
N GLY A 154 24.99 24.51 -3.58
CA GLY A 154 23.69 23.85 -3.47
C GLY A 154 22.92 24.12 -2.20
N PHE A 155 22.71 25.39 -1.88
CA PHE A 155 22.07 25.83 -0.64
C PHE A 155 22.90 25.48 0.59
N CYS A 156 24.07 24.87 0.44
CA CYS A 156 24.85 24.38 1.58
C CYS A 156 26.07 25.27 1.84
N ILE A 157 26.11 25.88 3.02
CA ILE A 157 27.24 26.70 3.44
C ILE A 157 28.31 25.86 4.14
N PHE A 158 27.91 25.08 5.15
CA PHE A 158 28.80 24.25 5.95
C PHE A 158 28.27 22.82 5.95
N ASN A 159 29.16 21.83 5.88
CA ASN A 159 28.70 20.44 5.86
C ASN A 159 28.39 20.02 7.30
N ASN A 160 27.13 20.10 7.69
CA ASN A 160 26.75 19.91 9.08
C ASN A 160 27.10 18.51 9.58
N THR A 161 26.63 17.47 8.90
CA THR A 161 26.90 16.10 9.36
C THR A 161 28.40 15.80 9.42
N SER A 162 29.20 16.35 8.51
CA SER A 162 30.64 16.08 8.55
C SER A 162 31.29 16.85 9.69
N ILE A 163 30.82 18.07 9.94
CA ILE A 163 31.29 18.83 11.09
C ILE A 163 31.02 18.07 12.37
N ALA A 164 29.80 17.56 12.52
CA ALA A 164 29.45 16.77 13.70
C ALA A 164 30.25 15.47 13.78
N ALA A 165 30.58 14.86 12.64
CA ALA A 165 31.39 13.65 12.70
C ALA A 165 32.83 13.97 13.10
N ALA A 166 33.37 15.10 12.63
CA ALA A 166 34.71 15.50 13.05
C ALA A 166 34.72 15.80 14.54
N TYR A 167 33.65 16.41 15.03
CA TYR A 167 33.56 16.71 16.46
C TYR A 167 33.52 15.43 17.29
N ALA A 168 32.65 14.49 16.91
CA ALA A 168 32.55 13.24 17.64
C ALA A 168 33.89 12.52 17.72
N LYS A 169 34.79 12.80 16.78
CA LYS A 169 36.06 12.09 16.72
C LYS A 169 37.15 12.82 17.48
N ASP A 170 37.31 14.13 17.22
CA ASP A 170 38.41 14.89 17.80
C ASP A 170 38.13 15.28 19.25
N ILE A 171 36.92 15.76 19.51
CA ILE A 171 36.55 16.15 20.87
C ILE A 171 36.06 14.96 21.67
N LEU A 172 35.28 14.06 21.07
CA LEU A 172 34.62 13.02 21.85
C LEU A 172 35.30 11.67 21.75
N GLY A 173 36.31 11.53 20.92
CA GLY A 173 37.12 10.33 20.94
C GLY A 173 36.58 9.13 20.20
N LEU A 174 35.61 9.30 19.31
CA LEU A 174 35.17 8.17 18.51
C LEU A 174 36.23 7.85 17.46
N LYS A 175 36.30 6.57 17.10
CA LYS A 175 37.20 6.14 16.02
C LYS A 175 36.49 5.70 14.73
N ARG A 176 35.25 5.22 14.79
CA ARG A 176 34.51 4.88 13.58
C ARG A 176 33.16 5.58 13.59
N VAL A 177 32.88 6.37 12.56
CA VAL A 177 31.59 7.02 12.42
C VAL A 177 31.09 6.70 11.03
N ALA A 178 29.78 6.52 10.89
CA ALA A 178 29.17 6.37 9.57
C ALA A 178 28.19 7.51 9.31
N ILE A 179 28.24 8.06 8.09
CA ILE A 179 27.24 9.03 7.64
C ILE A 179 26.40 8.40 6.53
N VAL A 180 25.10 8.22 6.80
CA VAL A 180 24.15 7.70 5.82
C VAL A 180 23.30 8.85 5.31
N ASP A 181 23.39 9.12 4.01
CA ASP A 181 22.74 10.28 3.38
C ASP A 181 21.62 9.78 2.47
N TRP A 182 20.36 10.03 2.84
CA TRP A 182 19.24 9.64 1.97
C TRP A 182 18.52 10.84 1.33
N ASP A 183 19.09 12.04 1.42
CA ASP A 183 18.69 13.13 0.52
C ASP A 183 18.79 12.64 -0.92
N VAL A 184 17.85 13.09 -1.75
CA VAL A 184 17.77 12.59 -3.12
C VAL A 184 18.95 13.04 -3.99
N HIS A 185 19.75 13.98 -3.52
CA HIS A 185 20.90 14.42 -4.29
C HIS A 185 22.18 13.89 -3.67
N HIS A 186 23.19 13.74 -4.51
CA HIS A 186 24.44 13.11 -4.10
C HIS A 186 25.15 13.96 -3.05
N GLY A 187 25.53 13.34 -1.94
CA GLY A 187 26.31 14.02 -0.94
C GLY A 187 27.76 14.21 -1.37
N ASN A 188 27.99 14.94 -2.46
CA ASN A 188 29.36 15.11 -2.94
C ASN A 188 30.26 15.78 -1.90
N GLY A 189 29.71 16.72 -1.12
CA GLY A 189 30.52 17.34 -0.10
C GLY A 189 31.07 16.34 0.89
N THR A 190 30.19 15.52 1.46
CA THR A 190 30.61 14.50 2.41
C THR A 190 31.58 13.52 1.78
N GLN A 191 31.28 13.05 0.56
CA GLN A 191 32.19 12.20 -0.19
C GLN A 191 33.58 12.81 -0.27
N ASP A 192 33.65 14.12 -0.58
CA ASP A 192 34.94 14.75 -0.76
C ASP A 192 35.69 14.90 0.55
N ILE A 193 34.98 15.17 1.66
CA ILE A 193 35.68 15.48 2.91
C ILE A 193 36.33 14.24 3.48
N TRP A 194 35.70 13.08 3.33
CA TRP A 194 36.23 11.83 3.89
C TRP A 194 36.76 10.90 2.81
N TRP A 195 37.11 11.43 1.65
CA TRP A 195 37.51 10.61 0.51
C TRP A 195 38.68 9.69 0.84
N GLU A 196 39.73 10.23 1.50
CA GLU A 196 40.92 9.44 1.83
C GLU A 196 40.88 8.87 3.25
N ASP A 197 39.69 8.78 3.85
CA ASP A 197 39.59 8.52 5.29
C ASP A 197 38.64 7.36 5.55
N SER A 198 39.14 6.33 6.21
CA SER A 198 38.35 5.16 6.54
C SER A 198 37.68 5.25 7.91
N SER A 199 37.98 6.27 8.69
CA SER A 199 37.34 6.44 10.00
C SER A 199 35.93 7.00 9.90
N VAL A 200 35.49 7.36 8.70
CA VAL A 200 34.11 7.80 8.48
C VAL A 200 33.54 7.12 7.24
N LEU A 201 32.76 6.07 7.46
CA LEU A 201 32.05 5.39 6.37
C LEU A 201 30.99 6.33 5.84
N THR A 202 31.13 6.80 4.59
CA THR A 202 30.19 7.74 3.98
C THR A 202 29.35 7.01 2.93
N ILE A 203 28.05 6.93 3.17
CA ILE A 203 27.09 6.32 2.25
C ILE A 203 26.11 7.37 1.74
N SER A 204 25.87 7.36 0.43
CA SER A 204 24.90 8.26 -0.19
C SER A 204 24.02 7.46 -1.14
N ILE A 205 22.72 7.45 -0.87
CA ILE A 205 21.73 6.94 -1.82
C ILE A 205 21.00 8.14 -2.40
N HIS A 206 20.98 8.23 -3.73
CA HIS A 206 20.52 9.42 -4.41
C HIS A 206 19.94 9.03 -5.77
N GLN A 207 19.26 9.98 -6.41
CA GLN A 207 18.78 9.76 -7.77
C GLN A 207 19.96 9.89 -8.73
N ASN A 208 20.18 8.86 -9.53
CA ASN A 208 21.32 8.85 -10.45
C ASN A 208 21.41 10.13 -11.28
N LYS A 209 22.55 10.81 -11.21
CA LYS A 209 22.84 11.95 -12.06
C LYS A 209 21.86 13.11 -11.88
N CYS A 210 21.32 13.32 -10.67
CA CYS A 210 20.41 14.46 -10.43
C CYS A 210 21.18 15.73 -10.05
N PHE A 211 21.82 15.74 -8.89
CA PHE A 211 22.66 16.90 -8.59
C PHE A 211 23.74 16.42 -7.63
N PRO A 212 25.00 16.73 -7.90
CA PRO A 212 25.45 17.31 -9.18
C PRO A 212 25.28 16.29 -10.31
N THR A 213 25.07 16.74 -11.54
CA THR A 213 24.79 15.81 -12.62
C THR A 213 25.98 14.95 -12.99
N ASN A 214 27.16 15.23 -12.45
CA ASN A 214 28.39 14.60 -12.90
C ASN A 214 29.06 13.72 -11.84
N SER A 215 28.43 13.50 -10.68
CA SER A 215 29.03 12.69 -9.62
C SER A 215 27.98 11.79 -8.99
N GLY A 216 28.45 10.89 -8.12
CA GLY A 216 27.58 9.95 -7.43
C GLY A 216 27.59 8.53 -7.95
N PHE A 217 28.58 8.15 -8.75
CA PHE A 217 28.53 6.86 -9.42
C PHE A 217 29.10 5.78 -8.51
N ILE A 218 28.87 4.52 -8.89
CA ILE A 218 29.31 3.39 -8.07
C ILE A 218 30.84 3.29 -8.05
N ASN A 219 31.50 3.56 -9.17
CA ASN A 219 32.95 3.42 -9.23
C ASN A 219 33.69 4.36 -8.27
N GLU A 220 33.01 5.31 -7.61
CA GLU A 220 33.63 6.32 -6.73
C GLU A 220 33.71 5.77 -5.31
N ARG A 221 34.83 5.13 -4.98
CA ARG A 221 34.93 4.30 -3.79
C ARG A 221 35.97 4.77 -2.78
N GLY A 222 36.52 5.96 -2.95
CA GLY A 222 37.55 6.47 -2.06
C GLY A 222 38.94 6.24 -2.62
N ALA A 223 39.93 6.75 -1.89
CA ALA A 223 41.32 6.68 -2.31
C ALA A 223 42.20 6.44 -1.11
N GLY A 224 43.36 5.80 -1.35
CA GLY A 224 44.36 5.64 -0.29
C GLY A 224 43.83 4.83 0.87
N ASN A 225 43.99 5.37 2.09
CA ASN A 225 43.46 4.69 3.27
C ASN A 225 41.96 4.51 3.15
N GLY A 226 41.29 5.42 2.43
CA GLY A 226 39.86 5.46 2.29
C GLY A 226 39.24 4.64 1.18
N PHE A 227 40.04 3.90 0.40
CA PHE A 227 39.47 3.05 -0.63
C PHE A 227 38.58 1.97 -0.01
N GLY A 228 37.30 1.98 -0.37
CA GLY A 228 36.33 1.03 0.12
C GLY A 228 35.38 1.58 1.15
N TYR A 229 35.57 2.82 1.61
CA TYR A 229 34.77 3.42 2.67
C TYR A 229 33.94 4.61 2.16
N ASN A 230 33.59 4.58 0.87
CA ASN A 230 32.60 5.47 0.27
C ASN A 230 31.74 4.64 -0.66
N LEU A 231 30.44 4.61 -0.39
CA LEU A 231 29.50 3.75 -1.11
C LEU A 231 28.36 4.61 -1.66
N ASN A 232 28.28 4.71 -2.99
CA ASN A 232 27.21 5.41 -3.68
C ASN A 232 26.19 4.41 -4.21
N ILE A 233 24.92 4.66 -3.94
CA ILE A 233 23.84 3.87 -4.54
C ILE A 233 23.02 4.78 -5.46
N PRO A 234 23.29 4.83 -6.77
CA PRO A 234 22.57 5.78 -7.65
C PRO A 234 21.34 5.19 -8.30
N LEU A 235 20.18 5.39 -7.67
CA LEU A 235 18.94 4.77 -8.11
C LEU A 235 18.40 5.46 -9.37
N PRO A 236 17.67 4.75 -10.20
CA PRO A 236 17.14 5.37 -11.43
C PRO A 236 15.92 6.21 -11.15
N PRO A 237 15.66 7.25 -11.94
CA PRO A 237 14.44 8.02 -11.76
C PRO A 237 13.20 7.15 -11.77
N GLY A 238 12.23 7.51 -10.93
CA GLY A 238 11.04 6.71 -10.74
C GLY A 238 11.08 5.75 -9.58
N SER A 239 12.25 5.53 -8.96
CA SER A 239 12.35 4.58 -7.87
C SER A 239 11.53 5.05 -6.69
N GLY A 240 11.13 4.10 -5.86
CA GLY A 240 10.21 4.39 -4.76
C GLY A 240 10.49 3.51 -3.56
N ASN A 241 9.44 3.25 -2.76
CA ASN A 241 9.60 2.52 -1.53
C ASN A 241 10.23 1.16 -1.75
N GLY A 242 9.94 0.54 -2.89
CA GLY A 242 10.52 -0.75 -3.23
C GLY A 242 12.03 -0.67 -3.36
N ALA A 243 12.51 0.12 -4.32
CA ALA A 243 13.94 0.19 -4.55
C ALA A 243 14.67 0.64 -3.30
N TYR A 244 14.08 1.58 -2.55
CA TYR A 244 14.73 2.17 -1.40
C TYR A 244 14.82 1.18 -0.25
N ILE A 245 13.74 0.43 0.00
CA ILE A 245 13.78 -0.47 1.14
C ILE A 245 14.71 -1.64 0.83
N TYR A 246 14.76 -2.08 -0.44
CA TYR A 246 15.69 -3.12 -0.85
C TYR A 246 17.12 -2.64 -0.70
N ALA A 247 17.35 -1.37 -1.06
CA ALA A 247 18.68 -0.78 -0.90
C ALA A 247 19.11 -0.77 0.55
N PHE A 248 18.19 -0.45 1.45
CA PHE A 248 18.52 -0.41 2.87
C PHE A 248 18.74 -1.79 3.44
N GLU A 249 17.85 -2.74 3.13
CA GLU A 249 17.98 -4.07 3.71
C GLU A 249 19.18 -4.82 3.14
N LYS A 250 19.58 -4.52 1.89
CA LYS A 250 20.60 -5.30 1.20
C LYS A 250 21.93 -4.58 0.96
N VAL A 251 22.03 -3.28 1.23
CA VAL A 251 23.34 -2.66 1.10
C VAL A 251 23.69 -1.88 2.35
N ILE A 252 22.80 -0.99 2.77
CA ILE A 252 23.15 0.00 3.77
C ILE A 252 23.29 -0.65 5.14
N VAL A 253 22.24 -1.33 5.60
CA VAL A 253 22.33 -2.07 6.86
C VAL A 253 23.52 -3.04 6.87
N PRO A 254 23.68 -3.95 5.90
CA PRO A 254 24.83 -4.87 5.99
C PRO A 254 26.17 -4.17 5.90
N ALA A 255 26.29 -3.07 5.14
CA ALA A 255 27.54 -2.29 5.20
C ALA A 255 27.78 -1.75 6.61
N LEU A 256 26.71 -1.38 7.30
CA LEU A 256 26.86 -0.83 8.65
C LEU A 256 27.17 -1.92 9.66
N LYS A 257 26.56 -3.10 9.50
CA LYS A 257 26.88 -4.22 10.38
C LYS A 257 28.34 -4.63 10.24
N LYS A 258 28.88 -4.57 9.01
CA LYS A 258 30.26 -4.98 8.79
C LYS A 258 31.25 -3.97 9.35
N TYR A 259 30.97 -2.68 9.21
CA TYR A 259 31.90 -1.64 9.60
C TYR A 259 31.84 -1.34 11.11
N GLU A 260 30.72 -1.61 11.76
CA GLU A 260 30.53 -1.42 13.20
C GLU A 260 30.91 -0.01 13.68
N PRO A 261 30.21 1.03 13.24
CA PRO A 261 30.50 2.37 13.75
C PRO A 261 29.95 2.60 15.14
N GLU A 262 30.61 3.49 15.88
CA GLU A 262 30.13 3.88 17.19
C GLU A 262 29.09 4.98 17.13
N LEU A 263 28.92 5.60 15.98
CA LEU A 263 27.87 6.60 15.79
C LEU A 263 27.42 6.56 14.34
N ILE A 264 26.11 6.47 14.13
CA ILE A 264 25.51 6.60 12.80
C ILE A 264 24.87 7.99 12.70
N ILE A 265 25.27 8.77 11.71
CA ILE A 265 24.68 10.09 11.46
C ILE A 265 23.90 10.03 10.16
N VAL A 266 22.59 10.22 10.23
CA VAL A 266 21.74 10.17 9.04
C VAL A 266 21.57 11.58 8.50
N GLY A 267 22.00 11.80 7.27
CA GLY A 267 21.59 12.98 6.52
C GLY A 267 20.19 12.79 5.97
N SER A 268 19.22 13.43 6.62
CA SER A 268 17.79 13.16 6.45
C SER A 268 17.16 14.22 5.53
N GLY A 269 17.06 13.91 4.26
CA GLY A 269 16.39 14.77 3.30
C GLY A 269 15.07 14.12 2.92
N PHE A 270 14.11 14.94 2.51
CA PHE A 270 12.83 14.38 2.06
C PHE A 270 12.53 14.74 0.61
N ASP A 271 13.54 15.17 -0.16
CA ASP A 271 13.32 15.51 -1.57
C ASP A 271 13.15 14.27 -2.46
N ALA A 272 13.50 13.08 -1.97
CA ALA A 272 13.06 11.84 -2.60
C ALA A 272 11.54 11.61 -2.48
N SER A 273 10.79 12.48 -1.82
CA SER A 273 9.36 12.19 -1.64
C SER A 273 8.62 12.29 -2.97
N ILE A 274 7.42 11.70 -2.97
CA ILE A 274 6.61 11.52 -4.18
C ILE A 274 6.13 12.85 -4.76
N LEU A 275 6.08 13.94 -3.98
CA LEU A 275 5.59 15.23 -4.48
C LEU A 275 6.67 16.28 -4.64
N ASP A 276 7.93 15.94 -4.44
CA ASP A 276 8.95 16.96 -4.46
C ASP A 276 9.21 17.42 -5.88
N PRO A 277 9.28 18.72 -6.13
CA PRO A 277 9.60 19.18 -7.48
C PRO A 277 11.03 18.89 -7.90
N LEU A 278 11.98 18.79 -6.98
CA LEU A 278 13.39 18.64 -7.33
C LEU A 278 13.86 17.18 -7.37
N SER A 279 12.96 16.21 -7.50
CA SER A 279 13.38 14.86 -7.85
C SER A 279 12.27 14.16 -8.61
N ARG A 280 12.62 13.00 -9.12
CA ARG A 280 11.67 12.10 -9.74
C ARG A 280 11.55 10.80 -8.95
N MET A 281 11.68 10.86 -7.63
CA MET A 281 11.56 9.65 -6.82
C MET A 281 10.16 9.55 -6.20
N MET A 282 9.80 8.34 -5.79
CA MET A 282 8.43 8.06 -5.39
C MET A 282 8.33 7.60 -3.95
N VAL A 283 9.18 8.13 -3.05
CA VAL A 283 9.16 7.68 -1.66
C VAL A 283 7.97 8.31 -0.95
N SER A 284 7.30 7.52 -0.11
CA SER A 284 6.16 8.02 0.64
C SER A 284 6.55 8.18 2.10
N SER A 285 5.64 8.77 2.89
CA SER A 285 5.95 8.99 4.29
C SER A 285 6.24 7.68 5.01
N GLU A 286 5.56 6.59 4.64
CA GLU A 286 5.85 5.30 5.27
C GLU A 286 7.20 4.74 4.82
N GLY A 287 7.66 5.06 3.60
CA GLY A 287 9.00 4.69 3.21
C GLY A 287 10.09 5.38 4.04
N PHE A 288 9.88 6.66 4.35
CA PHE A 288 10.86 7.32 5.21
C PHE A 288 10.81 6.74 6.62
N LYS A 289 9.61 6.49 7.14
CA LYS A 289 9.51 5.91 8.47
C LYS A 289 10.23 4.57 8.53
N LYS A 290 10.07 3.76 7.48
CA LYS A 290 10.70 2.45 7.44
C LYS A 290 12.21 2.56 7.34
N MET A 291 12.70 3.50 6.55
CA MET A 291 14.13 3.74 6.44
C MET A 291 14.71 4.12 7.81
N ALA A 292 14.06 5.07 8.48
CA ALA A 292 14.48 5.44 9.81
C ALA A 292 14.48 4.25 10.75
N SER A 293 13.47 3.37 10.64
CA SER A 293 13.36 2.23 11.56
C SER A 293 14.48 1.23 11.34
N LEU A 294 14.85 0.98 10.08
CA LEU A 294 15.96 0.08 9.80
C LEU A 294 17.26 0.63 10.39
N ILE A 295 17.42 1.95 10.36
CA ILE A 295 18.62 2.56 10.91
C ILE A 295 18.67 2.36 12.42
N LEU A 296 17.57 2.67 13.11
CA LEU A 296 17.50 2.42 14.54
C LEU A 296 17.72 0.95 14.88
N GLU A 297 17.09 0.05 14.11
CA GLU A 297 17.24 -1.38 14.40
C GLU A 297 18.70 -1.79 14.38
N VAL A 298 19.45 -1.36 13.37
CA VAL A 298 20.84 -1.79 13.29
C VAL A 298 21.69 -0.99 14.28
N SER A 299 21.29 0.23 14.58
CA SER A 299 21.97 1.01 15.61
C SER A 299 21.91 0.30 16.96
N ASN A 300 20.75 -0.25 17.32
CA ASN A 300 20.66 -0.93 18.61
C ASN A 300 21.37 -2.27 18.59
N GLU A 301 21.47 -2.90 17.42
CA GLU A 301 22.13 -4.19 17.34
C GLU A 301 23.65 -4.08 17.47
N ILE A 302 24.25 -2.93 17.12
CA ILE A 302 25.70 -2.95 16.92
C ILE A 302 26.44 -1.80 17.61
N ASN A 303 25.73 -0.85 18.22
CA ASN A 303 26.42 0.22 18.95
C ASN A 303 25.59 0.87 20.05
N GLY A 304 24.47 0.23 20.43
CA GLY A 304 23.67 0.71 21.54
C GLY A 304 22.75 1.87 21.23
N GLY A 305 22.17 1.91 20.03
CA GLY A 305 21.19 2.93 19.67
C GLY A 305 21.76 4.30 19.40
N LYS A 306 23.08 4.42 19.19
CA LYS A 306 23.74 5.71 19.01
C LYS A 306 23.63 6.09 17.53
N CYS A 307 22.49 6.68 17.20
CA CYS A 307 22.30 7.27 15.89
C CYS A 307 21.45 8.52 16.06
N LEU A 308 21.57 9.42 15.09
CA LEU A 308 20.85 10.67 15.11
C LEU A 308 20.63 11.12 13.68
N PHE A 309 19.62 11.96 13.50
CA PHE A 309 19.18 12.35 12.17
C PHE A 309 19.34 13.85 12.05
N VAL A 310 19.93 14.30 10.93
CA VAL A 310 20.18 15.71 10.68
C VAL A 310 19.56 16.10 9.35
N GLN A 311 18.74 17.15 9.38
CA GLN A 311 17.95 17.57 8.23
C GLN A 311 18.82 18.06 7.08
N GLU A 312 18.59 17.54 5.88
CA GLU A 312 19.15 18.09 4.65
C GLU A 312 18.04 18.75 3.81
N GLY A 313 17.88 18.31 2.57
CA GLY A 313 16.97 18.95 1.65
C GLY A 313 15.52 18.53 1.78
N GLY A 314 14.71 19.01 0.84
CA GLY A 314 13.29 18.73 0.72
C GLY A 314 12.53 20.00 0.37
N TYR A 315 11.61 19.94 -0.60
CA TYR A 315 11.15 21.17 -1.22
C TYR A 315 9.64 21.19 -1.47
N SER A 316 8.87 20.34 -0.78
CA SER A 316 7.42 20.32 -0.91
C SER A 316 6.79 20.82 0.38
N PRO A 317 6.30 22.06 0.44
CA PRO A 317 5.69 22.51 1.70
C PRO A 317 4.48 21.68 2.10
N HIS A 318 3.77 21.08 1.13
CA HIS A 318 2.55 20.32 1.40
C HIS A 318 2.86 18.96 2.03
N TYR A 319 3.76 18.19 1.43
CA TYR A 319 4.01 16.82 1.82
C TYR A 319 5.22 16.62 2.75
N LEU A 320 6.30 17.38 2.58
CA LEU A 320 7.46 17.22 3.48
C LEU A 320 7.07 17.11 4.96
N PRO A 321 6.21 17.98 5.53
CA PRO A 321 5.92 17.85 6.97
C PRO A 321 5.48 16.45 7.39
N PHE A 322 4.71 15.74 6.57
CA PHE A 322 4.30 14.38 6.93
C PHE A 322 5.43 13.36 6.75
N CYS A 323 6.37 13.62 5.84
CA CYS A 323 7.55 12.77 5.77
C CYS A 323 8.43 12.96 6.99
N GLY A 324 8.59 14.21 7.45
CA GLY A 324 9.40 14.43 8.64
C GLY A 324 8.71 13.91 9.90
N LEU A 325 7.41 14.15 10.02
CA LEU A 325 6.67 13.54 11.11
C LEU A 325 6.83 12.02 11.13
N ALA A 326 6.87 11.41 9.95
CA ALA A 326 6.97 9.95 9.91
C ALA A 326 8.31 9.47 10.48
N VAL A 327 9.40 10.23 10.26
CA VAL A 327 10.66 9.90 10.90
C VAL A 327 10.60 10.16 12.40
N ILE A 328 10.01 11.29 12.84
CA ILE A 328 9.84 11.50 14.27
C ILE A 328 9.02 10.35 14.91
N GLU A 329 7.99 9.88 14.22
CA GLU A 329 7.18 8.79 14.76
C GLU A 329 8.02 7.52 14.90
N ALA A 330 8.93 7.29 13.96
CA ALA A 330 9.83 6.15 14.08
C ALA A 330 10.65 6.23 15.36
N LEU A 331 11.28 7.39 15.62
CA LEU A 331 12.11 7.49 16.82
C LEU A 331 11.27 7.37 18.10
N THR A 332 10.10 8.00 18.13
CA THR A 332 9.27 7.96 19.34
C THR A 332 8.44 6.69 19.47
N GLY A 333 8.27 5.91 18.41
CA GLY A 333 7.41 4.76 18.56
C GLY A 333 5.96 5.09 18.79
N MET A 334 5.54 6.33 18.53
CA MET A 334 4.18 6.79 18.80
C MET A 334 3.61 7.41 17.53
N HIS A 335 2.60 6.79 16.95
CA HIS A 335 2.02 7.21 15.68
C HIS A 335 0.66 7.87 15.95
N THR A 336 0.67 9.20 16.07
CA THR A 336 -0.53 9.91 16.49
C THR A 336 -1.17 10.71 15.35
N LEU A 337 -0.93 10.34 14.09
CA LEU A 337 -1.39 11.15 12.96
C LEU A 337 -1.13 10.45 11.64
N ASP A 338 -2.13 10.43 10.76
CA ASP A 338 -2.09 9.70 9.50
C ASP A 338 -1.53 10.58 8.37
N ASP A 339 -0.99 9.92 7.36
CA ASP A 339 -0.55 10.61 6.15
C ASP A 339 -1.78 10.91 5.32
N PRO A 340 -2.11 12.18 5.07
CA PRO A 340 -3.35 12.47 4.35
C PRO A 340 -3.36 12.03 2.91
N LEU A 341 -2.20 11.87 2.27
CA LEU A 341 -2.21 11.41 0.88
C LEU A 341 -2.32 9.90 0.78
N ILE A 342 -1.70 9.15 1.69
CA ILE A 342 -1.76 7.68 1.65
C ILE A 342 -3.21 7.15 1.65
N GLY A 349 1.81 4.15 -7.03
CA GLY A 349 3.12 4.42 -6.47
C GLY A 349 4.22 3.49 -6.99
N GLY A 350 5.40 3.57 -6.38
CA GLY A 350 6.48 2.66 -6.70
C GLY A 350 6.83 1.71 -5.55
N ASN A 351 5.84 0.98 -5.04
CA ASN A 351 6.16 -0.04 -4.05
C ASN A 351 6.82 -1.26 -4.68
N GLU A 352 6.62 -1.46 -5.98
CA GLU A 352 7.17 -2.61 -6.67
C GLU A 352 8.67 -2.40 -6.93
N LEU A 353 9.43 -3.50 -6.90
CA LEU A 353 10.88 -3.46 -7.13
C LEU A 353 11.17 -3.85 -8.59
N LEU A 354 11.54 -2.87 -9.40
CA LEU A 354 11.75 -3.04 -10.82
C LEU A 354 13.14 -3.62 -11.11
N PRO A 355 13.26 -4.49 -12.12
CA PRO A 355 14.58 -5.05 -12.49
C PRO A 355 15.69 -4.04 -12.68
N HIS A 356 15.48 -2.91 -13.37
CA HIS A 356 16.60 -1.99 -13.52
C HIS A 356 16.98 -1.35 -12.20
N GLU A 357 16.04 -1.28 -11.24
CA GLU A 357 16.36 -0.81 -9.90
C GLU A 357 17.19 -1.84 -9.15
N LYS A 358 16.75 -3.11 -9.18
CA LYS A 358 17.48 -4.18 -8.51
C LYS A 358 18.89 -4.32 -9.08
N LYS A 359 19.07 -4.10 -10.37
CA LYS A 359 20.42 -4.21 -10.93
C LYS A 359 21.36 -3.25 -10.23
N VAL A 360 20.88 -2.04 -9.90
CA VAL A 360 21.73 -1.07 -9.22
C VAL A 360 22.04 -1.52 -7.80
N VAL A 361 21.03 -1.92 -7.04
CA VAL A 361 21.28 -2.30 -5.65
C VAL A 361 22.15 -3.56 -5.58
N ASP A 362 21.87 -4.54 -6.45
CA ASP A 362 22.66 -5.77 -6.50
C ASP A 362 24.15 -5.48 -6.74
N GLU A 363 24.47 -4.62 -7.70
CA GLU A 363 25.88 -4.28 -7.91
C GLU A 363 26.48 -3.60 -6.69
N CYS A 364 25.68 -2.80 -5.98
CA CYS A 364 26.20 -2.12 -4.79
C CYS A 364 26.50 -3.09 -3.65
N ALA A 365 25.62 -4.08 -3.42
CA ALA A 365 25.88 -5.06 -2.37
C ALA A 365 27.22 -5.77 -2.56
N ASN A 366 27.70 -5.88 -3.80
CA ASN A 366 29.01 -6.47 -4.01
C ASN A 366 30.09 -5.67 -3.31
N LEU A 367 29.88 -4.36 -3.13
CA LEU A 367 30.90 -3.46 -2.60
C LEU A 367 31.20 -3.73 -1.12
N ILE A 368 30.27 -4.34 -0.39
CA ILE A 368 30.45 -4.59 1.04
C ILE A 368 31.67 -5.46 1.34
N ALA A 369 32.22 -6.15 0.34
CA ALA A 369 33.39 -7.00 0.57
C ALA A 369 34.62 -6.17 0.96
N ASP A 370 34.83 -5.03 0.30
CA ASP A 370 35.99 -4.18 0.59
C ASP A 370 35.81 -3.31 1.83
N ILE A 371 34.71 -3.43 2.56
CA ILE A 371 34.58 -2.79 3.87
C ILE A 371 35.09 -3.75 4.93
N ASN A 372 36.09 -3.31 5.71
CA ASN A 372 36.66 -4.17 6.75
C ASN A 372 36.45 -3.60 8.17
N LYS B 5 -0.81 32.37 -39.93
CA LYS B 5 -1.86 32.89 -39.04
C LYS B 5 -2.03 31.95 -37.84
N ILE B 6 -1.65 32.40 -36.64
CA ILE B 6 -1.57 31.54 -35.46
C ILE B 6 -2.40 32.16 -34.35
N GLY B 7 -3.43 31.45 -33.92
CA GLY B 7 -4.33 32.01 -32.93
C GLY B 7 -3.81 31.82 -31.52
N TYR B 8 -4.18 32.75 -30.67
CA TYR B 8 -3.78 32.73 -29.27
C TYR B 8 -4.98 33.17 -28.45
N VAL B 9 -5.48 32.30 -27.59
CA VAL B 9 -6.67 32.59 -26.81
C VAL B 9 -6.25 32.82 -25.37
N TRP B 10 -6.48 34.01 -24.88
CA TRP B 10 -6.23 34.29 -23.48
C TRP B 10 -7.33 35.21 -22.98
N ASP B 11 -7.56 35.18 -21.69
CA ASP B 11 -8.45 36.15 -21.07
C ASP B 11 -8.04 36.29 -19.61
N THR B 12 -8.17 37.50 -19.08
CA THR B 12 -7.75 37.75 -17.72
C THR B 12 -8.51 36.88 -16.72
N LEU B 13 -9.79 36.61 -16.98
CA LEU B 13 -10.60 35.77 -16.08
C LEU B 13 -10.03 34.37 -15.91
N TYR B 14 -9.26 33.86 -16.88
CA TYR B 14 -8.63 32.57 -16.72
C TYR B 14 -7.61 32.55 -15.56
N SER B 15 -7.13 33.71 -15.13
CA SER B 15 -6.21 33.81 -14.01
C SER B 15 -6.92 34.26 -12.73
N TRP B 16 -8.25 34.21 -12.71
CA TRP B 16 -9.05 34.66 -11.57
C TRP B 16 -9.74 33.50 -10.87
N VAL B 17 -9.35 32.26 -11.17
CA VAL B 17 -9.96 31.11 -10.49
C VAL B 17 -9.61 31.21 -9.01
N ASP B 18 -10.61 30.99 -8.16
CA ASP B 18 -10.40 30.98 -6.73
C ASP B 18 -9.94 29.59 -6.29
N THR B 19 -8.70 29.49 -5.82
CA THR B 19 -8.07 28.23 -5.41
C THR B 19 -7.58 28.21 -3.97
N GLY B 20 -7.92 29.20 -3.15
CA GLY B 20 -7.45 29.22 -1.79
C GLY B 20 -8.22 28.37 -0.79
N THR B 21 -9.03 27.44 -1.26
CA THR B 21 -9.92 26.73 -0.35
C THR B 21 -10.39 25.40 -0.95
N GLY B 22 -9.52 24.39 -0.98
CA GLY B 22 -9.85 23.09 -1.53
C GLY B 22 -8.60 22.41 -2.06
N GLY B 23 -8.77 21.18 -2.52
CA GLY B 23 -7.66 20.42 -3.07
C GLY B 23 -7.27 19.26 -2.18
N VAL B 24 -6.27 18.51 -2.66
CA VAL B 24 -5.78 17.35 -1.91
C VAL B 24 -5.37 17.76 -0.50
N PHE B 25 -4.72 18.92 -0.37
CA PHE B 25 -4.25 19.43 0.91
C PHE B 25 -5.09 20.60 1.40
N ALA B 26 -6.42 20.51 1.27
CA ALA B 26 -7.30 21.52 1.85
C ALA B 26 -7.14 21.54 3.37
N ALA B 27 -7.16 22.74 3.96
CA ALA B 27 -6.91 22.90 5.39
C ALA B 27 -7.88 22.05 6.23
N ASN B 28 -7.33 21.27 7.16
CA ASN B 28 -8.16 20.40 7.99
C ASN B 28 -7.50 20.31 9.36
N LEU B 29 -7.97 21.10 10.31
CA LEU B 29 -7.37 21.12 11.64
C LEU B 29 -7.34 19.72 12.25
N SER B 30 -8.45 18.97 12.11
CA SER B 30 -8.53 17.62 12.69
C SER B 30 -7.43 16.72 12.18
N LYS B 31 -7.08 16.85 10.90
CA LYS B 31 -6.00 16.06 10.30
C LYS B 31 -4.65 16.77 10.36
N ARG B 32 -4.60 17.99 10.88
CA ARG B 32 -3.35 18.76 11.01
C ARG B 32 -2.72 19.00 9.65
N ILE B 33 -3.54 19.29 8.65
CA ILE B 33 -3.09 19.84 7.38
C ILE B 33 -3.16 21.35 7.53
N GLN B 34 -2.01 21.97 7.63
CA GLN B 34 -2.00 23.38 8.00
C GLN B 34 -2.38 24.23 6.78
N PRO B 35 -3.17 25.29 6.96
CA PRO B 35 -3.46 26.23 5.87
C PRO B 35 -2.18 26.66 5.14
N ILE B 36 -2.28 26.83 3.83
CA ILE B 36 -1.16 27.27 3.00
C ILE B 36 -1.69 28.26 1.96
N THR B 37 -0.80 29.10 1.47
CA THR B 37 -1.23 30.18 0.60
C THR B 37 -1.14 29.83 -0.89
N HIS B 38 -0.29 28.88 -1.27
CA HIS B 38 -0.16 28.45 -2.67
C HIS B 38 -0.59 27.00 -2.79
N HIS B 39 -1.77 26.78 -3.35
CA HIS B 39 -2.14 25.42 -3.69
C HIS B 39 -1.53 25.02 -5.03
N MET B 40 -1.65 23.73 -5.36
CA MET B 40 -1.02 23.21 -6.57
C MET B 40 -1.53 23.90 -7.82
N ASN B 41 -2.83 24.19 -7.87
CA ASN B 41 -3.47 24.71 -9.08
C ASN B 41 -3.61 26.23 -9.06
N HIS B 42 -2.75 26.90 -8.29
CA HIS B 42 -2.74 28.35 -8.21
C HIS B 42 -2.64 28.96 -9.62
N PRO B 43 -3.37 30.05 -9.91
CA PRO B 43 -3.37 30.60 -11.27
C PRO B 43 -2.05 31.23 -11.67
N ASP B 44 -1.11 31.42 -10.74
CA ASP B 44 0.14 32.05 -11.13
C ASP B 44 0.92 31.21 -12.14
N THR B 45 0.82 29.88 -12.08
CA THR B 45 1.51 29.06 -13.07
C THR B 45 1.10 29.43 -14.49
N LYS B 46 -0.20 29.38 -14.80
CA LYS B 46 -0.64 29.70 -16.16
C LYS B 46 -0.56 31.20 -16.43
N ARG B 47 -0.69 32.04 -15.40
CA ARG B 47 -0.51 33.48 -15.64
C ARG B 47 0.90 33.76 -16.11
N ARG B 48 1.89 33.09 -15.51
CA ARG B 48 3.28 33.31 -15.90
C ARG B 48 3.55 32.81 -17.32
N PHE B 49 2.86 31.75 -17.76
CA PHE B 49 2.91 31.36 -19.17
C PHE B 49 2.47 32.51 -20.06
N ASN B 50 1.27 33.06 -19.82
CA ASN B 50 0.77 34.13 -20.67
C ASN B 50 1.70 35.35 -20.65
N GLU B 51 2.25 35.67 -19.49
CA GLU B 51 3.12 36.84 -19.41
C GLU B 51 4.44 36.61 -20.15
N LEU B 52 4.96 35.39 -20.14
CA LEU B 52 6.15 35.10 -20.93
C LEU B 52 5.85 35.19 -22.43
N VAL B 53 4.65 34.76 -22.88
CA VAL B 53 4.25 34.96 -24.27
C VAL B 53 4.33 36.44 -24.62
N MET B 54 3.83 37.30 -23.72
CA MET B 54 3.86 38.74 -23.93
C MET B 54 5.29 39.26 -23.97
N THR B 55 6.07 39.05 -22.89
CA THR B 55 7.36 39.70 -22.74
C THR B 55 8.46 39.11 -23.59
N SER B 56 8.20 38.00 -24.29
CA SER B 56 9.24 37.40 -25.11
C SER B 56 9.19 37.87 -26.54
N GLY B 57 8.12 38.58 -26.94
CA GLY B 57 7.91 38.91 -28.32
C GLY B 57 7.09 37.91 -29.09
N GLN B 58 6.84 36.72 -28.55
CA GLN B 58 6.04 35.76 -29.29
C GLN B 58 4.67 36.30 -29.64
N ILE B 59 4.12 37.22 -28.83
CA ILE B 59 2.77 37.73 -29.06
C ILE B 59 2.69 38.46 -30.40
N ASP B 60 3.81 39.00 -30.89
CA ASP B 60 3.79 39.68 -32.18
C ASP B 60 3.63 38.75 -33.37
N PHE B 61 3.85 37.45 -33.20
CA PHE B 61 3.61 36.48 -34.24
C PHE B 61 2.27 35.76 -34.08
N LEU B 62 1.46 36.15 -33.10
CA LEU B 62 0.20 35.48 -32.81
C LEU B 62 -0.96 36.41 -33.09
N THR B 63 -2.11 35.80 -33.36
CA THR B 63 -3.35 36.52 -33.56
C THR B 63 -4.20 36.36 -32.31
N PRO B 64 -4.29 37.36 -31.45
CA PRO B 64 -5.12 37.22 -30.25
C PRO B 64 -6.57 36.95 -30.63
N ILE B 65 -7.19 35.98 -29.96
CA ILE B 65 -8.56 35.60 -30.20
C ILE B 65 -9.34 35.74 -28.91
N LYS B 66 -10.44 36.46 -28.95
CA LYS B 66 -11.13 36.73 -27.71
C LYS B 66 -12.17 35.65 -27.46
N PRO B 67 -12.15 35.01 -26.29
CA PRO B 67 -13.16 33.99 -26.00
C PRO B 67 -14.50 34.64 -25.66
N TYR B 68 -15.58 33.89 -25.94
CA TYR B 68 -16.96 34.14 -25.55
C TYR B 68 -17.48 32.92 -24.82
N PRO B 69 -18.45 33.09 -23.91
CA PRO B 69 -18.95 31.95 -23.13
C PRO B 69 -19.52 30.84 -24.00
N ALA B 70 -19.22 29.61 -23.63
CA ALA B 70 -20.02 28.49 -24.11
C ALA B 70 -21.44 28.60 -23.55
N THR B 71 -22.40 28.17 -24.34
CA THR B 71 -23.77 28.09 -23.86
C THR B 71 -24.02 26.79 -23.10
N ASP B 72 -25.18 26.73 -22.43
CA ASP B 72 -25.61 25.47 -21.85
C ASP B 72 -25.69 24.38 -22.89
N ALA B 73 -26.14 24.74 -24.10
CA ALA B 73 -26.26 23.75 -25.17
C ALA B 73 -24.91 23.09 -25.48
N ASP B 74 -23.86 23.91 -25.68
CA ASP B 74 -22.50 23.39 -25.86
C ASP B 74 -22.07 22.45 -24.76
N ILE B 75 -22.41 22.77 -23.51
CA ILE B 75 -22.02 21.90 -22.41
C ILE B 75 -22.79 20.58 -22.49
N LEU B 76 -24.07 20.64 -22.86
CA LEU B 76 -24.91 19.44 -22.81
C LEU B 76 -24.64 18.46 -23.95
N ARG B 77 -23.99 18.88 -25.05
CA ARG B 77 -23.61 17.88 -26.04
C ARG B 77 -22.74 16.76 -25.47
N VAL B 78 -22.09 16.94 -24.32
CA VAL B 78 -21.21 15.88 -23.83
C VAL B 78 -21.44 15.57 -22.35
N HIS B 79 -22.15 16.45 -21.63
CA HIS B 79 -22.34 16.29 -20.19
C HIS B 79 -23.82 16.16 -19.84
N ASP B 80 -24.09 15.30 -18.86
CA ASP B 80 -25.41 15.15 -18.25
C ASP B 80 -25.89 16.44 -17.62
N LYS B 81 -27.20 16.63 -17.61
CA LYS B 81 -27.75 17.84 -17.03
C LYS B 81 -27.42 17.96 -15.54
N GLN B 82 -27.20 16.84 -14.86
CA GLN B 82 -26.89 16.88 -13.43
C GLN B 82 -25.57 17.61 -13.18
N LEU B 83 -24.53 17.27 -13.94
CA LEU B 83 -23.26 17.99 -13.89
C LEU B 83 -23.46 19.50 -14.05
N LEU B 84 -24.13 19.92 -15.13
CA LEU B 84 -24.34 21.35 -15.38
C LEU B 84 -25.08 22.01 -14.22
N ASP B 85 -26.17 21.39 -13.76
CA ASP B 85 -26.94 21.98 -12.66
C ASP B 85 -26.13 22.01 -11.38
N ASN B 86 -25.41 20.92 -11.09
CA ASN B 86 -24.53 20.91 -9.92
C ASN B 86 -23.45 21.98 -10.00
N ALA B 87 -23.00 22.35 -11.18
CA ALA B 87 -22.05 23.44 -11.26
C ALA B 87 -22.72 24.76 -10.85
N LYS B 88 -23.94 25.00 -11.31
CA LYS B 88 -24.63 26.24 -10.94
C LYS B 88 -24.93 26.28 -9.44
N ASN B 89 -25.29 25.13 -8.85
CA ASN B 89 -25.54 25.06 -7.41
C ASN B 89 -24.32 25.57 -6.64
N VAL B 90 -23.19 24.88 -6.81
CA VAL B 90 -21.96 25.23 -6.11
C VAL B 90 -21.55 26.67 -6.42
N SER B 91 -21.70 27.11 -7.67
CA SER B 91 -21.18 28.41 -8.04
C SER B 91 -21.95 29.55 -7.38
N ASN B 92 -23.27 29.43 -7.27
CA ASN B 92 -24.07 30.52 -6.69
C ASN B 92 -23.84 30.71 -5.19
N LYS B 93 -23.31 29.71 -4.49
CA LYS B 93 -23.14 29.80 -3.04
C LYS B 93 -22.18 30.92 -2.68
N GLU B 94 -22.49 31.65 -1.61
CA GLU B 94 -21.53 32.58 -1.06
C GLU B 94 -20.28 31.81 -0.67
N CYS B 95 -19.15 32.19 -1.26
CA CYS B 95 -17.83 31.59 -1.04
C CYS B 95 -17.65 30.22 -1.70
N GLY B 96 -18.56 29.78 -2.57
CA GLY B 96 -18.29 28.62 -3.40
C GLY B 96 -18.55 27.27 -2.71
N GLY B 97 -17.77 26.26 -3.10
CA GLY B 97 -17.87 24.96 -2.47
C GLY B 97 -17.23 23.87 -3.29
N ASP B 98 -17.18 22.68 -2.68
CA ASP B 98 -16.70 21.47 -3.35
C ASP B 98 -17.65 21.05 -4.45
N ILE B 99 -17.10 20.78 -5.63
CA ILE B 99 -17.92 20.31 -6.75
C ILE B 99 -18.31 18.85 -6.59
N GLY B 100 -17.71 18.14 -5.63
CA GLY B 100 -18.06 16.76 -5.42
C GLY B 100 -16.99 15.81 -5.89
N ASP B 101 -15.77 16.01 -5.39
CA ASP B 101 -14.71 15.02 -5.49
C ASP B 101 -13.61 15.37 -4.51
N ARG B 102 -13.91 16.31 -3.60
CA ARG B 102 -13.08 16.70 -2.46
C ARG B 102 -11.77 17.38 -2.87
N VAL B 103 -11.49 17.39 -4.17
CA VAL B 103 -10.30 18.01 -4.73
C VAL B 103 -10.66 19.24 -5.55
N THR B 104 -11.65 19.10 -6.41
CA THR B 104 -12.05 20.19 -7.28
C THR B 104 -12.92 21.17 -6.50
N HIS B 105 -12.76 22.44 -6.80
CA HIS B 105 -13.47 23.47 -6.06
C HIS B 105 -13.92 24.54 -7.04
N LEU B 106 -15.12 25.05 -6.83
CA LEU B 106 -15.68 26.08 -7.67
C LEU B 106 -15.84 27.32 -6.82
N GLY B 107 -15.20 28.42 -7.22
CA GLY B 107 -15.31 29.67 -6.51
C GLY B 107 -16.72 30.25 -6.61
N ASN B 108 -16.93 31.36 -5.91
CA ASN B 108 -18.21 32.07 -6.00
C ASN B 108 -18.30 32.73 -7.38
N GLY B 109 -19.36 32.40 -8.12
CA GLY B 109 -19.45 32.80 -9.51
C GLY B 109 -18.48 32.10 -10.45
N GLY B 110 -17.68 31.16 -9.96
CA GLY B 110 -16.63 30.54 -10.77
C GLY B 110 -17.12 29.78 -12.00
N ILE B 111 -18.42 29.49 -12.10
CA ILE B 111 -18.92 28.84 -13.33
C ILE B 111 -18.68 29.74 -14.53
N GLU B 112 -18.66 31.05 -14.34
CA GLU B 112 -18.39 31.95 -15.45
C GLU B 112 -17.00 31.68 -16.03
N ILE B 113 -16.03 31.33 -15.20
CA ILE B 113 -14.73 30.98 -15.76
C ILE B 113 -14.80 29.65 -16.50
N ALA B 114 -15.54 28.69 -15.94
CA ALA B 114 -15.72 27.40 -16.62
C ALA B 114 -16.29 27.59 -18.02
N TYR B 115 -17.35 28.39 -18.15
CA TYR B 115 -17.96 28.64 -19.47
C TYR B 115 -16.95 29.26 -20.42
N LEU B 116 -16.20 30.25 -19.94
CA LEU B 116 -15.29 30.99 -20.80
C LEU B 116 -14.13 30.12 -21.24
N SER B 117 -13.76 29.16 -20.40
CA SER B 117 -12.74 28.18 -20.72
C SER B 117 -13.16 27.29 -21.89
N ALA B 118 -14.33 26.64 -21.76
CA ALA B 118 -14.88 25.89 -22.90
C ALA B 118 -15.11 26.80 -24.11
N GLY B 119 -15.58 28.03 -23.87
CA GLY B 119 -15.74 28.97 -24.97
C GLY B 119 -14.44 29.25 -25.71
N GLY B 120 -13.33 29.34 -24.98
CA GLY B 120 -12.04 29.57 -25.60
C GLY B 120 -11.61 28.46 -26.54
N ALA B 121 -11.96 27.21 -26.21
CA ALA B 121 -11.66 26.10 -27.10
C ALA B 121 -12.59 26.07 -28.32
N ILE B 122 -13.87 26.43 -28.14
CA ILE B 122 -14.79 26.53 -29.27
C ILE B 122 -14.32 27.60 -30.23
N GLU B 123 -14.03 28.81 -29.73
CA GLU B 123 -13.68 29.93 -30.61
C GLU B 123 -12.44 29.61 -31.45
N LEU B 124 -11.40 29.05 -30.84
CA LEU B 124 -10.24 28.62 -31.63
C LEU B 124 -10.65 27.55 -32.64
N THR B 125 -11.46 26.58 -32.22
CA THR B 125 -11.96 25.53 -33.13
C THR B 125 -12.67 26.14 -34.35
N LYS B 126 -13.63 27.04 -34.12
CA LYS B 126 -14.33 27.69 -35.22
C LYS B 126 -13.36 28.39 -36.16
N LYS B 127 -12.42 29.14 -35.61
CA LYS B 127 -11.55 29.94 -36.46
C LYS B 127 -10.60 29.06 -37.24
N VAL B 128 -10.19 27.92 -36.69
CA VAL B 128 -9.29 27.01 -37.40
C VAL B 128 -10.05 26.27 -38.50
N ILE B 129 -11.23 25.72 -38.18
CA ILE B 129 -12.00 24.97 -39.15
C ILE B 129 -12.36 25.85 -40.35
N SER B 130 -12.67 27.12 -40.11
CA SER B 130 -13.13 28.02 -41.17
C SER B 130 -12.01 28.59 -42.04
N GLY B 131 -10.75 28.23 -41.81
CA GLY B 131 -9.65 28.77 -42.58
C GLY B 131 -9.13 30.13 -42.14
N GLU B 132 -9.92 30.89 -41.39
CA GLU B 132 -9.46 32.15 -40.80
C GLU B 132 -8.09 32.02 -40.11
N LEU B 133 -7.81 30.87 -39.48
CA LEU B 133 -6.52 30.61 -38.84
C LEU B 133 -6.03 29.23 -39.27
N HIS B 134 -4.71 29.05 -39.26
CA HIS B 134 -4.13 27.76 -39.58
C HIS B 134 -4.07 26.84 -38.38
N THR B 135 -3.89 27.40 -37.19
CA THR B 135 -3.70 26.64 -35.96
C THR B 135 -3.68 27.66 -34.84
N GLY B 136 -3.50 27.20 -33.61
CA GLY B 136 -3.41 28.13 -32.51
C GLY B 136 -3.30 27.42 -31.19
N TYR B 137 -3.26 28.22 -30.13
CA TYR B 137 -3.10 27.75 -28.76
C TYR B 137 -4.09 28.46 -27.87
N ALA B 138 -4.85 27.70 -27.08
CA ALA B 138 -5.87 28.27 -26.22
C ALA B 138 -5.42 28.10 -24.76
N LEU B 139 -4.84 29.16 -24.19
CA LEU B 139 -4.30 29.11 -22.83
C LEU B 139 -5.43 29.27 -21.82
N VAL B 140 -6.31 28.28 -21.80
CA VAL B 140 -7.52 28.36 -21.05
C VAL B 140 -7.29 27.70 -19.70
N SER B 141 -8.21 27.89 -18.80
CA SER B 141 -8.15 27.48 -17.41
C SER B 141 -9.56 27.73 -16.90
N PRO B 142 -10.18 26.79 -16.16
CA PRO B 142 -9.67 25.49 -15.71
C PRO B 142 -9.60 24.44 -16.82
N PRO B 143 -8.84 23.37 -16.59
CA PRO B 143 -8.66 22.34 -17.62
C PRO B 143 -9.90 21.47 -17.75
N GLY B 144 -9.90 20.49 -18.65
CA GLY B 144 -11.15 19.80 -18.90
C GLY B 144 -11.14 18.27 -18.90
N HIS B 145 -9.98 17.68 -19.18
CA HIS B 145 -9.91 16.31 -19.68
C HIS B 145 -10.34 15.24 -18.66
N HIS B 146 -10.47 15.58 -17.36
CA HIS B 146 -10.93 14.62 -16.35
C HIS B 146 -12.45 14.59 -16.19
N ALA B 147 -13.17 15.56 -16.73
CA ALA B 147 -14.62 15.60 -16.57
C ALA B 147 -15.26 14.56 -17.49
N THR B 148 -16.03 13.64 -16.89
CA THR B 148 -16.78 12.64 -17.64
C THR B 148 -18.10 13.24 -18.10
N LYS B 149 -18.98 12.43 -18.68
CA LYS B 149 -20.35 12.88 -18.91
C LYS B 149 -21.06 13.17 -17.58
N LYS B 150 -20.87 12.29 -16.59
CA LYS B 150 -21.59 12.43 -15.35
C LYS B 150 -20.89 13.40 -14.39
N ASP B 151 -19.58 13.32 -14.24
CA ASP B 151 -18.88 13.87 -13.08
C ASP B 151 -17.80 14.86 -13.47
N SER B 152 -17.79 16.02 -12.80
CA SER B 152 -16.60 16.87 -12.72
C SER B 152 -15.58 16.23 -11.79
N MET B 153 -14.30 16.34 -12.13
CA MET B 153 -13.27 15.89 -11.20
C MET B 153 -11.89 16.38 -11.65
N GLY B 154 -10.94 16.32 -10.71
CA GLY B 154 -9.55 16.66 -10.98
C GLY B 154 -9.33 18.08 -11.50
N PHE B 155 -9.94 19.06 -10.84
CA PHE B 155 -9.87 20.47 -11.20
C PHE B 155 -10.68 20.81 -12.46
N CYS B 156 -11.25 19.81 -13.14
CA CYS B 156 -11.99 20.03 -14.39
C CYS B 156 -13.50 20.07 -14.12
N ILE B 157 -14.13 21.18 -14.49
CA ILE B 157 -15.59 21.31 -14.38
C ILE B 157 -16.28 20.77 -15.63
N PHE B 158 -15.83 21.22 -16.80
CA PHE B 158 -16.31 20.78 -18.12
C PHE B 158 -15.16 20.26 -18.96
N ASN B 159 -15.43 19.26 -19.77
CA ASN B 159 -14.40 18.73 -20.68
C ASN B 159 -14.29 19.65 -21.88
N ASN B 160 -13.31 20.57 -21.82
CA ASN B 160 -13.15 21.61 -22.82
C ASN B 160 -12.90 21.04 -24.21
N THR B 161 -11.95 20.10 -24.33
CA THR B 161 -11.65 19.57 -25.64
C THR B 161 -12.81 18.77 -26.20
N SER B 162 -13.55 18.06 -25.34
CA SER B 162 -14.66 17.27 -25.85
C SER B 162 -15.83 18.16 -26.27
N ILE B 163 -16.03 19.27 -25.56
CA ILE B 163 -17.03 20.25 -25.96
C ILE B 163 -16.66 20.88 -27.30
N ALA B 164 -15.37 21.11 -27.54
CA ALA B 164 -14.96 21.66 -28.84
C ALA B 164 -15.06 20.60 -29.93
N ALA B 165 -14.74 19.35 -29.60
CA ALA B 165 -14.93 18.24 -30.52
C ALA B 165 -16.41 18.11 -30.92
N ALA B 166 -17.32 18.12 -29.94
CA ALA B 166 -18.75 17.96 -30.23
C ALA B 166 -19.31 19.16 -30.98
N TYR B 167 -18.70 20.33 -30.82
CA TYR B 167 -19.13 21.50 -31.58
C TYR B 167 -18.71 21.38 -33.03
N ALA B 168 -17.45 20.96 -33.27
CA ALA B 168 -16.98 20.79 -34.64
C ALA B 168 -17.81 19.75 -35.37
N LYS B 169 -18.20 18.68 -34.69
CA LYS B 169 -19.04 17.65 -35.32
C LYS B 169 -20.46 18.18 -35.57
N ASP B 170 -21.20 18.48 -34.50
CA ASP B 170 -22.63 18.76 -34.64
C ASP B 170 -22.96 20.14 -35.21
N ILE B 171 -22.00 21.04 -35.46
CA ILE B 171 -22.33 22.37 -35.98
C ILE B 171 -21.57 22.69 -37.25
N LEU B 172 -20.33 22.25 -37.34
CA LEU B 172 -19.53 22.50 -38.53
C LEU B 172 -19.42 21.27 -39.43
N GLY B 173 -20.10 20.17 -39.09
CA GLY B 173 -20.27 19.03 -40.00
C GLY B 173 -19.14 18.02 -40.08
N LEU B 174 -18.05 18.20 -39.31
CA LEU B 174 -16.98 17.22 -39.31
C LEU B 174 -17.48 15.84 -38.89
N LYS B 175 -16.86 14.80 -39.44
CA LYS B 175 -17.19 13.43 -39.07
C LYS B 175 -16.08 12.71 -38.32
N ARG B 176 -14.82 13.06 -38.55
CA ARG B 176 -13.72 12.42 -37.85
C ARG B 176 -12.87 13.48 -37.13
N VAL B 177 -12.81 13.39 -35.79
CA VAL B 177 -11.94 14.22 -34.96
C VAL B 177 -11.08 13.32 -34.09
N ALA B 178 -9.86 13.76 -33.80
CA ALA B 178 -8.97 13.06 -32.86
C ALA B 178 -8.53 14.01 -31.75
N ILE B 179 -8.65 13.56 -30.50
CA ILE B 179 -8.18 14.30 -29.34
C ILE B 179 -6.94 13.59 -28.78
N VAL B 180 -5.79 14.26 -28.82
CA VAL B 180 -4.51 13.72 -28.37
C VAL B 180 -4.12 14.44 -27.08
N ASP B 181 -4.12 13.70 -25.98
CA ASP B 181 -3.94 14.27 -24.65
C ASP B 181 -2.56 13.87 -24.12
N TRP B 182 -1.67 14.87 -23.92
CA TRP B 182 -0.34 14.58 -23.37
C TRP B 182 -0.13 15.10 -21.95
N ASP B 183 -1.14 15.68 -21.31
CA ASP B 183 -1.16 15.85 -19.86
C ASP B 183 -0.67 14.58 -19.16
N VAL B 184 0.11 14.76 -18.10
CA VAL B 184 0.75 13.58 -17.53
C VAL B 184 -0.26 12.60 -16.94
N HIS B 185 -1.51 13.04 -16.72
CA HIS B 185 -2.54 12.23 -16.10
C HIS B 185 -3.49 11.72 -17.16
N HIS B 186 -4.15 10.59 -16.88
CA HIS B 186 -5.03 9.96 -17.85
C HIS B 186 -6.29 10.80 -18.07
N GLY B 187 -6.57 11.11 -19.34
CA GLY B 187 -7.82 11.74 -19.69
C GLY B 187 -9.03 10.82 -19.55
N ASN B 188 -9.42 10.53 -18.31
CA ASN B 188 -10.53 9.59 -18.13
C ASN B 188 -11.84 10.18 -18.62
N GLY B 189 -11.94 11.52 -18.60
CA GLY B 189 -13.19 12.15 -19.00
C GLY B 189 -13.41 12.09 -20.50
N THR B 190 -12.36 12.35 -21.28
CA THR B 190 -12.43 12.22 -22.73
C THR B 190 -12.68 10.77 -23.13
N GLN B 191 -11.95 9.84 -22.51
CA GLN B 191 -12.18 8.42 -22.77
C GLN B 191 -13.63 8.04 -22.49
N ASP B 192 -14.16 8.46 -21.34
CA ASP B 192 -15.54 8.10 -21.00
C ASP B 192 -16.53 8.74 -21.97
N ILE B 193 -16.30 10.00 -22.38
CA ILE B 193 -17.28 10.72 -23.18
C ILE B 193 -17.44 10.07 -24.55
N TRP B 194 -16.34 9.60 -25.14
CA TRP B 194 -16.36 9.02 -26.48
C TRP B 194 -16.10 7.51 -26.46
N TRP B 195 -16.26 6.86 -25.31
CA TRP B 195 -15.99 5.43 -25.19
C TRP B 195 -16.68 4.62 -26.29
N GLU B 196 -17.93 4.95 -26.62
CA GLU B 196 -18.74 4.17 -27.54
C GLU B 196 -18.80 4.75 -28.95
N ASP B 197 -17.97 5.75 -29.25
CA ASP B 197 -18.06 6.52 -30.49
C ASP B 197 -16.76 6.41 -31.28
N SER B 198 -16.86 6.07 -32.55
CA SER B 198 -15.68 5.94 -33.41
C SER B 198 -15.34 7.23 -34.16
N SER B 199 -16.24 8.20 -34.19
CA SER B 199 -16.00 9.49 -34.86
C SER B 199 -15.07 10.41 -34.08
N VAL B 200 -14.64 10.01 -32.88
CA VAL B 200 -13.66 10.75 -32.10
C VAL B 200 -12.64 9.73 -31.59
N LEU B 201 -11.51 9.65 -32.26
CA LEU B 201 -10.41 8.84 -31.74
C LEU B 201 -9.77 9.55 -30.54
N THR B 202 -9.64 8.87 -29.40
CA THR B 202 -9.12 9.49 -28.18
C THR B 202 -7.84 8.79 -27.76
N ILE B 203 -6.74 9.56 -27.71
CA ILE B 203 -5.42 9.06 -27.34
C ILE B 203 -4.95 9.79 -26.10
N SER B 204 -4.45 9.05 -25.11
CA SER B 204 -3.92 9.63 -23.88
C SER B 204 -2.59 8.97 -23.54
N ILE B 205 -1.53 9.77 -23.53
CA ILE B 205 -0.24 9.29 -23.08
C ILE B 205 -0.02 9.86 -21.69
N HIS B 206 0.19 9.00 -20.72
CA HIS B 206 0.19 9.46 -19.34
C HIS B 206 1.14 8.62 -18.50
N GLN B 207 1.31 9.03 -17.25
CA GLN B 207 2.12 8.26 -16.33
C GLN B 207 1.28 7.11 -15.78
N ASN B 208 1.73 5.89 -16.02
CA ASN B 208 0.98 4.73 -15.56
C ASN B 208 0.62 4.84 -14.09
N LYS B 209 -0.68 4.98 -13.84
CA LYS B 209 -1.28 4.90 -12.51
C LYS B 209 -1.05 6.14 -11.65
N CYS B 210 -0.98 7.33 -12.25
CA CYS B 210 -0.98 8.56 -11.46
C CYS B 210 -2.39 8.96 -11.06
N PHE B 211 -3.07 9.80 -11.86
CA PHE B 211 -4.46 10.14 -11.56
C PHE B 211 -5.31 9.96 -12.81
N PRO B 212 -6.45 9.25 -12.73
CA PRO B 212 -6.94 8.47 -11.58
C PRO B 212 -6.07 7.25 -11.39
N THR B 213 -5.96 6.70 -10.19
CA THR B 213 -5.09 5.55 -9.99
C THR B 213 -5.63 4.27 -10.59
N ASN B 214 -6.86 4.27 -11.10
CA ASN B 214 -7.53 3.04 -11.51
C ASN B 214 -7.89 3.03 -13.00
N SER B 215 -7.16 3.76 -13.84
CA SER B 215 -7.47 3.78 -15.27
C SER B 215 -6.24 4.17 -16.07
N GLY B 216 -6.38 4.12 -17.38
CA GLY B 216 -5.28 4.37 -18.28
C GLY B 216 -4.59 3.14 -18.82
N PHE B 217 -5.10 1.95 -18.56
CA PHE B 217 -4.40 0.75 -19.02
C PHE B 217 -4.63 0.52 -20.51
N ILE B 218 -3.68 -0.20 -21.12
CA ILE B 218 -3.72 -0.53 -22.53
C ILE B 218 -5.01 -1.28 -22.89
N ASN B 219 -5.52 -2.14 -22.00
CA ASN B 219 -6.71 -2.91 -22.36
C ASN B 219 -8.01 -2.09 -22.40
N GLU B 220 -7.99 -0.78 -22.11
CA GLU B 220 -9.17 0.08 -22.25
C GLU B 220 -9.18 0.60 -23.68
N ARG B 221 -10.07 0.06 -24.52
CA ARG B 221 -9.98 0.31 -25.95
C ARG B 221 -11.31 0.70 -26.55
N GLY B 222 -12.33 0.93 -25.73
CA GLY B 222 -13.63 1.34 -26.21
C GLY B 222 -14.59 0.17 -26.36
N ALA B 223 -15.84 0.50 -26.71
CA ALA B 223 -16.91 -0.47 -26.78
C ALA B 223 -17.91 -0.07 -27.85
N GLY B 224 -18.53 -1.07 -28.48
CA GLY B 224 -19.55 -0.77 -29.48
C GLY B 224 -18.94 -0.30 -30.78
N ASN B 225 -19.57 0.69 -31.40
CA ASN B 225 -18.94 1.36 -32.54
C ASN B 225 -17.56 1.91 -32.17
N GLY B 226 -17.27 2.05 -30.88
CA GLY B 226 -16.05 2.66 -30.43
C GLY B 226 -14.92 1.71 -30.15
N PHE B 227 -15.09 0.40 -30.34
CA PHE B 227 -14.00 -0.52 -30.06
C PHE B 227 -12.84 -0.27 -31.00
N GLY B 228 -11.65 -0.09 -30.42
CA GLY B 228 -10.45 0.20 -31.18
C GLY B 228 -10.15 1.66 -31.37
N TYR B 229 -11.01 2.55 -30.88
CA TYR B 229 -10.87 3.99 -31.11
C TYR B 229 -10.64 4.75 -29.81
N ASN B 230 -10.05 4.07 -28.84
CA ASN B 230 -9.51 4.67 -27.63
C ASN B 230 -8.15 4.04 -27.41
N LEU B 231 -7.13 4.86 -27.20
CA LEU B 231 -5.78 4.33 -27.11
C LEU B 231 -5.04 4.99 -25.95
N ASN B 232 -4.67 4.17 -24.96
CA ASN B 232 -3.92 4.58 -23.78
C ASN B 232 -2.46 4.16 -23.91
N ILE B 233 -1.55 5.06 -23.55
CA ILE B 233 -0.11 4.77 -23.57
C ILE B 233 0.45 5.03 -22.17
N PRO B 234 0.39 4.06 -21.28
CA PRO B 234 0.82 4.32 -19.89
C PRO B 234 2.31 4.16 -19.70
N LEU B 235 3.06 5.26 -19.78
CA LEU B 235 4.50 5.17 -19.64
C LEU B 235 4.88 5.00 -18.17
N PRO B 236 6.08 4.49 -17.89
CA PRO B 236 6.52 4.29 -16.49
C PRO B 236 7.04 5.58 -15.86
N PRO B 237 6.90 5.74 -14.55
CA PRO B 237 7.57 6.85 -13.86
C PRO B 237 9.04 6.90 -14.22
N GLY B 238 9.53 8.10 -14.51
CA GLY B 238 10.91 8.30 -14.88
C GLY B 238 11.09 8.60 -16.34
N SER B 239 10.06 8.41 -17.17
CA SER B 239 10.18 8.64 -18.60
C SER B 239 10.37 10.12 -18.91
N GLY B 240 11.19 10.41 -19.91
CA GLY B 240 11.47 11.75 -20.38
C GLY B 240 11.42 11.80 -21.91
N ASN B 241 12.19 12.73 -22.47
CA ASN B 241 12.11 13.02 -23.92
C ASN B 241 12.27 11.76 -24.76
N GLY B 242 13.13 10.83 -24.33
CA GLY B 242 13.42 9.65 -25.12
C GLY B 242 12.21 8.77 -25.34
N ALA B 243 11.46 8.50 -24.26
CA ALA B 243 10.28 7.67 -24.40
C ALA B 243 9.11 8.45 -24.99
N TYR B 244 8.93 9.73 -24.60
CA TYR B 244 7.80 10.49 -25.11
C TYR B 244 7.86 10.63 -26.63
N ILE B 245 9.05 10.92 -27.19
CA ILE B 245 9.15 11.11 -28.63
C ILE B 245 9.01 9.77 -29.37
N TYR B 246 9.55 8.69 -28.81
CA TYR B 246 9.38 7.38 -29.41
C TYR B 246 7.90 7.00 -29.48
N ALA B 247 7.15 7.30 -28.41
CA ALA B 247 5.72 7.03 -28.40
C ALA B 247 4.99 7.84 -29.47
N PHE B 248 5.36 9.11 -29.64
CA PHE B 248 4.73 9.91 -30.69
C PHE B 248 5.05 9.35 -32.06
N GLU B 249 6.30 8.97 -32.30
CA GLU B 249 6.72 8.58 -33.63
C GLU B 249 6.26 7.18 -33.99
N LYS B 250 6.11 6.28 -33.01
CA LYS B 250 5.78 4.91 -33.30
C LYS B 250 4.29 4.59 -33.10
N VAL B 251 3.58 5.29 -32.21
CA VAL B 251 2.17 5.01 -31.93
C VAL B 251 1.27 6.15 -32.38
N ILE B 252 1.49 7.36 -31.83
CA ILE B 252 0.48 8.41 -31.96
C ILE B 252 0.41 8.92 -33.39
N VAL B 253 1.55 9.26 -34.00
CA VAL B 253 1.53 9.72 -35.39
C VAL B 253 1.03 8.64 -36.35
N PRO B 254 1.48 7.39 -36.27
CA PRO B 254 0.91 6.36 -37.16
C PRO B 254 -0.59 6.16 -36.98
N ALA B 255 -1.08 6.19 -35.73
CA ALA B 255 -2.51 6.07 -35.49
C ALA B 255 -3.27 7.23 -36.10
N LEU B 256 -2.71 8.43 -36.06
CA LEU B 256 -3.37 9.57 -36.66
C LEU B 256 -3.42 9.42 -38.17
N LYS B 257 -2.30 9.00 -38.77
CA LYS B 257 -2.23 8.80 -40.21
C LYS B 257 -3.26 7.78 -40.67
N LYS B 258 -3.39 6.68 -39.92
CA LYS B 258 -4.38 5.67 -40.24
C LYS B 258 -5.80 6.19 -40.07
N TYR B 259 -6.01 7.09 -39.11
CA TYR B 259 -7.37 7.51 -38.79
C TYR B 259 -7.86 8.58 -39.75
N GLU B 260 -6.95 9.36 -40.32
CA GLU B 260 -7.30 10.49 -41.18
C GLU B 260 -8.41 11.34 -40.55
N PRO B 261 -8.14 12.05 -39.46
CA PRO B 261 -9.17 12.94 -38.89
C PRO B 261 -9.25 14.26 -39.63
N GLU B 262 -10.44 14.85 -39.57
CA GLU B 262 -10.64 16.18 -40.14
C GLU B 262 -10.02 17.26 -39.27
N LEU B 263 -9.89 17.00 -37.96
CA LEU B 263 -9.28 17.96 -37.05
C LEU B 263 -8.59 17.23 -35.90
N ILE B 264 -7.41 17.70 -35.54
CA ILE B 264 -6.67 17.16 -34.39
C ILE B 264 -6.70 18.20 -33.28
N ILE B 265 -7.13 17.80 -32.08
CA ILE B 265 -7.19 18.66 -30.91
C ILE B 265 -6.21 18.11 -29.89
N VAL B 266 -5.24 18.93 -29.47
CA VAL B 266 -4.25 18.51 -28.47
C VAL B 266 -4.63 19.07 -27.10
N GLY B 267 -4.88 18.18 -26.15
CA GLY B 267 -4.89 18.56 -24.75
C GLY B 267 -3.45 18.72 -24.28
N SER B 268 -2.99 19.96 -24.25
CA SER B 268 -1.57 20.26 -24.02
C SER B 268 -1.36 20.63 -22.55
N GLY B 269 -1.14 19.63 -21.70
CA GLY B 269 -0.65 19.88 -20.38
C GLY B 269 0.88 19.90 -20.33
N PHE B 270 1.43 20.49 -19.26
CA PHE B 270 2.88 20.53 -19.11
C PHE B 270 3.33 19.90 -17.79
N ASP B 271 2.44 19.12 -17.17
CA ASP B 271 2.75 18.47 -15.91
C ASP B 271 3.55 17.16 -16.09
N ALA B 272 3.94 16.78 -17.30
CA ALA B 272 4.98 15.76 -17.47
C ALA B 272 6.39 16.36 -17.48
N SER B 273 6.54 17.66 -17.21
CA SER B 273 7.85 18.27 -17.28
C SER B 273 8.73 17.86 -16.08
N ILE B 274 10.04 17.99 -16.30
CA ILE B 274 11.09 17.59 -15.36
C ILE B 274 10.91 18.18 -13.96
N LEU B 275 10.29 19.35 -13.83
CA LEU B 275 10.19 19.99 -12.52
C LEU B 275 8.80 19.96 -11.89
N ASP B 276 7.81 19.33 -12.53
CA ASP B 276 6.44 19.40 -12.01
C ASP B 276 6.27 18.55 -10.75
N PRO B 277 5.72 19.11 -9.66
CA PRO B 277 5.52 18.29 -8.45
C PRO B 277 4.52 17.15 -8.63
N LEU B 278 3.53 17.27 -9.50
CA LEU B 278 2.48 16.25 -9.57
C LEU B 278 2.74 15.17 -10.64
N SER B 279 3.99 15.00 -11.07
CA SER B 279 4.36 13.82 -11.83
C SER B 279 5.81 13.48 -11.56
N ARG B 280 6.21 12.31 -12.04
CA ARG B 280 7.59 11.83 -12.01
C ARG B 280 8.16 11.67 -13.41
N MET B 281 7.67 12.46 -14.34
CA MET B 281 8.15 12.43 -15.72
C MET B 281 9.24 13.47 -15.89
N MET B 282 10.04 13.32 -16.96
CA MET B 282 11.23 14.15 -17.13
C MET B 282 11.24 14.85 -18.49
N VAL B 283 10.09 15.23 -19.01
CA VAL B 283 10.08 15.91 -20.30
C VAL B 283 10.64 17.31 -20.09
N SER B 284 11.45 17.78 -21.03
CA SER B 284 11.91 19.15 -20.97
C SER B 284 11.21 19.97 -22.06
N SER B 285 11.50 21.28 -22.07
CA SER B 285 10.84 22.17 -23.02
C SER B 285 11.09 21.73 -24.46
N GLU B 286 12.29 21.23 -24.74
CA GLU B 286 12.60 20.75 -26.09
C GLU B 286 11.82 19.48 -26.41
N GLY B 287 11.49 18.68 -25.40
CA GLY B 287 10.60 17.56 -25.65
C GLY B 287 9.20 18.00 -26.02
N PHE B 288 8.66 18.98 -25.27
CA PHE B 288 7.31 19.47 -25.61
C PHE B 288 7.31 20.13 -26.97
N LYS B 289 8.42 20.77 -27.34
CA LYS B 289 8.50 21.40 -28.66
C LYS B 289 8.46 20.36 -29.76
N LYS B 290 9.21 19.27 -29.62
CA LYS B 290 9.20 18.24 -30.65
C LYS B 290 7.85 17.54 -30.71
N MET B 291 7.20 17.37 -29.58
CA MET B 291 5.88 16.74 -29.58
C MET B 291 4.90 17.59 -30.35
N ALA B 292 4.88 18.89 -30.07
CA ALA B 292 4.01 19.79 -30.83
C ALA B 292 4.36 19.74 -32.31
N SER B 293 5.65 19.65 -32.63
CA SER B 293 6.07 19.67 -34.02
C SER B 293 5.59 18.44 -34.77
N LEU B 294 5.62 17.28 -34.11
CA LEU B 294 5.19 16.05 -34.75
C LEU B 294 3.69 16.10 -35.06
N ILE B 295 2.89 16.64 -34.15
CA ILE B 295 1.47 16.78 -34.42
C ILE B 295 1.26 17.73 -35.60
N LEU B 296 1.80 18.94 -35.51
CA LEU B 296 1.81 19.89 -36.62
C LEU B 296 2.15 19.24 -37.95
N GLU B 297 3.17 18.38 -37.96
CA GLU B 297 3.65 17.81 -39.21
C GLU B 297 2.67 16.77 -39.75
N VAL B 298 2.19 15.85 -38.92
CA VAL B 298 1.25 14.86 -39.43
C VAL B 298 -0.05 15.55 -39.84
N SER B 299 -0.41 16.63 -39.16
CA SER B 299 -1.63 17.36 -39.48
C SER B 299 -1.48 18.12 -40.81
N ASN B 300 -0.30 18.69 -41.06
CA ASN B 300 -0.06 19.34 -42.35
C ASN B 300 0.04 18.32 -43.48
N GLU B 301 0.23 17.04 -43.15
CA GLU B 301 0.41 16.00 -44.14
C GLU B 301 -0.88 15.34 -44.57
N ILE B 302 -1.94 15.39 -43.76
CA ILE B 302 -3.14 14.60 -44.00
C ILE B 302 -4.38 15.48 -44.13
N ASN B 303 -4.66 16.33 -43.12
CA ASN B 303 -5.89 17.10 -43.08
C ASN B 303 -5.65 18.60 -43.27
N GLY B 304 -4.64 18.97 -44.06
CA GLY B 304 -4.42 20.36 -44.40
C GLY B 304 -3.98 21.24 -43.25
N GLY B 305 -3.41 20.66 -42.20
CA GLY B 305 -2.91 21.45 -41.10
C GLY B 305 -3.93 21.82 -40.04
N LYS B 306 -5.13 21.23 -40.08
CA LYS B 306 -6.20 21.56 -39.14
C LYS B 306 -5.95 20.83 -37.82
N CYS B 307 -5.21 21.50 -36.94
CA CYS B 307 -5.00 21.07 -35.56
C CYS B 307 -4.95 22.31 -34.67
N LEU B 308 -5.18 22.09 -33.37
CA LEU B 308 -5.10 23.18 -32.40
C LEU B 308 -4.77 22.60 -31.03
N PHE B 309 -4.40 23.47 -30.10
CA PHE B 309 -3.86 23.06 -28.81
C PHE B 309 -4.67 23.74 -27.72
N VAL B 310 -5.16 22.96 -26.76
CA VAL B 310 -5.91 23.48 -25.64
C VAL B 310 -5.18 23.13 -24.36
N GLN B 311 -4.87 24.15 -23.55
CA GLN B 311 -4.16 23.95 -22.29
C GLN B 311 -4.90 23.01 -21.33
N GLU B 312 -4.17 22.02 -20.81
CA GLU B 312 -4.70 21.24 -19.71
C GLU B 312 -3.95 21.55 -18.40
N GLY B 313 -3.27 20.55 -17.83
CA GLY B 313 -2.65 20.72 -16.52
C GLY B 313 -1.25 21.26 -16.60
N GLY B 314 -0.68 21.47 -15.44
CA GLY B 314 0.64 22.06 -15.31
C GLY B 314 0.75 22.83 -14.02
N TYR B 315 1.82 22.54 -13.24
CA TYR B 315 1.89 23.04 -11.88
C TYR B 315 3.27 23.54 -11.47
N SER B 316 4.20 23.78 -12.40
CA SER B 316 5.49 24.36 -12.01
C SER B 316 5.53 25.83 -12.42
N PRO B 317 5.34 26.77 -11.49
CA PRO B 317 5.41 28.18 -11.88
C PRO B 317 6.77 28.58 -12.40
N HIS B 318 7.84 27.89 -12.02
CA HIS B 318 9.14 28.24 -12.55
C HIS B 318 9.31 27.75 -13.99
N TYR B 319 8.93 26.51 -14.28
CA TYR B 319 9.34 25.91 -15.53
C TYR B 319 8.23 25.78 -16.57
N LEU B 320 6.96 25.73 -16.17
CA LEU B 320 5.89 25.64 -17.16
C LEU B 320 5.94 26.76 -18.19
N PRO B 321 6.18 28.05 -17.83
CA PRO B 321 6.21 29.08 -18.89
C PRO B 321 7.09 28.74 -20.08
N PHE B 322 8.30 28.20 -19.84
CA PHE B 322 9.22 27.87 -20.94
C PHE B 322 8.79 26.62 -21.69
N CYS B 323 8.06 25.72 -21.03
CA CYS B 323 7.50 24.59 -21.73
C CYS B 323 6.36 25.04 -22.64
N GLY B 324 5.43 25.82 -22.09
CA GLY B 324 4.38 26.41 -22.90
C GLY B 324 4.94 27.30 -24.00
N LEU B 325 5.93 28.13 -23.66
CA LEU B 325 6.53 28.96 -24.69
C LEU B 325 7.12 28.10 -25.81
N ALA B 326 7.75 26.97 -25.44
CA ALA B 326 8.33 26.10 -26.46
C ALA B 326 7.26 25.59 -27.42
N VAL B 327 6.04 25.33 -26.93
CA VAL B 327 5.01 24.86 -27.83
C VAL B 327 4.63 25.96 -28.79
N ILE B 328 4.59 27.21 -28.31
CA ILE B 328 4.25 28.31 -29.20
C ILE B 328 5.30 28.46 -30.30
N GLU B 329 6.58 28.29 -29.94
CA GLU B 329 7.65 28.39 -30.95
C GLU B 329 7.51 27.30 -32.02
N ALA B 330 6.94 26.14 -31.68
CA ALA B 330 6.63 25.16 -32.73
C ALA B 330 5.55 25.67 -33.67
N LEU B 331 4.62 26.47 -33.16
CA LEU B 331 3.57 27.00 -34.01
C LEU B 331 4.08 28.16 -34.86
N THR B 332 4.73 29.14 -34.23
CA THR B 332 5.15 30.36 -34.91
C THR B 332 6.45 30.20 -35.69
N GLY B 333 7.28 29.22 -35.34
CA GLY B 333 8.60 29.07 -35.91
C GLY B 333 9.67 29.99 -35.36
N MET B 334 9.36 30.84 -34.38
CA MET B 334 10.26 31.89 -33.95
C MET B 334 10.89 31.54 -32.60
N HIS B 335 12.20 31.39 -32.58
CA HIS B 335 12.94 31.17 -31.34
C HIS B 335 13.34 32.51 -30.76
N THR B 336 12.60 32.97 -29.76
CA THR B 336 12.90 34.26 -29.15
C THR B 336 13.90 34.15 -28.01
N LEU B 337 14.04 32.97 -27.40
CA LEU B 337 14.49 32.90 -26.01
C LEU B 337 14.88 31.47 -25.69
N ASP B 338 15.91 31.31 -24.86
CA ASP B 338 16.44 30.01 -24.50
C ASP B 338 15.91 29.50 -23.17
N ASP B 339 15.71 28.19 -23.12
CA ASP B 339 15.32 27.49 -21.90
C ASP B 339 16.43 27.63 -20.86
N PRO B 340 16.19 28.29 -19.75
CA PRO B 340 17.27 28.50 -18.79
C PRO B 340 17.47 27.31 -17.87
N LEU B 341 17.48 26.10 -18.42
CA LEU B 341 17.90 24.94 -17.65
C LEU B 341 18.62 23.92 -18.52
N ILE B 342 18.91 24.24 -19.79
CA ILE B 342 19.63 23.31 -20.67
C ILE B 342 21.09 23.16 -20.21
N GLY B 346 18.88 19.38 -18.13
CA GLY B 346 19.21 18.67 -19.35
C GLY B 346 19.92 17.34 -19.10
N GLU B 347 21.18 17.42 -18.64
CA GLU B 347 21.94 16.23 -18.24
C GLU B 347 21.39 15.56 -16.99
N MET B 348 20.29 16.08 -16.42
CA MET B 348 19.65 15.48 -15.24
C MET B 348 18.95 14.18 -15.56
N GLY B 349 18.89 13.76 -16.82
CA GLY B 349 18.43 12.43 -17.19
C GLY B 349 17.21 12.45 -18.10
N GLY B 350 16.89 11.26 -18.62
CA GLY B 350 15.66 11.00 -19.35
C GLY B 350 15.77 11.01 -20.85
N ASN B 351 16.89 11.46 -21.41
CA ASN B 351 16.94 11.59 -22.85
C ASN B 351 17.13 10.25 -23.57
N GLU B 352 17.68 9.24 -22.90
CA GLU B 352 17.80 7.90 -23.47
C GLU B 352 16.50 7.12 -23.29
N LEU B 353 16.17 6.29 -24.28
CA LEU B 353 14.97 5.45 -24.22
C LEU B 353 15.35 4.15 -23.53
N LEU B 354 14.79 3.92 -22.36
CA LEU B 354 15.14 2.71 -21.63
C LEU B 354 14.35 1.50 -22.16
N PRO B 355 14.93 0.27 -22.05
CA PRO B 355 14.20 -0.94 -22.45
C PRO B 355 12.77 -1.06 -21.94
N HIS B 356 12.56 -0.99 -20.62
CA HIS B 356 11.19 -1.16 -20.14
C HIS B 356 10.26 -0.02 -20.58
N GLU B 357 10.80 1.07 -21.11
CA GLU B 357 9.95 2.10 -21.67
C GLU B 357 9.50 1.74 -23.08
N LYS B 358 10.41 1.19 -23.90
CA LYS B 358 10.06 0.70 -25.23
C LYS B 358 9.07 -0.47 -25.15
N LYS B 359 9.22 -1.34 -24.14
CA LYS B 359 8.30 -2.45 -24.01
C LYS B 359 6.85 -1.97 -23.98
N VAL B 360 6.60 -0.84 -23.32
CA VAL B 360 5.23 -0.33 -23.22
C VAL B 360 4.77 0.27 -24.55
N VAL B 361 5.63 1.08 -25.18
CA VAL B 361 5.23 1.71 -26.43
C VAL B 361 4.98 0.67 -27.51
N ASP B 362 5.84 -0.36 -27.59
CA ASP B 362 5.71 -1.37 -28.63
C ASP B 362 4.37 -2.10 -28.52
N GLU B 363 4.00 -2.54 -27.31
CA GLU B 363 2.66 -3.09 -27.09
C GLU B 363 1.57 -2.18 -27.67
N CYS B 364 1.61 -0.88 -27.34
CA CYS B 364 0.54 0.01 -27.80
C CYS B 364 0.48 0.09 -29.32
N ALA B 365 1.61 -0.09 -29.97
CA ALA B 365 1.64 0.03 -31.42
C ALA B 365 0.86 -1.10 -32.10
N ASN B 366 0.67 -2.23 -31.42
CA ASN B 366 -0.18 -3.26 -31.96
C ASN B 366 -1.63 -2.82 -32.06
N LEU B 367 -2.08 -1.93 -31.16
CA LEU B 367 -3.48 -1.53 -31.16
C LEU B 367 -3.85 -0.77 -32.43
N ILE B 368 -2.85 -0.26 -33.16
CA ILE B 368 -3.11 0.53 -34.36
C ILE B 368 -3.85 -0.29 -35.40
N ALA B 369 -3.59 -1.60 -35.47
CA ALA B 369 -4.18 -2.43 -36.51
C ALA B 369 -5.71 -2.40 -36.49
N ASP B 370 -6.33 -2.12 -35.34
CA ASP B 370 -7.78 -2.07 -35.21
C ASP B 370 -8.36 -0.66 -35.33
N ILE B 371 -7.59 0.30 -35.82
CA ILE B 371 -8.11 1.62 -36.15
C ILE B 371 -8.39 1.65 -37.64
N ASN B 372 -9.62 1.97 -38.02
CA ASN B 372 -10.02 1.99 -39.43
C ASN B 372 -10.92 3.19 -39.76
N LYS C 4 0.84 -48.63 -8.86
CA LYS C 4 1.71 -47.44 -8.82
C LYS C 4 2.31 -47.29 -7.43
N LYS C 5 3.64 -47.20 -7.38
CA LYS C 5 4.31 -46.88 -6.14
C LYS C 5 4.31 -45.36 -5.96
N ILE C 6 3.81 -44.92 -4.81
CA ILE C 6 3.65 -43.51 -4.46
C ILE C 6 4.57 -43.25 -3.27
N GLY C 7 5.61 -42.43 -3.46
CA GLY C 7 6.55 -42.17 -2.37
C GLY C 7 5.97 -41.21 -1.34
N TYR C 8 6.47 -41.31 -0.12
CA TYR C 8 6.06 -40.43 0.97
C TYR C 8 7.29 -40.13 1.82
N VAL C 9 7.73 -38.87 1.81
CA VAL C 9 8.93 -38.46 2.54
C VAL C 9 8.50 -37.83 3.86
N TRP C 10 8.92 -38.40 4.98
CA TRP C 10 8.67 -37.82 6.29
C TRP C 10 9.84 -38.16 7.19
N ASP C 11 10.08 -37.29 8.17
CA ASP C 11 11.11 -37.53 9.17
C ASP C 11 10.76 -36.73 10.42
N THR C 12 11.05 -37.30 11.59
CA THR C 12 10.65 -36.69 12.84
C THR C 12 11.27 -35.31 13.02
N LEU C 13 12.45 -35.10 12.45
CA LEU C 13 13.12 -33.82 12.61
C LEU C 13 12.32 -32.68 12.01
N TYR C 14 11.51 -32.97 10.99
CA TYR C 14 10.74 -31.90 10.38
C TYR C 14 9.79 -31.28 11.40
N SER C 15 9.39 -32.05 12.40
CA SER C 15 8.53 -31.54 13.45
C SER C 15 9.30 -30.97 14.63
N TRP C 16 10.61 -30.74 14.48
CA TRP C 16 11.41 -30.19 15.56
C TRP C 16 11.90 -28.76 15.28
N VAL C 17 11.39 -28.10 14.23
CA VAL C 17 11.76 -26.69 14.02
C VAL C 17 11.43 -25.89 15.26
N ASP C 18 12.39 -25.09 15.72
CA ASP C 18 12.22 -24.29 16.92
C ASP C 18 11.50 -23.00 16.55
N THR C 19 10.29 -22.81 17.07
CA THR C 19 9.51 -21.60 16.83
C THR C 19 9.17 -20.89 18.15
N GLY C 20 10.08 -20.98 19.14
CA GLY C 20 9.90 -20.20 20.35
C GLY C 20 10.07 -18.71 20.12
N THR C 21 11.15 -18.33 19.45
CA THR C 21 11.42 -16.96 19.07
C THR C 21 11.02 -16.72 17.60
N GLY C 22 11.05 -15.44 17.19
CA GLY C 22 10.77 -15.06 15.80
C GLY C 22 9.30 -14.84 15.49
N GLY C 23 9.04 -14.55 14.22
CA GLY C 23 7.68 -14.39 13.71
C GLY C 23 7.27 -12.93 13.59
N VAL C 24 6.11 -12.72 12.96
CA VAL C 24 5.58 -11.35 12.87
C VAL C 24 5.28 -10.83 14.27
N PHE C 25 4.76 -11.70 15.13
CA PHE C 25 4.46 -11.28 16.49
C PHE C 25 5.44 -11.83 17.50
N ALA C 26 6.74 -11.58 17.29
CA ALA C 26 7.73 -11.87 18.32
C ALA C 26 7.43 -11.06 19.58
N ALA C 27 7.68 -11.67 20.73
CA ALA C 27 7.53 -10.93 21.98
C ALA C 27 8.35 -9.64 21.92
N ASN C 28 7.71 -8.53 22.25
CA ASN C 28 8.39 -7.24 22.28
C ASN C 28 7.71 -6.40 23.36
N LEU C 29 8.33 -6.33 24.53
CA LEU C 29 7.69 -5.67 25.66
C LEU C 29 7.48 -4.19 25.38
N SER C 30 8.47 -3.56 24.77
CA SER C 30 8.38 -2.14 24.46
C SER C 30 7.13 -1.83 23.63
N LYS C 31 6.86 -2.63 22.60
CA LYS C 31 5.72 -2.46 21.71
C LYS C 31 4.50 -3.23 22.20
N ARG C 32 4.60 -3.82 23.39
CA ARG C 32 3.49 -4.47 24.09
C ARG C 32 2.94 -5.66 23.31
N ILE C 33 3.82 -6.40 22.65
CA ILE C 33 3.43 -7.65 22.01
C ILE C 33 3.68 -8.77 23.01
N GLN C 34 2.60 -9.25 23.63
CA GLN C 34 2.69 -10.24 24.68
C GLN C 34 3.15 -11.60 24.13
N PRO C 35 4.03 -12.30 24.85
CA PRO C 35 4.44 -13.65 24.42
C PRO C 35 3.26 -14.59 24.24
N ILE C 36 3.35 -15.42 23.20
CA ILE C 36 2.27 -16.32 22.85
C ILE C 36 2.81 -17.74 22.72
N THR C 37 1.96 -18.72 23.03
CA THR C 37 2.38 -20.11 23.15
C THR C 37 2.58 -20.74 21.78
N HIS C 38 1.63 -20.54 20.87
CA HIS C 38 1.65 -21.15 19.55
C HIS C 38 1.94 -20.05 18.53
N HIS C 39 3.13 -20.09 17.94
CA HIS C 39 3.43 -19.19 16.84
C HIS C 39 2.87 -19.75 15.53
N MET C 40 2.79 -18.89 14.51
CA MET C 40 2.14 -19.26 13.25
C MET C 40 2.74 -20.53 12.64
N ASN C 41 4.07 -20.58 12.51
CA ASN C 41 4.74 -21.73 11.90
C ASN C 41 5.02 -22.86 12.90
N HIS C 42 4.23 -22.94 13.96
CA HIS C 42 4.39 -23.99 14.96
C HIS C 42 4.37 -25.36 14.30
N PRO C 43 5.28 -26.27 14.67
CA PRO C 43 5.43 -27.54 13.92
C PRO C 43 4.22 -28.46 13.98
N ASP C 44 3.25 -28.19 14.85
CA ASP C 44 2.15 -29.11 15.05
C ASP C 44 1.23 -29.18 13.85
N THR C 45 1.25 -28.18 12.96
CA THR C 45 0.35 -28.25 11.81
C THR C 45 0.79 -29.35 10.84
N LYS C 46 2.08 -29.38 10.50
CA LYS C 46 2.52 -30.39 9.57
C LYS C 46 2.63 -31.74 10.27
N ARG C 47 2.94 -31.76 11.56
CA ARG C 47 2.95 -33.03 12.28
C ARG C 47 1.56 -33.68 12.29
N ARG C 48 0.51 -32.90 12.52
CA ARG C 48 -0.84 -33.46 12.46
C ARG C 48 -1.15 -34.05 11.09
N PHE C 49 -0.69 -33.38 10.02
CA PHE C 49 -0.82 -33.93 8.68
C PHE C 49 -0.15 -35.30 8.59
N ASN C 50 1.09 -35.39 9.04
CA ASN C 50 1.76 -36.68 8.96
C ASN C 50 1.03 -37.71 9.79
N GLU C 51 0.57 -37.32 10.98
CA GLU C 51 -0.06 -38.28 11.89
C GLU C 51 -1.40 -38.77 11.34
N LEU C 52 -2.11 -37.93 10.56
CA LEU C 52 -3.35 -38.36 9.91
C LEU C 52 -3.09 -39.29 8.74
N VAL C 53 -1.99 -39.09 8.01
CA VAL C 53 -1.57 -40.06 7.01
C VAL C 53 -1.38 -41.43 7.65
N MET C 54 -0.89 -41.46 8.88
CA MET C 54 -0.65 -42.75 9.53
C MET C 54 -1.96 -43.40 9.96
N THR C 55 -2.82 -42.64 10.63
CA THR C 55 -3.99 -43.21 11.27
C THR C 55 -5.19 -43.31 10.34
N SER C 56 -5.10 -42.74 9.13
CA SER C 56 -6.16 -42.90 8.16
C SER C 56 -5.97 -44.10 7.27
N GLY C 57 -4.84 -44.79 7.38
CA GLY C 57 -4.55 -45.92 6.55
C GLY C 57 -3.97 -45.61 5.19
N GLN C 58 -3.90 -44.33 4.79
CA GLN C 58 -3.30 -43.98 3.51
C GLN C 58 -1.86 -44.48 3.44
N ILE C 59 -1.20 -44.60 4.59
CA ILE C 59 0.20 -45.02 4.64
C ILE C 59 0.39 -46.39 4.04
N ASP C 60 -0.68 -47.20 4.01
CA ASP C 60 -0.57 -48.56 3.48
C ASP C 60 -0.42 -48.56 1.96
N PHE C 61 -0.95 -47.55 1.28
CA PHE C 61 -0.81 -47.40 -0.17
C PHE C 61 0.44 -46.64 -0.57
N LEU C 62 1.29 -46.30 0.39
CA LEU C 62 2.44 -45.45 0.15
C LEU C 62 3.72 -46.19 0.47
N THR C 63 4.79 -45.81 -0.22
CA THR C 63 6.12 -46.33 0.03
C THR C 63 6.95 -45.29 0.79
N PRO C 64 7.23 -45.49 2.08
CA PRO C 64 8.03 -44.51 2.81
C PRO C 64 9.41 -44.37 2.19
N ILE C 65 9.89 -43.13 2.15
CA ILE C 65 11.18 -42.76 1.56
C ILE C 65 11.97 -42.00 2.60
N LYS C 66 13.10 -42.55 3.01
CA LYS C 66 13.87 -41.86 4.05
C LYS C 66 14.68 -40.72 3.42
N PRO C 67 14.65 -39.52 4.00
CA PRO C 67 15.45 -38.42 3.44
C PRO C 67 16.89 -38.49 3.93
N TYR C 68 17.77 -37.90 3.12
CA TYR C 68 19.18 -37.80 3.43
C TYR C 68 19.59 -36.35 3.27
N PRO C 69 20.54 -35.87 4.08
CA PRO C 69 20.88 -34.44 4.02
C PRO C 69 21.33 -34.05 2.63
N ALA C 70 20.80 -32.94 2.14
CA ALA C 70 21.40 -32.32 0.97
C ALA C 70 22.82 -31.91 1.31
N THR C 71 23.66 -31.75 0.29
CA THR C 71 25.02 -31.27 0.52
C THR C 71 25.12 -29.79 0.16
N ASP C 72 26.23 -29.18 0.58
CA ASP C 72 26.52 -27.80 0.20
C ASP C 72 26.46 -27.62 -1.32
N ALA C 73 27.00 -28.59 -2.07
CA ALA C 73 26.94 -28.53 -3.53
C ALA C 73 25.51 -28.56 -4.05
N ASP C 74 24.65 -29.38 -3.43
CA ASP C 74 23.24 -29.34 -3.80
C ASP C 74 22.65 -27.97 -3.52
N ILE C 75 22.96 -27.39 -2.37
CA ILE C 75 22.46 -26.05 -2.04
C ILE C 75 23.08 -25.01 -2.95
N LEU C 76 24.38 -25.12 -3.21
CA LEU C 76 25.10 -24.07 -3.94
C LEU C 76 24.75 -24.01 -5.42
N ARG C 77 23.96 -24.94 -5.95
CA ARG C 77 23.58 -24.84 -7.36
C ARG C 77 22.56 -23.74 -7.62
N VAL C 78 21.92 -23.20 -6.58
CA VAL C 78 20.92 -22.16 -6.80
C VAL C 78 21.16 -21.00 -5.84
N HIS C 79 21.77 -21.28 -4.70
CA HIS C 79 22.00 -20.30 -3.66
C HIS C 79 23.48 -19.88 -3.64
N ASP C 80 23.73 -18.65 -3.23
CA ASP C 80 25.07 -18.11 -3.16
C ASP C 80 25.75 -18.53 -1.84
N LYS C 81 27.10 -18.56 -1.86
CA LYS C 81 27.83 -18.97 -0.66
C LYS C 81 27.55 -18.03 0.51
N GLN C 82 27.26 -16.76 0.23
CA GLN C 82 26.87 -15.83 1.28
C GLN C 82 25.66 -16.33 2.06
N LEU C 83 24.61 -16.77 1.34
CA LEU C 83 23.41 -17.29 1.99
C LEU C 83 23.72 -18.51 2.84
N LEU C 84 24.55 -19.43 2.34
CA LEU C 84 24.79 -20.65 3.08
C LEU C 84 25.63 -20.40 4.33
N ASP C 85 26.73 -19.66 4.18
CA ASP C 85 27.59 -19.38 5.33
C ASP C 85 26.85 -18.57 6.38
N ASN C 86 25.91 -17.73 5.96
CA ASN C 86 25.05 -17.03 6.91
C ASN C 86 24.21 -18.02 7.72
N ALA C 87 23.54 -18.95 7.04
CA ALA C 87 22.73 -19.93 7.76
C ALA C 87 23.59 -20.77 8.68
N LYS C 88 24.83 -21.07 8.26
CA LYS C 88 25.74 -21.81 9.13
C LYS C 88 26.06 -21.03 10.39
N ASN C 89 26.32 -19.72 10.25
CA ASN C 89 26.80 -18.92 11.39
C ASN C 89 25.67 -18.59 12.36
N VAL C 90 24.46 -18.37 11.84
CA VAL C 90 23.31 -18.18 12.72
C VAL C 90 23.01 -19.47 13.48
N SER C 91 23.04 -20.61 12.79
CA SER C 91 22.75 -21.87 13.45
C SER C 91 23.80 -22.23 14.50
N ASN C 92 24.99 -21.60 14.44
CA ASN C 92 26.08 -21.87 15.36
C ASN C 92 25.84 -21.27 16.74
N LYS C 93 25.24 -20.07 16.79
CA LYS C 93 24.98 -19.40 18.05
C LYS C 93 24.15 -20.28 18.99
N GLU C 94 24.39 -20.12 20.28
CA GLU C 94 23.44 -20.65 21.24
C GLU C 94 22.15 -19.83 21.18
N CYS C 95 21.04 -20.46 21.57
CA CYS C 95 19.72 -19.82 21.61
C CYS C 95 19.17 -19.50 20.21
N GLY C 96 20.01 -19.53 19.17
CA GLY C 96 19.50 -19.40 17.82
C GLY C 96 19.87 -18.10 17.12
N GLY C 97 18.96 -17.57 16.30
CA GLY C 97 19.19 -16.27 15.68
C GLY C 97 18.26 -15.91 14.55
N ASP C 98 17.99 -14.62 14.36
CA ASP C 98 17.36 -14.19 13.11
C ASP C 98 18.28 -14.48 11.93
N ILE C 99 17.68 -14.53 10.76
CA ILE C 99 18.36 -15.03 9.58
C ILE C 99 18.48 -13.96 8.50
N GLY C 100 17.77 -12.86 8.62
CA GLY C 100 17.68 -11.91 7.52
C GLY C 100 16.50 -10.98 7.67
N ASP C 101 15.28 -11.51 7.62
CA ASP C 101 14.10 -10.66 7.55
C ASP C 101 13.35 -10.55 8.89
N ARG C 102 13.99 -10.90 10.00
CA ARG C 102 13.40 -10.84 11.34
C ARG C 102 12.34 -11.92 11.54
N VAL C 103 11.41 -12.06 10.59
CA VAL C 103 10.38 -13.07 10.73
C VAL C 103 10.97 -14.48 10.74
N THR C 104 12.07 -14.70 10.03
CA THR C 104 12.59 -16.06 9.85
C THR C 104 13.61 -16.39 10.93
N HIS C 105 13.35 -17.46 11.66
CA HIS C 105 14.20 -17.87 12.76
C HIS C 105 14.88 -19.21 12.46
N LEU C 106 16.17 -19.28 12.80
CA LEU C 106 16.96 -20.51 12.73
C LEU C 106 17.46 -20.84 14.13
N GLY C 107 17.02 -21.97 14.67
CA GLY C 107 17.41 -22.37 16.01
C GLY C 107 18.84 -22.88 16.09
N ASN C 108 19.25 -23.20 17.32
CA ASN C 108 20.58 -23.75 17.55
C ASN C 108 20.71 -25.11 16.85
N GLY C 109 21.65 -25.19 15.91
CA GLY C 109 21.72 -26.35 15.04
C GLY C 109 20.60 -26.48 14.02
N GLY C 110 19.78 -25.44 13.83
CA GLY C 110 18.62 -25.55 12.96
C GLY C 110 18.95 -25.90 11.52
N ILE C 111 20.15 -25.56 11.05
CA ILE C 111 20.54 -25.81 9.67
C ILE C 111 20.41 -27.30 9.32
N GLU C 112 20.58 -28.19 10.31
CA GLU C 112 20.43 -29.62 10.06
C GLU C 112 19.05 -29.94 9.50
N ILE C 113 18.01 -29.28 10.02
CA ILE C 113 16.67 -29.54 9.50
C ILE C 113 16.55 -29.01 8.08
N ALA C 114 17.11 -27.83 7.81
CA ALA C 114 17.07 -27.28 6.46
C ALA C 114 17.79 -28.19 5.47
N TYR C 115 18.90 -28.81 5.91
CA TYR C 115 19.61 -29.77 5.07
C TYR C 115 18.74 -31.00 4.81
N LEU C 116 18.15 -31.56 5.86
CA LEU C 116 17.32 -32.74 5.67
C LEU C 116 16.08 -32.42 4.87
N SER C 117 15.46 -31.27 5.13
CA SER C 117 14.33 -30.82 4.32
C SER C 117 14.69 -30.79 2.83
N ALA C 118 15.81 -30.15 2.48
CA ALA C 118 16.17 -30.07 1.07
C ALA C 118 16.50 -31.45 0.51
N GLY C 119 17.20 -32.28 1.29
CA GLY C 119 17.47 -33.63 0.85
C GLY C 119 16.21 -34.46 0.69
N GLY C 120 15.16 -34.16 1.45
CA GLY C 120 13.91 -34.85 1.25
C GLY C 120 13.40 -34.68 -0.16
N ALA C 121 13.36 -33.43 -0.64
CA ALA C 121 12.96 -33.17 -2.02
C ALA C 121 13.87 -33.88 -3.02
N ILE C 122 15.15 -34.06 -2.70
CA ILE C 122 16.06 -34.70 -3.65
C ILE C 122 15.85 -36.20 -3.65
N GLU C 123 15.66 -36.80 -2.48
CA GLU C 123 15.38 -38.23 -2.47
C GLU C 123 14.15 -38.54 -3.29
N LEU C 124 13.10 -37.75 -3.14
CA LEU C 124 11.87 -38.02 -3.87
C LEU C 124 12.12 -37.91 -5.37
N THR C 125 12.81 -36.83 -5.75
CA THR C 125 13.18 -36.60 -7.14
C THR C 125 13.97 -37.78 -7.70
N LYS C 126 15.05 -38.16 -7.04
CA LYS C 126 15.84 -39.29 -7.50
C LYS C 126 14.96 -40.51 -7.73
N LYS C 127 14.04 -40.78 -6.81
CA LYS C 127 13.27 -42.00 -6.98
C LYS C 127 12.22 -41.85 -8.06
N VAL C 128 11.72 -40.63 -8.31
CA VAL C 128 10.72 -40.49 -9.36
C VAL C 128 11.37 -40.55 -10.73
N ILE C 129 12.50 -39.88 -10.92
CA ILE C 129 13.08 -39.86 -12.26
C ILE C 129 13.65 -41.22 -12.64
N SER C 130 14.13 -41.99 -11.65
CA SER C 130 14.70 -43.30 -11.96
C SER C 130 13.64 -44.28 -12.45
N GLY C 131 12.39 -44.08 -12.08
CA GLY C 131 11.36 -45.09 -12.27
C GLY C 131 11.05 -45.90 -11.04
N GLU C 132 11.80 -45.72 -9.95
CA GLU C 132 11.45 -46.39 -8.69
C GLU C 132 10.05 -46.02 -8.21
N LEU C 133 9.56 -44.83 -8.55
CA LEU C 133 8.28 -44.34 -8.09
C LEU C 133 7.56 -43.58 -9.20
N HIS C 134 6.23 -43.73 -9.25
CA HIS C 134 5.49 -42.96 -10.22
C HIS C 134 5.30 -41.51 -9.78
N THR C 135 5.16 -41.26 -8.49
CA THR C 135 4.96 -39.90 -7.97
C THR C 135 5.16 -39.98 -6.46
N GLY C 136 4.85 -38.92 -5.75
CA GLY C 136 5.08 -38.91 -4.33
C GLY C 136 4.81 -37.56 -3.72
N TYR C 137 4.81 -37.57 -2.38
CA TYR C 137 4.61 -36.37 -1.59
C TYR C 137 5.76 -36.27 -0.58
N ALA C 138 6.45 -35.14 -0.57
CA ALA C 138 7.51 -34.89 0.40
C ALA C 138 6.96 -33.90 1.43
N LEU C 139 6.58 -34.41 2.60
CA LEU C 139 6.11 -33.55 3.70
C LEU C 139 7.34 -33.06 4.47
N VAL C 140 8.05 -32.11 3.86
CA VAL C 140 9.28 -31.58 4.45
C VAL C 140 8.97 -30.26 5.14
N SER C 141 9.82 -29.92 6.09
CA SER C 141 9.86 -28.60 6.71
C SER C 141 11.29 -28.35 7.16
N PRO C 142 11.77 -27.11 7.11
CA PRO C 142 11.08 -25.85 6.80
C PRO C 142 10.83 -25.72 5.31
N PRO C 143 9.96 -24.78 4.94
CA PRO C 143 9.57 -24.63 3.53
C PRO C 143 10.66 -23.92 2.73
N GLY C 144 10.40 -23.78 1.43
CA GLY C 144 11.45 -23.34 0.54
C GLY C 144 11.22 -22.13 -0.34
N HIS C 145 9.99 -21.86 -0.78
CA HIS C 145 9.85 -21.10 -2.02
C HIS C 145 10.14 -19.59 -1.90
N HIS C 146 10.40 -19.06 -0.71
CA HIS C 146 10.72 -17.65 -0.59
C HIS C 146 12.20 -17.37 -0.63
N ALA C 147 13.04 -18.40 -0.44
CA ALA C 147 14.49 -18.22 -0.45
C ALA C 147 14.95 -17.87 -1.86
N THR C 148 15.62 -16.72 -1.99
CA THR C 148 16.10 -16.27 -3.29
C THR C 148 17.49 -16.84 -3.56
N LYS C 149 18.13 -16.37 -4.65
CA LYS C 149 19.55 -16.63 -4.87
C LYS C 149 20.39 -16.14 -3.70
N LYS C 150 20.09 -14.94 -3.18
CA LYS C 150 20.88 -14.28 -2.15
C LYS C 150 20.34 -14.44 -0.74
N ASP C 151 19.03 -14.56 -0.55
CA ASP C 151 18.42 -14.33 0.76
C ASP C 151 17.45 -15.44 1.15
N SER C 152 17.55 -15.89 2.41
CA SER C 152 16.48 -16.62 3.07
C SER C 152 15.46 -15.64 3.59
N MET C 153 14.17 -15.97 3.45
CA MET C 153 13.10 -15.18 4.04
C MET C 153 11.85 -16.04 4.16
N GLY C 154 10.79 -15.44 4.70
CA GLY C 154 9.48 -16.07 4.76
C GLY C 154 9.46 -17.49 5.29
N PHE C 155 10.17 -17.75 6.39
CA PHE C 155 10.36 -19.06 7.01
C PHE C 155 11.24 -20.00 6.17
N CYS C 156 11.67 -19.61 4.97
CA CYS C 156 12.40 -20.50 4.07
C CYS C 156 13.90 -20.26 4.17
N ILE C 157 14.63 -21.27 4.62
CA ILE C 157 16.08 -21.19 4.62
C ILE C 157 16.64 -21.44 3.23
N PHE C 158 16.24 -22.56 2.60
CA PHE C 158 16.71 -22.98 1.29
C PHE C 158 15.51 -23.27 0.40
N ASN C 159 15.66 -23.02 -0.89
CA ASN C 159 14.55 -23.22 -1.83
C ASN C 159 14.51 -24.68 -2.25
N ASN C 160 13.80 -25.50 -1.45
CA ASN C 160 13.76 -26.95 -1.61
C ASN C 160 13.44 -27.38 -3.04
N THR C 161 12.35 -26.85 -3.61
CA THR C 161 11.97 -27.29 -4.95
C THR C 161 13.01 -26.88 -5.99
N SER C 162 13.60 -25.69 -5.85
CA SER C 162 14.61 -25.27 -6.81
C SER C 162 15.87 -26.12 -6.69
N ILE C 163 16.29 -26.43 -5.45
CA ILE C 163 17.39 -27.35 -5.24
C ILE C 163 17.11 -28.69 -5.91
N ALA C 164 15.86 -29.15 -5.87
CA ALA C 164 15.55 -30.41 -6.53
C ALA C 164 15.53 -30.26 -8.05
N ALA C 165 14.99 -29.15 -8.56
CA ALA C 165 14.99 -28.95 -10.01
C ALA C 165 16.41 -28.79 -10.55
N ALA C 166 17.28 -28.09 -9.83
CA ALA C 166 18.67 -28.03 -10.29
C ALA C 166 19.34 -29.39 -10.18
N TYR C 167 18.91 -30.21 -9.23
CA TYR C 167 19.46 -31.56 -9.14
C TYR C 167 18.99 -32.41 -10.30
N ALA C 168 17.72 -32.31 -10.67
CA ALA C 168 17.19 -33.09 -11.77
C ALA C 168 17.88 -32.69 -13.07
N LYS C 169 18.24 -31.42 -13.20
CA LYS C 169 18.94 -30.95 -14.39
C LYS C 169 20.42 -31.28 -14.34
N ASP C 170 21.13 -30.74 -13.34
CA ASP C 170 22.59 -30.80 -13.36
C ASP C 170 23.15 -32.19 -13.08
N ILE C 171 22.33 -33.12 -12.54
CA ILE C 171 22.81 -34.45 -12.19
C ILE C 171 22.06 -35.53 -12.97
N LEU C 172 20.74 -35.43 -13.11
CA LEU C 172 20.00 -36.45 -13.85
C LEU C 172 19.75 -36.07 -15.31
N GLY C 173 20.23 -34.91 -15.77
CA GLY C 173 20.25 -34.62 -17.18
C GLY C 173 18.95 -34.13 -17.77
N LEU C 174 17.94 -33.83 -16.96
CA LEU C 174 16.73 -33.26 -17.54
C LEU C 174 17.03 -31.87 -18.10
N LYS C 175 16.23 -31.45 -19.07
CA LYS C 175 16.48 -30.20 -19.77
C LYS C 175 15.31 -29.22 -19.73
N ARG C 176 14.10 -29.67 -19.40
CA ARG C 176 12.98 -28.78 -19.13
C ARG C 176 12.29 -29.27 -17.87
N VAL C 177 12.22 -28.40 -16.87
CA VAL C 177 11.48 -28.67 -15.64
C VAL C 177 10.46 -27.57 -15.45
N ALA C 178 9.37 -27.88 -14.76
CA ALA C 178 8.37 -26.88 -14.41
C ALA C 178 8.12 -26.94 -12.92
N ILE C 179 8.17 -25.79 -12.25
CA ILE C 179 7.86 -25.68 -10.83
C ILE C 179 6.55 -24.95 -10.73
N VAL C 180 5.51 -25.64 -10.25
CA VAL C 180 4.17 -25.09 -10.19
C VAL C 180 3.79 -24.96 -8.72
N ASP C 181 3.56 -23.73 -8.27
CA ASP C 181 3.57 -23.41 -6.86
C ASP C 181 2.23 -22.78 -6.50
N TRP C 182 1.42 -23.50 -5.70
CA TRP C 182 0.09 -23.05 -5.33
C TRP C 182 -0.02 -22.67 -3.87
N ASP C 183 1.09 -22.62 -3.14
CA ASP C 183 1.13 -21.86 -1.90
C ASP C 183 0.46 -20.52 -2.08
N VAL C 184 -0.27 -20.07 -1.05
CA VAL C 184 -1.06 -18.84 -1.23
C VAL C 184 -0.24 -17.57 -1.36
N HIS C 185 1.06 -17.62 -1.08
CA HIS C 185 1.94 -16.48 -1.23
C HIS C 185 2.83 -16.65 -2.44
N HIS C 186 3.21 -15.54 -3.05
CA HIS C 186 4.06 -15.59 -4.24
C HIS C 186 5.37 -16.31 -3.94
N GLY C 187 5.74 -17.22 -4.83
CA GLY C 187 7.05 -17.86 -4.76
C GLY C 187 8.14 -17.01 -5.35
N ASN C 188 8.44 -15.87 -4.70
CA ASN C 188 9.48 -14.96 -5.18
C ASN C 188 10.86 -15.61 -5.21
N GLY C 189 11.11 -16.57 -4.33
CA GLY C 189 12.42 -17.20 -4.35
C GLY C 189 12.65 -17.96 -5.65
N THR C 190 11.73 -18.88 -5.96
CA THR C 190 11.79 -19.63 -7.22
C THR C 190 11.84 -18.71 -8.43
N GLN C 191 11.04 -17.63 -8.41
CA GLN C 191 11.00 -16.72 -9.54
C GLN C 191 12.36 -16.06 -9.75
N ASP C 192 13.09 -15.76 -8.67
CA ASP C 192 14.39 -15.11 -8.83
C ASP C 192 15.44 -16.09 -9.34
N ILE C 193 15.49 -17.28 -8.76
CA ILE C 193 16.50 -18.26 -9.13
C ILE C 193 16.47 -18.54 -10.64
N TRP C 194 15.28 -18.72 -11.20
CA TRP C 194 15.14 -19.09 -12.60
C TRP C 194 14.73 -17.92 -13.50
N TRP C 195 14.95 -16.68 -13.04
CA TRP C 195 14.43 -15.51 -13.73
C TRP C 195 14.93 -15.42 -15.17
N GLU C 196 16.18 -15.78 -15.44
CA GLU C 196 16.74 -15.67 -16.77
C GLU C 196 16.83 -17.01 -17.50
N ASP C 197 16.08 -18.02 -17.07
CA ASP C 197 16.31 -19.39 -17.51
C ASP C 197 15.01 -19.98 -18.03
N SER C 198 15.00 -20.40 -19.30
CA SER C 198 13.84 -21.05 -19.89
C SER C 198 13.81 -22.55 -19.65
N SER C 199 14.89 -23.14 -19.17
CA SER C 199 14.88 -24.58 -18.89
C SER C 199 14.10 -24.91 -17.61
N VAL C 200 13.54 -23.91 -16.93
CA VAL C 200 12.68 -24.14 -15.78
C VAL C 200 11.51 -23.20 -15.89
N LEU C 201 10.34 -23.71 -16.27
CA LEU C 201 9.12 -22.93 -16.22
C LEU C 201 8.68 -22.80 -14.77
N THR C 202 8.58 -21.58 -14.26
CA THR C 202 8.11 -21.34 -12.91
C THR C 202 6.77 -20.63 -12.93
N ILE C 203 5.78 -21.19 -12.25
CA ILE C 203 4.43 -20.65 -12.16
C ILE C 203 4.07 -20.53 -10.69
N SER C 204 3.53 -19.38 -10.31
CA SER C 204 3.06 -19.20 -8.95
C SER C 204 1.66 -18.60 -9.03
N ILE C 205 0.65 -19.34 -8.55
CA ILE C 205 -0.66 -18.76 -8.26
C ILE C 205 -0.71 -18.45 -6.77
N HIS C 206 -1.30 -17.30 -6.43
CA HIS C 206 -1.16 -16.78 -5.08
C HIS C 206 -2.17 -15.66 -4.91
N GLN C 207 -2.32 -15.22 -3.67
CA GLN C 207 -3.21 -14.11 -3.35
C GLN C 207 -2.53 -12.80 -3.69
N ASN C 208 -3.16 -11.98 -4.52
CA ASN C 208 -2.60 -10.69 -4.92
C ASN C 208 -2.17 -9.85 -3.72
N LYS C 209 -0.88 -9.55 -3.64
CA LYS C 209 -0.30 -8.61 -2.68
C LYS C 209 -0.21 -9.18 -1.26
N CYS C 210 -0.16 -10.49 -1.07
CA CYS C 210 -0.12 -11.03 0.30
C CYS C 210 1.32 -11.10 0.80
N PHE C 211 2.11 -12.07 0.30
CA PHE C 211 3.52 -12.03 0.68
C PHE C 211 4.41 -12.52 -0.44
N PRO C 212 5.40 -11.72 -0.88
CA PRO C 212 5.65 -10.33 -0.46
C PRO C 212 4.53 -9.39 -0.94
N THR C 213 4.39 -8.18 -0.39
CA THR C 213 3.31 -7.29 -0.77
C THR C 213 3.57 -6.58 -2.09
N ASN C 214 4.80 -6.60 -2.60
CA ASN C 214 5.18 -5.82 -3.76
C ASN C 214 5.71 -6.69 -4.92
N SER C 215 5.46 -7.99 -4.90
CA SER C 215 5.91 -8.85 -6.00
C SER C 215 4.74 -9.71 -6.46
N GLY C 216 4.99 -10.51 -7.50
CA GLY C 216 4.02 -11.48 -8.00
C GLY C 216 3.01 -10.95 -8.99
N PHE C 217 3.29 -9.83 -9.65
CA PHE C 217 2.33 -9.26 -10.59
C PHE C 217 2.46 -9.89 -11.97
N ILE C 218 1.44 -9.67 -12.81
CA ILE C 218 1.36 -10.33 -14.10
C ILE C 218 2.62 -10.06 -14.91
N ASN C 219 3.03 -8.79 -14.97
CA ASN C 219 4.09 -8.34 -15.88
C ASN C 219 5.50 -8.75 -15.43
N GLU C 220 5.66 -9.54 -14.37
CA GLU C 220 6.94 -10.13 -14.02
C GLU C 220 7.06 -11.47 -14.74
N ARG C 221 7.82 -11.49 -15.83
CA ARG C 221 7.72 -12.56 -16.82
C ARG C 221 9.05 -13.24 -17.14
N GLY C 222 10.11 -12.92 -16.41
CA GLY C 222 11.44 -13.34 -16.79
C GLY C 222 12.14 -12.32 -17.66
N ALA C 223 13.37 -12.66 -18.04
CA ALA C 223 14.20 -11.80 -18.85
C ALA C 223 15.24 -12.64 -19.57
N GLY C 224 15.81 -12.07 -20.63
CA GLY C 224 16.79 -12.75 -21.45
C GLY C 224 16.18 -14.01 -22.02
N ASN C 225 17.02 -15.06 -22.10
CA ASN C 225 16.54 -16.37 -22.49
C ASN C 225 15.35 -16.81 -21.66
N GLY C 226 15.12 -16.17 -20.51
CA GLY C 226 14.05 -16.54 -19.62
C GLY C 226 12.75 -15.83 -19.85
N PHE C 227 12.73 -14.82 -20.72
CA PHE C 227 11.50 -14.06 -20.95
C PHE C 227 10.36 -14.98 -21.38
N GLY C 228 9.23 -14.86 -20.70
CA GLY C 228 8.06 -15.67 -21.00
C GLY C 228 8.02 -17.00 -20.28
N TYR C 229 8.99 -17.27 -19.40
CA TYR C 229 9.05 -18.54 -18.68
C TYR C 229 8.97 -18.30 -17.17
N ASN C 230 8.27 -17.24 -16.77
CA ASN C 230 7.75 -17.10 -15.42
C ASN C 230 6.33 -16.59 -15.52
N LEU C 231 5.40 -17.20 -14.78
CA LEU C 231 4.00 -16.84 -14.93
C LEU C 231 3.36 -16.70 -13.56
N ASN C 232 2.85 -15.50 -13.25
CA ASN C 232 2.17 -15.24 -11.99
C ASN C 232 0.67 -15.11 -12.22
N ILE C 233 -0.11 -15.80 -11.39
CA ILE C 233 -1.56 -15.65 -11.38
C ILE C 233 -1.95 -15.05 -10.03
N PRO C 234 -2.04 -13.71 -9.91
CA PRO C 234 -2.39 -13.12 -8.62
C PRO C 234 -3.90 -12.91 -8.46
N LEU C 235 -4.58 -13.91 -7.87
CA LEU C 235 -6.03 -13.88 -7.64
C LEU C 235 -6.37 -12.91 -6.51
N PRO C 236 -7.57 -12.34 -6.53
CA PRO C 236 -7.97 -11.44 -5.44
C PRO C 236 -8.40 -12.20 -4.21
N PRO C 237 -8.19 -11.62 -3.02
CA PRO C 237 -8.79 -12.17 -1.78
C PRO C 237 -10.25 -12.58 -1.97
N GLY C 238 -10.63 -13.72 -1.40
CA GLY C 238 -11.97 -14.24 -1.52
C GLY C 238 -12.11 -15.35 -2.54
N SER C 239 -11.13 -15.52 -3.43
CA SER C 239 -11.21 -16.56 -4.43
C SER C 239 -11.24 -17.93 -3.76
N GLY C 240 -11.88 -18.89 -4.42
CA GLY C 240 -11.99 -20.22 -3.88
C GLY C 240 -11.82 -21.29 -4.94
N ASN C 241 -12.43 -22.45 -4.73
CA ASN C 241 -12.32 -23.55 -5.70
C ASN C 241 -12.69 -23.08 -7.10
N GLY C 242 -13.69 -22.22 -7.22
CA GLY C 242 -14.09 -21.71 -8.51
C GLY C 242 -12.95 -21.04 -9.27
N ALA C 243 -12.36 -20.00 -8.66
CA ALA C 243 -11.26 -19.30 -9.30
C ALA C 243 -10.06 -20.22 -9.51
N TYR C 244 -9.75 -21.06 -8.52
CA TYR C 244 -8.51 -21.83 -8.57
C TYR C 244 -8.58 -22.88 -9.66
N ILE C 245 -9.69 -23.61 -9.74
CA ILE C 245 -9.86 -24.62 -10.79
C ILE C 245 -9.93 -23.94 -12.15
N TYR C 246 -10.63 -22.81 -12.26
CA TYR C 246 -10.64 -22.06 -13.52
C TYR C 246 -9.22 -21.72 -13.95
N ALA C 247 -8.41 -21.19 -13.01
CA ALA C 247 -7.02 -20.86 -13.33
C ALA C 247 -6.24 -22.09 -13.75
N PHE C 248 -6.44 -23.21 -13.05
CA PHE C 248 -5.69 -24.41 -13.40
C PHE C 248 -6.07 -24.90 -14.78
N GLU C 249 -7.34 -24.79 -15.15
CA GLU C 249 -7.76 -25.32 -16.43
C GLU C 249 -7.47 -24.34 -17.56
N LYS C 250 -7.62 -23.05 -17.35
CA LYS C 250 -7.40 -22.12 -18.46
C LYS C 250 -5.93 -21.72 -18.62
N VAL C 251 -5.10 -21.82 -17.60
CA VAL C 251 -3.75 -21.28 -17.68
C VAL C 251 -2.69 -22.34 -17.40
N ILE C 252 -2.69 -22.94 -16.21
CA ILE C 252 -1.57 -23.77 -15.79
C ILE C 252 -1.50 -25.07 -16.59
N VAL C 253 -2.64 -25.71 -16.85
CA VAL C 253 -2.59 -26.97 -17.61
C VAL C 253 -2.23 -26.68 -19.06
N PRO C 254 -2.82 -25.69 -19.74
CA PRO C 254 -2.33 -25.37 -21.11
C PRO C 254 -0.87 -24.93 -21.13
N ALA C 255 -0.45 -24.19 -20.11
CA ALA C 255 0.95 -23.78 -20.03
C ALA C 255 1.87 -24.99 -19.97
N LEU C 256 1.51 -26.00 -19.18
CA LEU C 256 2.36 -27.20 -19.06
C LEU C 256 2.29 -28.04 -20.33
N LYS C 257 1.10 -28.16 -20.92
CA LYS C 257 0.98 -28.81 -22.22
C LYS C 257 1.90 -28.17 -23.25
N LYS C 258 1.94 -26.83 -23.29
CA LYS C 258 2.82 -26.16 -24.24
C LYS C 258 4.28 -26.46 -23.94
N TYR C 259 4.72 -26.22 -22.71
CA TYR C 259 6.15 -26.28 -22.38
C TYR C 259 6.73 -27.70 -22.45
N GLU C 260 5.89 -28.73 -22.31
CA GLU C 260 6.34 -30.13 -22.33
C GLU C 260 7.50 -30.32 -21.36
N PRO C 261 7.26 -30.21 -20.05
CA PRO C 261 8.34 -30.44 -19.08
C PRO C 261 8.57 -31.93 -18.91
N GLU C 262 9.82 -32.29 -18.64
CA GLU C 262 10.12 -33.68 -18.38
C GLU C 262 9.94 -34.03 -16.92
N LEU C 263 9.79 -33.02 -16.04
CA LEU C 263 9.43 -33.20 -14.64
C LEU C 263 8.67 -31.97 -14.15
N ILE C 264 7.55 -32.20 -13.48
CA ILE C 264 6.75 -31.16 -12.85
C ILE C 264 6.88 -31.32 -11.35
N ILE C 265 7.31 -30.25 -10.67
CA ILE C 265 7.44 -30.20 -9.21
C ILE C 265 6.40 -29.23 -8.69
N VAL C 266 5.51 -29.71 -7.83
CA VAL C 266 4.47 -28.85 -7.26
C VAL C 266 4.90 -28.37 -5.88
N GLY C 267 5.01 -27.06 -5.73
CA GLY C 267 5.10 -26.44 -4.42
C GLY C 267 3.73 -26.50 -3.79
N SER C 268 3.53 -27.49 -2.93
CA SER C 268 2.20 -27.80 -2.41
C SER C 268 2.06 -27.18 -1.03
N GLY C 269 1.59 -25.94 -1.00
CA GLY C 269 1.22 -25.31 0.24
C GLY C 269 -0.29 -25.38 0.41
N PHE C 270 -0.75 -25.18 1.64
CA PHE C 270 -2.18 -25.25 1.90
C PHE C 270 -2.67 -24.00 2.59
N ASP C 271 -1.87 -22.94 2.59
CA ASP C 271 -2.30 -21.71 3.22
C ASP C 271 -3.39 -21.00 2.43
N ALA C 272 -3.74 -21.48 1.24
CA ALA C 272 -4.93 -20.98 0.58
C ALA C 272 -6.20 -21.60 1.15
N SER C 273 -6.10 -22.44 2.17
CA SER C 273 -7.28 -23.14 2.68
C SER C 273 -8.29 -22.16 3.27
N ILE C 274 -9.54 -22.63 3.29
CA ILE C 274 -10.68 -21.87 3.80
C ILE C 274 -10.48 -21.40 5.24
N LEU C 275 -9.70 -22.12 6.05
CA LEU C 275 -9.51 -21.72 7.46
C LEU C 275 -8.12 -21.19 7.77
N ASP C 276 -7.29 -20.93 6.79
CA ASP C 276 -5.91 -20.60 7.11
C ASP C 276 -5.81 -19.15 7.59
N PRO C 277 -5.09 -18.88 8.68
CA PRO C 277 -5.04 -17.50 9.21
C PRO C 277 -4.20 -16.57 8.37
N LEU C 278 -3.40 -17.06 7.43
CA LEU C 278 -2.51 -16.18 6.68
C LEU C 278 -2.96 -16.01 5.23
N SER C 279 -4.24 -16.25 4.95
CA SER C 279 -4.82 -15.96 3.65
C SER C 279 -6.25 -15.53 3.83
N ARG C 280 -6.84 -15.08 2.74
CA ARG C 280 -8.27 -14.83 2.61
C ARG C 280 -8.85 -15.66 1.46
N MET C 281 -8.17 -16.71 1.09
CA MET C 281 -8.64 -17.60 0.04
C MET C 281 -9.58 -18.67 0.62
N MET C 282 -10.41 -19.27 -0.25
CA MET C 282 -11.46 -20.17 0.23
C MET C 282 -11.34 -21.60 -0.31
N VAL C 283 -10.14 -22.02 -0.72
CA VAL C 283 -9.97 -23.37 -1.23
C VAL C 283 -10.32 -24.39 -0.15
N SER C 284 -11.15 -25.36 -0.50
CA SER C 284 -11.47 -26.47 0.38
C SER C 284 -10.61 -27.70 0.02
N SER C 285 -10.69 -28.73 0.84
CA SER C 285 -9.82 -29.89 0.61
C SER C 285 -10.12 -30.59 -0.72
N GLU C 286 -11.39 -30.62 -1.13
CA GLU C 286 -11.72 -31.19 -2.45
C GLU C 286 -11.17 -30.34 -3.60
N GLY C 287 -11.11 -29.01 -3.42
CA GLY C 287 -10.42 -28.19 -4.41
C GLY C 287 -8.96 -28.58 -4.55
N PHE C 288 -8.25 -28.73 -3.43
CA PHE C 288 -6.88 -29.20 -3.49
C PHE C 288 -6.79 -30.59 -4.13
N LYS C 289 -7.80 -31.45 -3.91
CA LYS C 289 -7.82 -32.73 -4.59
C LYS C 289 -7.94 -32.55 -6.09
N LYS C 290 -8.86 -31.68 -6.54
CA LYS C 290 -8.99 -31.50 -7.98
C LYS C 290 -7.74 -30.83 -8.57
N MET C 291 -7.05 -30.02 -7.77
CA MET C 291 -5.83 -29.38 -8.23
C MET C 291 -4.74 -30.41 -8.46
N ALA C 292 -4.55 -31.32 -7.52
CA ALA C 292 -3.49 -32.31 -7.71
C ALA C 292 -3.82 -33.22 -8.88
N SER C 293 -5.10 -33.60 -9.03
CA SER C 293 -5.49 -34.50 -10.10
C SER C 293 -5.21 -33.90 -11.47
N LEU C 294 -5.60 -32.64 -11.67
CA LEU C 294 -5.30 -31.97 -12.93
C LEU C 294 -3.82 -32.04 -13.24
N ILE C 295 -2.98 -31.94 -12.20
CA ILE C 295 -1.54 -31.96 -12.42
C ILE C 295 -1.06 -33.38 -12.69
N LEU C 296 -1.51 -34.33 -11.86
CA LEU C 296 -1.30 -35.74 -12.17
C LEU C 296 -1.70 -36.07 -13.61
N GLU C 297 -2.91 -35.67 -14.00
CA GLU C 297 -3.44 -36.04 -15.30
C GLU C 297 -2.55 -35.51 -16.42
N VAL C 298 -2.31 -34.19 -16.47
CA VAL C 298 -1.50 -33.66 -17.55
C VAL C 298 -0.10 -34.25 -17.52
N SER C 299 0.42 -34.55 -16.34
CA SER C 299 1.73 -35.18 -16.26
C SER C 299 1.69 -36.56 -16.92
N ASN C 300 0.64 -37.34 -16.65
CA ASN C 300 0.51 -38.64 -17.31
C ASN C 300 0.42 -38.48 -18.84
N GLU C 301 -0.28 -37.44 -19.31
CA GLU C 301 -0.43 -37.16 -20.75
C GLU C 301 0.92 -37.00 -21.45
N ILE C 302 1.92 -36.40 -20.78
CA ILE C 302 3.12 -35.95 -21.49
C ILE C 302 4.38 -36.71 -21.09
N ASN C 303 4.86 -36.50 -19.85
CA ASN C 303 6.13 -37.05 -19.39
C ASN C 303 5.97 -38.30 -18.55
N GLY C 304 4.89 -39.07 -18.75
CA GLY C 304 4.71 -40.34 -18.07
C GLY C 304 4.60 -40.26 -16.55
N GLY C 305 3.76 -39.35 -16.06
CA GLY C 305 3.51 -39.22 -14.63
C GLY C 305 4.68 -38.76 -13.78
N LYS C 306 5.78 -38.32 -14.41
CA LYS C 306 6.92 -37.76 -13.70
C LYS C 306 6.49 -36.39 -13.14
N CYS C 307 5.84 -36.43 -11.99
CA CYS C 307 5.62 -35.24 -11.22
C CYS C 307 5.66 -35.62 -9.75
N LEU C 308 5.79 -34.62 -8.89
CA LEU C 308 6.01 -34.87 -7.47
C LEU C 308 5.71 -33.61 -6.66
N PHE C 309 5.24 -33.83 -5.45
CA PHE C 309 4.73 -32.75 -4.61
C PHE C 309 5.65 -32.57 -3.41
N VAL C 310 5.98 -31.31 -3.11
CA VAL C 310 6.83 -30.96 -1.98
C VAL C 310 6.09 -29.92 -1.14
N GLN C 311 6.03 -30.15 0.17
CA GLN C 311 5.28 -29.28 1.08
C GLN C 311 5.84 -27.87 1.07
N GLU C 312 4.94 -26.90 1.06
CA GLU C 312 5.29 -25.50 1.27
C GLU C 312 4.63 -25.05 2.59
N GLY C 313 3.98 -23.90 2.64
CA GLY C 313 3.40 -23.41 3.86
C GLY C 313 2.03 -24.01 4.15
N GLY C 314 1.38 -23.45 5.15
CA GLY C 314 0.11 -23.95 5.67
C GLY C 314 0.09 -23.83 7.18
N TYR C 315 -0.99 -23.25 7.74
CA TYR C 315 -0.96 -22.84 9.15
C TYR C 315 -2.22 -23.16 9.93
N SER C 316 -3.16 -23.94 9.40
CA SER C 316 -4.32 -24.29 10.20
C SER C 316 -4.12 -25.69 10.75
N PRO C 317 -3.82 -25.85 12.05
CA PRO C 317 -3.73 -27.21 12.60
C PRO C 317 -5.02 -28.01 12.50
N HIS C 318 -6.16 -27.33 12.41
CA HIS C 318 -7.41 -28.07 12.34
C HIS C 318 -7.65 -28.62 10.95
N TYR C 319 -7.53 -27.78 9.92
CA TYR C 319 -7.99 -28.16 8.59
C TYR C 319 -6.87 -28.60 7.66
N LEU C 320 -5.64 -28.11 7.83
CA LEU C 320 -4.56 -28.55 6.95
C LEU C 320 -4.45 -30.06 6.82
N PRO C 321 -4.50 -30.86 7.90
CA PRO C 321 -4.37 -32.32 7.73
C PRO C 321 -5.32 -32.89 6.69
N PHE C 322 -6.54 -32.36 6.60
CA PHE C 322 -7.50 -32.91 5.64
C PHE C 322 -7.27 -32.36 4.24
N CYS C 323 -6.79 -31.12 4.12
CA CYS C 323 -6.34 -30.65 2.82
C CYS C 323 -5.19 -31.51 2.32
N GLY C 324 -4.19 -31.72 3.16
CA GLY C 324 -3.07 -32.56 2.77
C GLY C 324 -3.48 -34.00 2.50
N LEU C 325 -4.36 -34.55 3.34
CA LEU C 325 -4.80 -35.91 3.07
C LEU C 325 -5.55 -35.99 1.75
N ALA C 326 -6.32 -34.94 1.41
CA ALA C 326 -7.04 -34.93 0.14
C ALA C 326 -6.09 -35.00 -1.04
N VAL C 327 -4.95 -34.30 -0.97
CA VAL C 327 -3.95 -34.42 -2.04
C VAL C 327 -3.31 -35.80 -2.04
N ILE C 328 -3.08 -36.40 -0.86
CA ILE C 328 -2.53 -37.76 -0.85
C ILE C 328 -3.47 -38.71 -1.57
N GLU C 329 -4.79 -38.54 -1.40
CA GLU C 329 -5.76 -39.42 -2.04
C GLU C 329 -5.72 -39.29 -3.56
N ALA C 330 -5.40 -38.11 -4.09
CA ALA C 330 -5.37 -37.97 -5.53
C ALA C 330 -4.18 -38.69 -6.14
N LEU C 331 -3.14 -38.94 -5.34
CA LEU C 331 -2.02 -39.76 -5.77
C LEU C 331 -2.32 -41.24 -5.62
N THR C 332 -3.04 -41.66 -4.57
CA THR C 332 -3.27 -43.08 -4.35
C THR C 332 -4.62 -43.55 -4.88
N GLY C 333 -5.54 -42.64 -5.21
CA GLY C 333 -6.86 -43.01 -5.68
C GLY C 333 -7.71 -43.80 -4.70
N MET C 334 -7.33 -43.82 -3.43
CA MET C 334 -8.15 -44.46 -2.40
C MET C 334 -8.72 -43.42 -1.45
N HIS C 335 -10.03 -43.45 -1.27
CA HIS C 335 -10.72 -42.54 -0.37
C HIS C 335 -11.00 -43.31 0.92
N THR C 336 -10.21 -43.00 1.96
CA THR C 336 -10.34 -43.66 3.27
C THR C 336 -11.04 -42.81 4.32
N LEU C 337 -11.47 -41.58 4.01
CA LEU C 337 -11.90 -40.70 5.09
C LEU C 337 -12.53 -39.44 4.52
N ASP C 338 -13.58 -38.96 5.16
CA ASP C 338 -14.29 -37.77 4.69
C ASP C 338 -13.71 -36.50 5.31
N ASP C 339 -13.78 -35.41 4.55
CA ASP C 339 -13.57 -34.07 5.10
C ASP C 339 -14.63 -33.83 6.17
N PRO C 340 -14.25 -33.49 7.41
CA PRO C 340 -15.26 -33.23 8.44
C PRO C 340 -16.07 -31.97 8.21
N LEU C 341 -15.77 -31.19 7.17
CA LEU C 341 -16.61 -30.08 6.73
C LEU C 341 -17.31 -30.35 5.39
N ILE C 342 -17.50 -31.63 5.05
CA ILE C 342 -18.27 -32.01 3.86
C ILE C 342 -19.73 -31.64 4.04
N GLU C 347 -18.81 -25.58 2.01
CA GLU C 347 -19.64 -25.78 0.82
C GLU C 347 -20.57 -24.59 0.56
N MET C 348 -20.28 -23.46 1.21
CA MET C 348 -20.94 -22.18 0.91
C MET C 348 -19.88 -21.09 0.90
N GLY C 349 -19.64 -20.48 -0.26
CA GLY C 349 -18.64 -19.44 -0.40
C GLY C 349 -17.40 -19.88 -1.16
N GLY C 350 -17.16 -19.25 -2.32
CA GLY C 350 -15.94 -19.45 -3.07
C GLY C 350 -16.02 -20.42 -4.25
N ASN C 351 -17.12 -21.15 -4.41
CA ASN C 351 -17.21 -22.17 -5.47
C ASN C 351 -17.67 -21.62 -6.80
N GLU C 352 -18.28 -20.45 -6.82
CA GLU C 352 -18.71 -19.79 -8.04
C GLU C 352 -17.64 -18.80 -8.47
N LEU C 353 -17.39 -18.75 -9.78
CA LEU C 353 -16.32 -17.94 -10.35
C LEU C 353 -16.80 -16.50 -10.49
N LEU C 354 -16.11 -15.57 -9.83
CA LEU C 354 -16.63 -14.20 -9.91
C LEU C 354 -15.93 -13.43 -11.02
N PRO C 355 -16.62 -12.47 -11.67
CA PRO C 355 -16.03 -11.81 -12.85
C PRO C 355 -14.71 -11.11 -12.60
N HIS C 356 -14.50 -10.50 -11.42
CA HIS C 356 -13.18 -9.93 -11.18
C HIS C 356 -12.11 -11.01 -10.92
N GLU C 357 -12.52 -12.19 -10.46
CA GLU C 357 -11.59 -13.31 -10.41
C GLU C 357 -11.27 -13.81 -11.81
N LYS C 358 -12.27 -13.79 -12.71
CA LYS C 358 -12.10 -14.21 -14.09
C LYS C 358 -11.22 -13.22 -14.86
N LYS C 359 -11.39 -11.92 -14.60
CA LYS C 359 -10.65 -10.91 -15.35
C LYS C 359 -9.14 -11.08 -15.16
N VAL C 360 -8.71 -11.67 -14.05
CA VAL C 360 -7.28 -11.92 -13.85
C VAL C 360 -6.82 -13.17 -14.62
N VAL C 361 -7.65 -14.22 -14.62
CA VAL C 361 -7.23 -15.48 -15.23
C VAL C 361 -7.25 -15.37 -16.75
N ASP C 362 -8.28 -14.71 -17.31
CA ASP C 362 -8.28 -14.42 -18.74
C ASP C 362 -7.05 -13.62 -19.14
N GLU C 363 -6.64 -12.64 -18.33
CA GLU C 363 -5.44 -11.87 -18.62
C GLU C 363 -4.22 -12.79 -18.67
N CYS C 364 -4.09 -13.69 -17.68
CA CYS C 364 -2.97 -14.63 -17.60
C CYS C 364 -2.95 -15.67 -18.72
N ALA C 365 -4.11 -15.93 -19.35
CA ALA C 365 -4.16 -16.93 -20.41
C ALA C 365 -3.46 -16.44 -21.67
N ASN C 366 -3.42 -15.12 -21.87
CA ASN C 366 -2.67 -14.55 -22.99
C ASN C 366 -1.17 -14.81 -22.87
N LEU C 367 -0.67 -15.05 -21.66
CA LEU C 367 0.77 -15.26 -21.49
C LEU C 367 1.23 -16.60 -22.03
N ILE C 368 0.31 -17.53 -22.30
CA ILE C 368 0.73 -18.84 -22.75
C ILE C 368 1.35 -18.77 -24.15
N ALA C 369 0.90 -17.83 -24.98
CA ALA C 369 1.43 -17.70 -26.33
C ALA C 369 2.95 -17.51 -26.35
N ASP C 370 3.51 -16.92 -25.28
CA ASP C 370 4.95 -16.66 -25.23
C ASP C 370 5.77 -17.83 -24.69
N ILE C 371 5.14 -18.97 -24.41
CA ILE C 371 5.84 -20.17 -23.97
C ILE C 371 6.01 -21.08 -25.18
N ASN C 372 7.22 -21.57 -25.40
CA ASN C 372 7.46 -22.45 -26.54
C ASN C 372 8.11 -23.77 -26.13
N LYS D 5 -15.90 10.01 30.70
CA LYS D 5 -16.39 8.96 31.59
C LYS D 5 -16.77 7.68 30.80
N ILE D 6 -15.81 6.78 30.63
CA ILE D 6 -15.89 5.63 29.74
C ILE D 6 -15.84 4.34 30.55
N GLY D 7 -16.93 3.57 30.56
CA GLY D 7 -16.93 2.33 31.31
C GLY D 7 -16.13 1.24 30.64
N TYR D 8 -15.68 0.28 31.46
CA TYR D 8 -14.98 -0.92 30.98
C TYR D 8 -15.44 -2.09 31.83
N VAL D 9 -16.05 -3.10 31.22
CA VAL D 9 -16.51 -4.26 31.97
C VAL D 9 -15.57 -5.43 31.73
N TRP D 10 -15.11 -6.05 32.79
CA TRP D 10 -14.26 -7.23 32.71
C TRP D 10 -14.35 -7.97 34.03
N ASP D 11 -14.26 -9.29 33.95
CA ASP D 11 -14.16 -10.11 35.15
C ASP D 11 -13.30 -11.32 34.79
N THR D 12 -12.48 -11.74 35.75
CA THR D 12 -11.62 -12.91 35.55
C THR D 12 -12.41 -14.13 35.10
N LEU D 13 -13.65 -14.28 35.58
CA LEU D 13 -14.41 -15.48 35.26
C LEU D 13 -14.73 -15.59 33.78
N TYR D 14 -14.77 -14.46 33.05
CA TYR D 14 -14.98 -14.52 31.60
C TYR D 14 -13.87 -15.26 30.89
N SER D 15 -12.68 -15.35 31.49
CA SER D 15 -11.57 -16.07 30.89
C SER D 15 -11.42 -17.48 31.44
N TRP D 16 -12.38 -17.93 32.25
CA TRP D 16 -12.41 -19.28 32.79
C TRP D 16 -13.38 -20.18 32.04
N VAL D 17 -13.83 -19.78 30.85
CA VAL D 17 -14.66 -20.67 30.06
C VAL D 17 -13.86 -21.92 29.73
N ASP D 18 -14.46 -23.09 29.97
CA ASP D 18 -13.82 -24.36 29.66
C ASP D 18 -14.00 -24.66 28.18
N THR D 19 -12.89 -24.80 27.44
CA THR D 19 -12.94 -25.05 26.00
C THR D 19 -12.23 -26.34 25.63
N GLY D 20 -12.21 -27.33 26.53
CA GLY D 20 -11.50 -28.57 26.26
C GLY D 20 -12.20 -29.48 25.28
N THR D 21 -13.52 -29.55 25.34
CA THR D 21 -14.34 -30.33 24.42
C THR D 21 -15.09 -29.39 23.49
N GLY D 22 -15.86 -29.98 22.57
CA GLY D 22 -16.62 -29.20 21.62
C GLY D 22 -15.71 -28.57 20.57
N GLY D 23 -16.30 -27.66 19.82
CA GLY D 23 -15.72 -27.13 18.60
C GLY D 23 -16.18 -27.91 17.38
N VAL D 24 -16.04 -27.29 16.20
CA VAL D 24 -16.33 -28.01 14.97
C VAL D 24 -15.34 -29.17 14.81
N PHE D 25 -14.13 -29.02 15.35
CA PHE D 25 -13.13 -30.08 15.30
C PHE D 25 -12.97 -30.78 16.64
N ALA D 26 -14.08 -30.96 17.35
CA ALA D 26 -14.06 -31.74 18.58
C ALA D 26 -13.51 -33.13 18.30
N ALA D 27 -12.61 -33.58 19.18
CA ALA D 27 -11.99 -34.89 19.01
C ALA D 27 -13.03 -35.95 18.63
N ASN D 28 -12.68 -36.79 17.66
CA ASN D 28 -13.60 -37.82 17.17
C ASN D 28 -12.73 -38.90 16.51
N LEU D 29 -12.51 -39.99 17.24
CA LEU D 29 -11.56 -41.00 16.81
C LEU D 29 -12.04 -41.73 15.56
N SER D 30 -13.34 -42.00 15.46
CA SER D 30 -13.84 -42.71 14.29
C SER D 30 -13.63 -41.88 13.02
N LYS D 31 -13.85 -40.57 13.11
CA LYS D 31 -13.63 -39.69 11.96
C LYS D 31 -12.18 -39.25 11.85
N ARG D 32 -11.32 -39.67 12.78
CA ARG D 32 -9.89 -39.32 12.81
C ARG D 32 -9.67 -37.80 12.91
N ILE D 33 -10.38 -37.16 13.83
CA ILE D 33 -10.10 -35.77 14.16
C ILE D 33 -9.33 -35.77 15.48
N GLN D 34 -8.04 -35.49 15.38
CA GLN D 34 -7.13 -35.63 16.49
C GLN D 34 -7.42 -34.58 17.57
N PRO D 35 -7.36 -34.95 18.85
CA PRO D 35 -7.47 -33.94 19.91
C PRO D 35 -6.43 -32.85 19.69
N ILE D 36 -6.83 -31.61 19.93
CA ILE D 36 -5.93 -30.46 19.85
C ILE D 36 -6.07 -29.69 21.17
N THR D 37 -5.04 -28.95 21.56
CA THR D 37 -5.15 -28.24 22.83
C THR D 37 -5.77 -26.86 22.70
N HIS D 38 -5.54 -26.16 21.59
CA HIS D 38 -6.04 -24.81 21.38
C HIS D 38 -7.18 -24.89 20.37
N HIS D 39 -8.42 -24.88 20.86
CA HIS D 39 -9.59 -24.71 20.01
C HIS D 39 -9.74 -23.22 19.66
N MET D 40 -10.64 -22.93 18.71
CA MET D 40 -10.77 -21.57 18.20
C MET D 40 -11.22 -20.61 19.29
N ASN D 41 -12.17 -21.02 20.12
CA ASN D 41 -12.78 -20.12 21.09
C ASN D 41 -12.05 -20.15 22.44
N HIS D 42 -10.78 -20.54 22.44
CA HIS D 42 -9.94 -20.59 23.62
C HIS D 42 -9.93 -19.23 24.31
N PRO D 43 -9.89 -19.21 25.65
CA PRO D 43 -9.97 -17.92 26.39
C PRO D 43 -8.78 -16.98 26.17
N ASP D 44 -7.66 -17.47 25.64
CA ASP D 44 -6.49 -16.61 25.48
C ASP D 44 -6.75 -15.42 24.58
N THR D 45 -7.66 -15.55 23.62
CA THR D 45 -7.86 -14.43 22.70
C THR D 45 -8.44 -13.22 23.44
N LYS D 46 -9.58 -13.37 24.10
CA LYS D 46 -10.15 -12.22 24.79
C LYS D 46 -9.44 -11.89 26.10
N ARG D 47 -8.60 -12.80 26.62
CA ARG D 47 -7.79 -12.47 27.78
C ARG D 47 -6.61 -11.60 27.37
N ARG D 48 -6.05 -11.87 26.20
CA ARG D 48 -4.95 -11.03 25.71
C ARG D 48 -5.45 -9.62 25.44
N PHE D 49 -6.70 -9.48 24.97
CA PHE D 49 -7.33 -8.17 24.84
C PHE D 49 -7.34 -7.44 26.19
N ASN D 50 -7.91 -8.08 27.22
CA ASN D 50 -8.02 -7.39 28.50
C ASN D 50 -6.65 -7.04 29.08
N GLU D 51 -5.65 -7.88 28.85
CA GLU D 51 -4.33 -7.57 29.40
C GLU D 51 -3.66 -6.44 28.63
N LEU D 52 -3.89 -6.34 27.32
CA LEU D 52 -3.38 -5.22 26.56
C LEU D 52 -4.03 -3.92 27.02
N VAL D 53 -5.34 -3.95 27.32
CA VAL D 53 -5.99 -2.79 27.90
C VAL D 53 -5.26 -2.36 29.16
N MET D 54 -4.77 -3.31 29.95
CA MET D 54 -4.09 -2.99 31.19
C MET D 54 -2.69 -2.45 30.94
N THR D 55 -1.91 -3.14 30.10
CA THR D 55 -0.49 -2.81 29.97
C THR D 55 -0.20 -1.77 28.91
N SER D 56 -1.18 -1.39 28.10
CA SER D 56 -1.06 -0.28 27.17
C SER D 56 -1.28 1.07 27.83
N GLY D 57 -1.77 1.10 29.06
CA GLY D 57 -2.08 2.34 29.72
C GLY D 57 -3.47 2.87 29.46
N GLN D 58 -4.23 2.24 28.56
CA GLN D 58 -5.63 2.65 28.35
C GLN D 58 -6.44 2.59 29.65
N ILE D 59 -6.11 1.68 30.58
CA ILE D 59 -6.96 1.46 31.74
C ILE D 59 -7.04 2.71 32.60
N ASP D 60 -6.01 3.56 32.55
CA ASP D 60 -6.04 4.83 33.28
C ASP D 60 -7.11 5.78 32.76
N PHE D 61 -7.65 5.56 31.57
CA PHE D 61 -8.69 6.42 31.05
C PHE D 61 -10.06 5.80 31.21
N LEU D 62 -10.14 4.66 31.87
CA LEU D 62 -11.33 3.85 31.89
C LEU D 62 -11.86 3.71 33.31
N THR D 63 -13.17 3.72 33.42
CA THR D 63 -13.88 3.46 34.66
C THR D 63 -14.30 2.00 34.67
N PRO D 64 -13.67 1.14 35.48
CA PRO D 64 -14.08 -0.26 35.57
C PRO D 64 -15.50 -0.40 36.10
N ILE D 65 -16.22 -1.39 35.58
CA ILE D 65 -17.56 -1.72 36.04
C ILE D 65 -17.55 -3.17 36.48
N LYS D 66 -17.94 -3.41 37.70
CA LYS D 66 -18.07 -4.78 38.11
C LYS D 66 -19.37 -5.32 37.55
N PRO D 67 -19.33 -6.47 36.90
CA PRO D 67 -20.56 -7.12 36.44
C PRO D 67 -21.21 -7.94 37.55
N TYR D 68 -22.53 -7.97 37.53
CA TYR D 68 -23.32 -8.81 38.40
C TYR D 68 -24.11 -9.78 37.54
N PRO D 69 -24.46 -10.96 38.05
CA PRO D 69 -25.13 -11.97 37.22
C PRO D 69 -26.52 -11.53 36.79
N ALA D 70 -26.88 -11.91 35.57
CA ALA D 70 -28.25 -11.71 35.12
C ALA D 70 -29.18 -12.72 35.82
N THR D 71 -30.41 -12.27 36.09
CA THR D 71 -31.39 -13.17 36.67
C THR D 71 -32.04 -14.02 35.59
N ASP D 72 -32.78 -15.05 36.04
CA ASP D 72 -33.62 -15.80 35.13
C ASP D 72 -34.65 -14.89 34.46
N ALA D 73 -35.18 -13.93 35.22
CA ALA D 73 -36.14 -13.01 34.65
C ALA D 73 -35.53 -12.20 33.51
N ASP D 74 -34.26 -11.79 33.68
CA ASP D 74 -33.56 -11.05 32.62
C ASP D 74 -33.37 -11.91 31.37
N ILE D 75 -33.11 -13.21 31.54
CA ILE D 75 -32.90 -14.06 30.37
C ILE D 75 -34.24 -14.35 29.69
N LEU D 76 -35.32 -14.46 30.48
CA LEU D 76 -36.62 -14.87 29.97
C LEU D 76 -37.37 -13.74 29.26
N ARG D 77 -36.94 -12.48 29.39
CA ARG D 77 -37.55 -11.45 28.55
C ARG D 77 -37.40 -11.76 27.06
N VAL D 78 -36.36 -12.48 26.66
CA VAL D 78 -36.12 -12.73 25.24
C VAL D 78 -35.98 -14.20 24.90
N HIS D 79 -35.74 -15.10 25.85
CA HIS D 79 -35.58 -16.53 25.58
C HIS D 79 -36.74 -17.33 26.17
N ASP D 80 -37.07 -18.45 25.52
CA ASP D 80 -38.06 -19.38 26.04
C ASP D 80 -37.51 -20.15 27.25
N LYS D 81 -38.40 -20.50 28.17
CA LYS D 81 -37.98 -21.34 29.29
C LYS D 81 -37.24 -22.59 28.81
N GLN D 82 -37.53 -23.05 27.59
CA GLN D 82 -36.90 -24.27 27.12
C GLN D 82 -35.40 -24.07 26.96
N LEU D 83 -34.99 -22.91 26.42
CA LEU D 83 -33.57 -22.63 26.29
C LEU D 83 -32.91 -22.55 27.65
N LEU D 84 -33.51 -21.81 28.60
CA LEU D 84 -32.89 -21.64 29.91
C LEU D 84 -32.79 -22.98 30.65
N ASP D 85 -33.89 -23.74 30.65
CA ASP D 85 -33.90 -25.08 31.27
C ASP D 85 -32.80 -25.97 30.68
N ASN D 86 -32.64 -25.92 29.37
CA ASN D 86 -31.60 -26.70 28.70
C ASN D 86 -30.22 -26.35 29.25
N ALA D 87 -29.93 -25.05 29.38
CA ALA D 87 -28.62 -24.66 29.88
C ALA D 87 -28.46 -25.02 31.34
N LYS D 88 -29.52 -24.97 32.15
CA LYS D 88 -29.36 -25.44 33.51
C LYS D 88 -29.09 -26.94 33.53
N ASN D 89 -29.75 -27.72 32.67
CA ASN D 89 -29.52 -29.17 32.65
C ASN D 89 -28.08 -29.50 32.27
N VAL D 90 -27.59 -28.97 31.15
CA VAL D 90 -26.23 -29.29 30.73
C VAL D 90 -25.21 -28.79 31.74
N SER D 91 -25.41 -27.57 32.26
CA SER D 91 -24.50 -27.03 33.27
C SER D 91 -24.47 -27.88 34.53
N ASN D 92 -25.47 -28.74 34.74
CA ASN D 92 -25.52 -29.61 35.91
C ASN D 92 -24.73 -30.91 35.72
N LYS D 93 -24.66 -31.47 34.51
CA LYS D 93 -23.85 -32.65 34.26
C LYS D 93 -22.44 -32.48 34.80
N GLU D 94 -21.89 -33.56 35.37
CA GLU D 94 -20.61 -33.50 36.07
C GLU D 94 -19.46 -33.15 35.13
N CYS D 95 -19.53 -33.58 33.88
CA CYS D 95 -18.50 -33.28 32.89
C CYS D 95 -18.85 -32.08 32.01
N GLY D 96 -19.99 -31.43 32.27
CA GLY D 96 -20.51 -30.45 31.33
C GLY D 96 -21.27 -31.14 30.21
N GLY D 97 -21.29 -30.52 29.04
CA GLY D 97 -21.90 -31.19 27.91
C GLY D 97 -22.14 -30.25 26.76
N ASP D 98 -22.52 -30.86 25.63
CA ASP D 98 -22.94 -30.11 24.45
C ASP D 98 -24.27 -29.41 24.73
N ILE D 99 -24.35 -28.12 24.36
CA ILE D 99 -25.57 -27.33 24.55
C ILE D 99 -26.66 -27.69 23.55
N GLY D 100 -26.33 -28.47 22.51
CA GLY D 100 -27.30 -28.85 21.53
C GLY D 100 -26.82 -28.86 20.09
N ASP D 101 -25.91 -27.94 19.72
CA ASP D 101 -25.51 -27.77 18.33
C ASP D 101 -24.19 -28.46 18.00
N ARG D 102 -23.66 -29.29 18.90
CA ARG D 102 -22.47 -30.09 18.67
C ARG D 102 -21.24 -29.23 18.39
N VAL D 103 -21.27 -27.98 18.86
CA VAL D 103 -20.17 -27.04 18.70
C VAL D 103 -20.02 -26.30 20.03
N THR D 104 -21.10 -25.68 20.46
CA THR D 104 -21.13 -25.00 21.74
C THR D 104 -21.08 -26.00 22.88
N HIS D 105 -20.26 -25.72 23.85
CA HIS D 105 -20.09 -26.58 25.00
C HIS D 105 -20.18 -25.71 26.25
N LEU D 106 -20.74 -26.27 27.30
CA LEU D 106 -20.94 -25.57 28.55
C LEU D 106 -20.42 -26.46 29.66
N GLY D 107 -19.36 -25.99 30.34
CA GLY D 107 -18.76 -26.77 31.40
C GLY D 107 -19.69 -26.91 32.59
N ASN D 108 -19.31 -27.83 33.48
CA ASN D 108 -20.02 -27.99 34.74
C ASN D 108 -20.01 -26.67 35.51
N GLY D 109 -21.19 -26.19 35.89
CA GLY D 109 -21.29 -24.85 36.45
C GLY D 109 -21.02 -23.71 35.48
N GLY D 110 -20.78 -24.00 34.20
CA GLY D 110 -20.50 -22.97 33.22
C GLY D 110 -21.62 -21.97 33.02
N ILE D 111 -22.83 -22.29 33.47
CA ILE D 111 -23.91 -21.33 33.33
C ILE D 111 -23.64 -20.10 34.17
N GLU D 112 -22.91 -20.23 35.29
CA GLU D 112 -22.52 -19.07 36.08
C GLU D 112 -21.87 -18.00 35.19
N ILE D 113 -20.93 -18.42 34.33
CA ILE D 113 -20.28 -17.45 33.46
C ILE D 113 -21.26 -16.85 32.46
N ALA D 114 -22.20 -17.65 31.94
CA ALA D 114 -23.19 -17.12 30.99
C ALA D 114 -24.05 -16.04 31.63
N TYR D 115 -24.50 -16.28 32.86
CA TYR D 115 -25.20 -15.22 33.59
C TYR D 115 -24.34 -13.97 33.69
N LEU D 116 -23.06 -14.13 34.04
CA LEU D 116 -22.19 -13.00 34.27
C LEU D 116 -21.95 -12.23 32.97
N SER D 117 -21.80 -12.96 31.87
CA SER D 117 -21.65 -12.33 30.58
C SER D 117 -22.80 -11.39 30.30
N ALA D 118 -24.03 -11.89 30.43
CA ALA D 118 -25.21 -11.07 30.16
C ALA D 118 -25.34 -9.94 31.16
N GLY D 119 -25.11 -10.22 32.44
CA GLY D 119 -25.17 -9.17 33.45
C GLY D 119 -24.16 -8.05 33.20
N GLY D 120 -22.99 -8.38 32.66
CA GLY D 120 -22.05 -7.34 32.31
C GLY D 120 -22.61 -6.38 31.26
N ALA D 121 -23.32 -6.92 30.26
CA ALA D 121 -23.98 -6.05 29.30
C ALA D 121 -25.12 -5.26 29.97
N ILE D 122 -25.74 -5.80 31.01
CA ILE D 122 -26.80 -5.08 31.70
C ILE D 122 -26.23 -3.97 32.60
N GLU D 123 -25.07 -4.21 33.24
CA GLU D 123 -24.48 -3.18 34.08
C GLU D 123 -24.00 -2.00 33.27
N LEU D 124 -23.35 -2.26 32.13
CA LEU D 124 -22.98 -1.18 31.24
C LEU D 124 -24.23 -0.41 30.77
N THR D 125 -25.31 -1.11 30.43
CA THR D 125 -26.53 -0.46 29.95
C THR D 125 -27.14 0.43 31.03
N LYS D 126 -27.29 -0.10 32.25
CA LYS D 126 -27.80 0.68 33.37
C LYS D 126 -27.02 1.98 33.53
N LYS D 127 -25.69 1.88 33.60
CA LYS D 127 -24.88 3.07 33.88
C LYS D 127 -24.82 4.04 32.71
N VAL D 128 -25.08 3.59 31.48
CA VAL D 128 -25.05 4.54 30.37
C VAL D 128 -26.39 5.27 30.25
N ILE D 129 -27.50 4.55 30.39
CA ILE D 129 -28.81 5.20 30.36
C ILE D 129 -28.92 6.24 31.46
N SER D 130 -28.39 5.93 32.64
CA SER D 130 -28.54 6.80 33.81
C SER D 130 -27.65 8.05 33.76
N GLY D 131 -26.68 8.10 32.87
CA GLY D 131 -25.76 9.20 32.83
C GLY D 131 -24.50 9.02 33.65
N GLU D 132 -24.43 7.97 34.49
CA GLU D 132 -23.22 7.74 35.25
C GLU D 132 -22.01 7.57 34.33
N LEU D 133 -22.22 6.95 33.16
CA LEU D 133 -21.20 6.86 32.14
C LEU D 133 -21.70 7.49 30.85
N HIS D 134 -20.76 7.94 30.00
CA HIS D 134 -21.14 8.35 28.67
C HIS D 134 -21.28 7.15 27.73
N THR D 135 -20.35 6.21 27.81
CA THR D 135 -20.27 5.11 26.86
C THR D 135 -19.35 4.08 27.49
N GLY D 136 -19.22 2.91 26.87
CA GLY D 136 -18.33 1.94 27.45
C GLY D 136 -18.11 0.72 26.59
N TYR D 137 -17.18 -0.12 27.06
CA TYR D 137 -16.89 -1.40 26.42
C TYR D 137 -17.05 -2.49 27.45
N ALA D 138 -17.90 -3.49 27.15
CA ALA D 138 -18.07 -4.66 28.00
C ALA D 138 -17.39 -5.85 27.34
N LEU D 139 -16.25 -6.27 27.90
CA LEU D 139 -15.48 -7.41 27.36
C LEU D 139 -15.96 -8.72 28.01
N VAL D 140 -17.15 -9.15 27.60
CA VAL D 140 -17.80 -10.31 28.22
C VAL D 140 -17.52 -11.57 27.41
N SER D 141 -17.68 -12.72 28.06
CA SER D 141 -17.59 -14.02 27.41
C SER D 141 -18.47 -14.97 28.20
N PRO D 142 -19.22 -15.87 27.56
CA PRO D 142 -19.29 -16.16 26.11
C PRO D 142 -20.09 -15.12 25.33
N PRO D 143 -20.08 -15.16 23.99
CA PRO D 143 -20.78 -14.12 23.23
C PRO D 143 -22.25 -14.46 23.05
N GLY D 144 -22.99 -13.69 22.25
CA GLY D 144 -24.42 -13.79 22.36
C GLY D 144 -25.19 -13.85 21.06
N HIS D 145 -24.65 -13.27 19.99
CA HIS D 145 -25.53 -12.89 18.90
C HIS D 145 -26.06 -14.07 18.10
N HIS D 146 -25.60 -15.30 18.34
CA HIS D 146 -26.21 -16.44 17.66
C HIS D 146 -27.37 -17.08 18.42
N ALA D 147 -27.54 -16.76 19.70
CA ALA D 147 -28.64 -17.36 20.46
C ALA D 147 -29.98 -16.78 20.03
N THR D 148 -30.90 -17.66 19.61
CA THR D 148 -32.24 -17.25 19.19
C THR D 148 -33.17 -17.31 20.39
N LYS D 149 -34.46 -17.07 20.16
CA LYS D 149 -35.46 -17.27 21.22
C LYS D 149 -35.38 -18.69 21.77
N LYS D 150 -35.24 -19.69 20.89
CA LYS D 150 -35.38 -21.10 21.27
C LYS D 150 -34.07 -21.87 21.41
N ASP D 151 -32.96 -21.40 20.84
CA ASP D 151 -31.78 -22.26 20.61
C ASP D 151 -30.48 -21.55 20.95
N SER D 152 -29.66 -22.19 21.77
CA SER D 152 -28.27 -21.77 21.89
C SER D 152 -27.49 -22.37 20.73
N MET D 153 -26.47 -21.65 20.27
CA MET D 153 -25.67 -22.13 19.16
C MET D 153 -24.48 -21.20 18.96
N GLY D 154 -23.45 -21.72 18.29
CA GLY D 154 -22.29 -20.94 17.89
C GLY D 154 -21.53 -20.25 19.01
N PHE D 155 -21.34 -20.93 20.13
CA PHE D 155 -20.63 -20.50 21.34
C PHE D 155 -21.48 -19.56 22.19
N CYS D 156 -22.68 -19.21 21.75
CA CYS D 156 -23.55 -18.26 22.46
C CYS D 156 -24.58 -19.04 23.26
N ILE D 157 -24.59 -18.82 24.58
CA ILE D 157 -25.64 -19.37 25.41
C ILE D 157 -26.83 -18.42 25.49
N PHE D 158 -26.57 -17.17 25.87
CA PHE D 158 -27.62 -16.18 26.04
C PHE D 158 -27.32 -15.03 25.11
N ASN D 159 -28.37 -14.39 24.59
CA ASN D 159 -28.15 -13.28 23.66
C ASN D 159 -27.89 -12.00 24.46
N ASN D 160 -26.63 -11.74 24.79
CA ASN D 160 -26.30 -10.66 25.72
C ASN D 160 -26.91 -9.33 25.27
N THR D 161 -26.59 -8.87 24.06
CA THR D 161 -27.07 -7.54 23.66
C THR D 161 -28.60 -7.47 23.70
N SER D 162 -29.27 -8.55 23.28
CA SER D 162 -30.73 -8.54 23.32
C SER D 162 -31.24 -8.50 24.74
N ILE D 163 -30.57 -9.20 25.64
CA ILE D 163 -30.98 -9.13 27.03
C ILE D 163 -30.79 -7.71 27.53
N ALA D 164 -29.78 -7.01 27.01
CA ALA D 164 -29.53 -5.64 27.46
C ALA D 164 -30.58 -4.70 26.92
N ALA D 165 -30.90 -4.83 25.62
CA ALA D 165 -31.96 -4.03 25.01
C ALA D 165 -33.29 -4.26 25.71
N ALA D 166 -33.67 -5.53 25.91
CA ALA D 166 -34.93 -5.81 26.60
C ALA D 166 -34.95 -5.18 27.98
N TYR D 167 -33.83 -5.26 28.70
CA TYR D 167 -33.77 -4.65 30.03
C TYR D 167 -33.96 -3.15 29.94
N ALA D 168 -33.35 -2.52 28.92
CA ALA D 168 -33.48 -1.07 28.78
C ALA D 168 -34.89 -0.69 28.38
N LYS D 169 -35.59 -1.54 27.65
CA LYS D 169 -36.96 -1.26 27.28
C LYS D 169 -37.91 -1.49 28.46
N ASP D 170 -37.91 -2.70 29.02
CA ASP D 170 -38.94 -3.10 29.98
C ASP D 170 -38.68 -2.61 31.40
N ILE D 171 -37.48 -2.14 31.74
CA ILE D 171 -37.16 -1.69 33.09
C ILE D 171 -36.80 -0.22 33.12
N LEU D 172 -35.98 0.22 32.17
CA LEU D 172 -35.58 1.62 32.07
C LEU D 172 -36.50 2.41 31.14
N GLY D 173 -37.53 1.78 30.57
CA GLY D 173 -38.58 2.51 29.88
C GLY D 173 -38.23 3.10 28.53
N LEU D 174 -37.14 2.63 27.91
CA LEU D 174 -36.84 3.07 26.56
C LEU D 174 -37.88 2.54 25.57
N LYS D 175 -38.12 3.33 24.53
CA LYS D 175 -39.06 2.99 23.48
C LYS D 175 -38.39 2.57 22.17
N ARG D 176 -37.18 3.04 21.89
CA ARG D 176 -36.53 2.80 20.60
C ARG D 176 -35.06 2.45 20.82
N VAL D 177 -34.65 1.25 20.42
CA VAL D 177 -33.28 0.75 20.60
C VAL D 177 -32.78 0.15 19.28
N ALA D 178 -31.51 0.40 18.96
CA ALA D 178 -30.87 -0.19 17.81
C ALA D 178 -29.70 -1.05 18.27
N ILE D 179 -29.58 -2.26 17.72
CA ILE D 179 -28.41 -3.12 17.93
C ILE D 179 -27.63 -3.14 16.62
N VAL D 180 -26.37 -2.73 16.68
CA VAL D 180 -25.51 -2.68 15.51
C VAL D 180 -24.43 -3.75 15.69
N ASP D 181 -24.49 -4.80 14.89
CA ASP D 181 -23.64 -5.97 15.07
C ASP D 181 -22.66 -6.05 13.90
N TRP D 182 -21.37 -5.87 14.19
CA TRP D 182 -20.34 -5.93 13.15
C TRP D 182 -19.46 -7.17 13.26
N ASP D 183 -19.85 -8.15 14.06
CA ASP D 183 -19.21 -9.46 14.02
C ASP D 183 -19.33 -10.02 12.60
N VAL D 184 -18.27 -10.71 12.13
CA VAL D 184 -18.25 -11.18 10.74
C VAL D 184 -19.30 -12.25 10.43
N HIS D 185 -19.99 -12.79 11.43
CA HIS D 185 -20.99 -13.81 11.23
C HIS D 185 -22.36 -13.22 11.49
N HIS D 186 -23.34 -13.60 10.66
CA HIS D 186 -24.64 -12.99 10.75
C HIS D 186 -25.22 -13.17 12.15
N GLY D 187 -25.67 -12.08 12.76
CA GLY D 187 -26.28 -12.15 14.07
C GLY D 187 -27.69 -12.71 14.02
N ASN D 188 -27.81 -14.00 13.68
CA ASN D 188 -29.09 -14.66 13.48
C ASN D 188 -29.95 -14.70 14.73
N GLY D 189 -29.36 -14.61 15.92
CA GLY D 189 -30.15 -14.72 17.12
C GLY D 189 -30.90 -13.44 17.40
N THR D 190 -30.19 -12.32 17.26
CA THR D 190 -30.81 -11.02 17.37
C THR D 190 -31.89 -10.84 16.30
N GLN D 191 -31.62 -11.29 15.08
CA GLN D 191 -32.63 -11.19 14.03
C GLN D 191 -33.92 -11.91 14.45
N ASP D 192 -33.80 -13.11 15.00
CA ASP D 192 -34.96 -13.91 15.39
C ASP D 192 -35.70 -13.29 16.56
N ILE D 193 -34.95 -12.70 17.50
CA ILE D 193 -35.58 -12.27 18.74
C ILE D 193 -36.46 -11.05 18.50
N TRP D 194 -36.06 -10.18 17.57
CA TRP D 194 -36.78 -8.93 17.31
C TRP D 194 -37.42 -8.92 15.92
N TRP D 195 -37.68 -10.10 15.35
CA TRP D 195 -38.19 -10.22 13.99
C TRP D 195 -39.48 -9.44 13.78
N GLU D 196 -40.40 -9.50 14.74
CA GLU D 196 -41.73 -8.93 14.60
C GLU D 196 -41.88 -7.57 15.26
N ASP D 197 -40.79 -6.88 15.58
CA ASP D 197 -40.83 -5.77 16.54
C ASP D 197 -40.09 -4.55 15.97
N SER D 198 -40.82 -3.45 15.78
CA SER D 198 -40.17 -2.26 15.24
C SER D 198 -39.43 -1.43 16.27
N SER D 199 -39.53 -1.79 17.56
CA SER D 199 -38.93 -1.02 18.65
C SER D 199 -37.48 -1.42 18.97
N VAL D 200 -36.96 -2.46 18.32
CA VAL D 200 -35.51 -2.70 18.30
C VAL D 200 -35.12 -2.84 16.84
N LEU D 201 -34.38 -1.86 16.32
CA LEU D 201 -33.83 -1.98 14.97
C LEU D 201 -32.59 -2.85 15.06
N THR D 202 -32.55 -3.90 14.27
CA THR D 202 -31.43 -4.85 14.24
C THR D 202 -30.72 -4.77 12.89
N ILE D 203 -29.41 -4.56 12.94
CA ILE D 203 -28.57 -4.46 11.75
C ILE D 203 -27.38 -5.40 11.91
N SER D 204 -27.16 -6.26 10.93
CA SER D 204 -25.98 -7.12 10.93
C SER D 204 -25.20 -6.89 9.65
N ILE D 205 -23.95 -6.50 9.79
CA ILE D 205 -23.00 -6.46 8.69
C ILE D 205 -22.04 -7.64 8.89
N HIS D 206 -21.91 -8.47 7.86
CA HIS D 206 -21.26 -9.76 8.03
C HIS D 206 -20.79 -10.26 6.67
N GLN D 207 -20.01 -11.34 6.70
CA GLN D 207 -19.55 -11.95 5.47
C GLN D 207 -20.67 -12.79 4.87
N ASN D 208 -20.90 -12.61 3.57
CA ASN D 208 -21.99 -13.30 2.89
C ASN D 208 -21.75 -14.80 2.91
N LYS D 209 -22.65 -15.52 3.58
CA LYS D 209 -22.73 -16.97 3.59
C LYS D 209 -21.74 -17.64 4.52
N CYS D 210 -21.10 -16.93 5.48
CA CYS D 210 -20.17 -17.62 6.36
C CYS D 210 -20.89 -18.47 7.42
N PHE D 211 -21.33 -17.88 8.54
CA PHE D 211 -22.06 -18.68 9.54
C PHE D 211 -23.16 -17.85 10.19
N PRO D 212 -24.36 -18.41 10.34
CA PRO D 212 -24.78 -19.71 9.80
C PRO D 212 -24.98 -19.59 8.28
N THR D 213 -24.83 -20.67 7.52
CA THR D 213 -24.87 -20.60 6.06
C THR D 213 -26.27 -20.35 5.51
N ASN D 214 -27.29 -20.45 6.34
CA ASN D 214 -28.67 -20.33 5.90
C ASN D 214 -29.32 -19.06 6.40
N SER D 215 -28.58 -17.95 6.45
CA SER D 215 -29.18 -16.73 6.95
C SER D 215 -28.29 -15.55 6.61
N GLY D 216 -28.85 -14.35 6.79
CA GLY D 216 -28.12 -13.10 6.67
C GLY D 216 -28.34 -12.34 5.38
N PHE D 217 -29.21 -12.82 4.51
CA PHE D 217 -29.38 -12.22 3.19
C PHE D 217 -30.26 -10.97 3.26
N ILE D 218 -30.26 -10.22 2.15
CA ILE D 218 -30.92 -8.91 2.10
C ILE D 218 -32.42 -9.03 2.33
N ASN D 219 -33.02 -10.11 1.85
CA ASN D 219 -34.47 -10.19 1.84
C ASN D 219 -35.06 -10.47 3.21
N GLU D 220 -34.21 -10.69 4.24
CA GLU D 220 -34.71 -10.93 5.60
C GLU D 220 -34.87 -9.56 6.27
N ARG D 221 -36.09 -9.01 6.19
CA ARG D 221 -36.37 -7.66 6.63
C ARG D 221 -37.31 -7.61 7.82
N GLY D 222 -37.63 -8.77 8.42
CA GLY D 222 -38.58 -8.83 9.51
C GLY D 222 -40.01 -9.00 9.02
N ALA D 223 -40.92 -9.01 9.97
CA ALA D 223 -42.30 -9.43 9.73
C ALA D 223 -43.25 -8.52 10.49
N GLY D 224 -44.50 -8.47 10.04
CA GLY D 224 -45.54 -7.78 10.79
C GLY D 224 -45.21 -6.33 11.02
N ASN D 225 -45.44 -5.87 12.26
CA ASN D 225 -45.08 -4.50 12.64
C ASN D 225 -43.58 -4.24 12.55
N GLY D 226 -42.77 -5.31 12.57
CA GLY D 226 -41.33 -5.22 12.42
C GLY D 226 -40.80 -5.16 10.98
N PHE D 227 -41.64 -5.32 9.97
CA PHE D 227 -41.14 -5.26 8.58
C PHE D 227 -40.44 -3.92 8.32
N GLY D 228 -39.25 -3.99 7.72
CA GLY D 228 -38.41 -2.84 7.50
C GLY D 228 -37.44 -2.50 8.63
N TYR D 229 -37.47 -3.26 9.74
CA TYR D 229 -36.70 -2.94 10.94
C TYR D 229 -35.66 -4.01 11.27
N ASN D 230 -35.23 -4.78 10.27
CA ASN D 230 -34.08 -5.65 10.36
C ASN D 230 -33.33 -5.50 9.05
N LEU D 231 -32.02 -5.27 9.12
CA LEU D 231 -31.24 -4.88 7.96
C LEU D 231 -29.93 -5.65 7.93
N ASN D 232 -29.72 -6.42 6.88
CA ASN D 232 -28.52 -7.23 6.73
C ASN D 232 -27.66 -6.67 5.62
N ILE D 233 -26.38 -6.47 5.90
CA ILE D 233 -25.41 -6.13 4.87
C ILE D 233 -24.43 -7.29 4.74
N PRO D 234 -24.58 -8.14 3.74
CA PRO D 234 -23.64 -9.26 3.59
C PRO D 234 -22.57 -8.98 2.56
N LEU D 235 -21.40 -8.56 3.02
CA LEU D 235 -20.29 -8.19 2.14
C LEU D 235 -19.64 -9.43 1.54
N PRO D 236 -18.98 -9.30 0.39
CA PRO D 236 -18.30 -10.45 -0.20
C PRO D 236 -17.06 -10.81 0.59
N PRO D 237 -16.68 -12.08 0.63
CA PRO D 237 -15.32 -12.45 1.05
C PRO D 237 -14.29 -11.51 0.46
N GLY D 238 -13.27 -11.13 1.24
CA GLY D 238 -12.22 -10.27 0.74
C GLY D 238 -12.42 -8.79 1.04
N SER D 239 -13.61 -8.38 1.48
CA SER D 239 -13.86 -6.97 1.74
C SER D 239 -13.01 -6.50 2.91
N GLY D 240 -12.54 -5.26 2.82
CA GLY D 240 -11.67 -4.69 3.83
C GLY D 240 -12.23 -3.37 4.34
N ASN D 241 -11.33 -2.50 4.77
CA ASN D 241 -11.73 -1.27 5.46
C ASN D 241 -12.58 -0.38 4.57
N GLY D 242 -12.37 -0.45 3.25
CA GLY D 242 -13.09 0.43 2.34
C GLY D 242 -14.54 0.04 2.18
N ALA D 243 -14.82 -1.26 2.03
CA ALA D 243 -16.20 -1.71 1.99
C ALA D 243 -16.89 -1.53 3.35
N TYR D 244 -16.16 -1.75 4.45
CA TYR D 244 -16.81 -1.63 5.74
C TYR D 244 -17.12 -0.18 6.05
N ILE D 245 -16.14 0.71 5.84
CA ILE D 245 -16.37 2.12 6.13
C ILE D 245 -17.48 2.65 5.22
N TYR D 246 -17.39 2.34 3.92
CA TYR D 246 -18.43 2.76 2.99
C TYR D 246 -19.79 2.29 3.45
N ALA D 247 -19.87 1.04 3.92
CA ALA D 247 -21.14 0.51 4.39
C ALA D 247 -21.66 1.28 5.60
N PHE D 248 -20.77 1.64 6.52
CA PHE D 248 -21.20 2.42 7.68
C PHE D 248 -21.68 3.82 7.30
N GLU D 249 -21.14 4.41 6.23
CA GLU D 249 -21.49 5.76 5.83
C GLU D 249 -22.71 5.84 4.91
N LYS D 250 -22.89 4.91 3.98
CA LYS D 250 -24.07 4.96 3.13
C LYS D 250 -25.25 4.18 3.71
N VAL D 251 -25.04 3.28 4.67
CA VAL D 251 -26.18 2.52 5.16
C VAL D 251 -26.39 2.70 6.65
N ILE D 252 -25.43 2.26 7.48
CA ILE D 252 -25.73 2.11 8.90
C ILE D 252 -25.96 3.47 9.58
N VAL D 253 -25.13 4.47 9.27
CA VAL D 253 -25.29 5.78 9.91
C VAL D 253 -26.54 6.50 9.41
N PRO D 254 -26.81 6.60 8.10
CA PRO D 254 -28.11 7.14 7.69
C PRO D 254 -29.28 6.43 8.33
N ALA D 255 -29.18 5.10 8.49
CA ALA D 255 -30.27 4.34 9.06
C ALA D 255 -30.53 4.73 10.52
N LEU D 256 -29.47 4.80 11.33
CA LEU D 256 -29.67 5.21 12.72
C LEU D 256 -30.25 6.61 12.80
N LYS D 257 -29.70 7.56 12.01
CA LYS D 257 -30.26 8.90 11.94
C LYS D 257 -31.76 8.87 11.69
N LYS D 258 -32.21 8.05 10.73
CA LYS D 258 -33.63 8.01 10.42
C LYS D 258 -34.44 7.40 11.56
N TYR D 259 -33.89 6.35 12.19
CA TYR D 259 -34.64 5.57 13.17
C TYR D 259 -34.74 6.27 14.52
N GLU D 260 -33.75 7.13 14.85
CA GLU D 260 -33.65 7.95 16.07
C GLU D 260 -33.75 7.10 17.34
N PRO D 261 -32.83 6.16 17.56
CA PRO D 261 -32.94 5.30 18.75
C PRO D 261 -32.48 6.02 20.00
N GLU D 262 -33.22 5.79 21.10
CA GLU D 262 -32.79 6.34 22.37
C GLU D 262 -31.49 5.71 22.86
N LEU D 263 -31.08 4.57 22.29
CA LEU D 263 -29.84 3.93 22.70
C LEU D 263 -29.37 2.99 21.59
N ILE D 264 -28.05 3.02 21.34
CA ILE D 264 -27.37 2.12 20.41
C ILE D 264 -26.50 1.15 21.19
N ILE D 265 -26.69 -0.15 20.95
CA ILE D 265 -25.84 -1.23 21.47
C ILE D 265 -25.08 -1.84 20.30
N VAL D 266 -23.77 -1.80 20.35
CA VAL D 266 -22.95 -2.39 19.30
C VAL D 266 -22.50 -3.79 19.72
N GLY D 267 -22.77 -4.78 18.89
CA GLY D 267 -22.19 -6.09 19.05
C GLY D 267 -20.83 -6.03 18.40
N SER D 268 -19.78 -5.92 19.21
CA SER D 268 -18.43 -5.66 18.73
C SER D 268 -17.67 -6.97 18.62
N GLY D 269 -17.80 -7.62 17.46
CA GLY D 269 -16.92 -8.72 17.12
C GLY D 269 -15.64 -8.19 16.49
N PHE D 270 -14.59 -9.03 16.49
CA PHE D 270 -13.36 -8.70 15.79
C PHE D 270 -12.93 -9.83 14.86
N ASP D 271 -13.80 -10.79 14.60
CA ASP D 271 -13.41 -11.87 13.70
C ASP D 271 -13.47 -11.46 12.24
N ALA D 272 -13.86 -10.24 11.92
CA ALA D 272 -13.71 -9.72 10.57
C ALA D 272 -12.29 -9.23 10.29
N SER D 273 -11.36 -9.37 11.23
CA SER D 273 -10.01 -8.82 11.09
C SER D 273 -9.22 -9.57 10.03
N ILE D 274 -8.23 -8.85 9.47
CA ILE D 274 -7.36 -9.36 8.41
C ILE D 274 -6.71 -10.68 8.83
N LEU D 275 -6.64 -10.96 10.12
CA LEU D 275 -5.88 -12.13 10.54
C LEU D 275 -6.74 -13.22 11.15
N ASP D 276 -8.06 -13.05 11.20
CA ASP D 276 -8.89 -14.03 11.86
C ASP D 276 -9.02 -15.31 11.03
N PRO D 277 -8.96 -16.49 11.66
CA PRO D 277 -9.09 -17.74 10.90
C PRO D 277 -10.51 -18.05 10.47
N LEU D 278 -11.52 -17.52 11.17
CA LEU D 278 -12.91 -17.81 10.88
C LEU D 278 -13.58 -16.77 9.97
N SER D 279 -12.82 -15.86 9.34
CA SER D 279 -13.36 -14.95 8.34
C SER D 279 -12.42 -14.91 7.14
N ARG D 280 -12.93 -14.34 6.05
CA ARG D 280 -12.07 -13.95 4.95
C ARG D 280 -12.15 -12.44 4.73
N MET D 281 -12.51 -11.68 5.77
CA MET D 281 -12.51 -10.23 5.68
C MET D 281 -11.11 -9.66 5.97
N MET D 282 -10.92 -8.38 5.63
CA MET D 282 -9.60 -7.76 5.74
C MET D 282 -9.60 -6.46 6.54
N VAL D 283 -10.58 -6.26 7.42
CA VAL D 283 -10.57 -5.09 8.30
C VAL D 283 -9.31 -5.07 9.16
N SER D 284 -8.68 -3.91 9.27
CA SER D 284 -7.54 -3.72 10.15
C SER D 284 -7.99 -3.02 11.44
N SER D 285 -7.03 -2.85 12.35
CA SER D 285 -7.32 -2.14 13.60
C SER D 285 -7.73 -0.69 13.34
N GLU D 286 -7.11 -0.02 12.37
CA GLU D 286 -7.59 1.31 11.99
C GLU D 286 -9.02 1.25 11.48
N GLY D 287 -9.33 0.22 10.67
CA GLY D 287 -10.71 0.03 10.23
C GLY D 287 -11.69 -0.06 11.39
N PHE D 288 -11.31 -0.75 12.46
CA PHE D 288 -12.26 -0.90 13.56
C PHE D 288 -12.43 0.40 14.33
N LYS D 289 -11.37 1.20 14.42
CA LYS D 289 -11.46 2.48 15.11
C LYS D 289 -12.46 3.41 14.43
N LYS D 290 -12.36 3.53 13.10
CA LYS D 290 -13.27 4.41 12.38
C LYS D 290 -14.72 3.97 12.57
N MET D 291 -15.01 2.67 12.37
CA MET D 291 -16.35 2.14 12.61
C MET D 291 -16.86 2.54 13.99
N ALA D 292 -15.99 2.43 15.00
CA ALA D 292 -16.38 2.87 16.35
C ALA D 292 -16.61 4.37 16.39
N SER D 293 -15.71 5.15 15.78
CA SER D 293 -15.84 6.60 15.80
C SER D 293 -17.12 7.05 15.12
N LEU D 294 -17.51 6.37 14.02
CA LEU D 294 -18.74 6.74 13.33
C LEU D 294 -19.97 6.50 14.21
N ILE D 295 -19.95 5.46 15.05
CA ILE D 295 -21.12 5.23 15.88
C ILE D 295 -21.18 6.24 17.00
N LEU D 296 -20.04 6.57 17.60
CA LEU D 296 -19.99 7.67 18.57
C LEU D 296 -20.49 8.96 17.95
N GLU D 297 -19.92 9.34 16.80
CA GLU D 297 -20.32 10.56 16.12
C GLU D 297 -21.84 10.61 15.94
N VAL D 298 -22.41 9.58 15.29
CA VAL D 298 -23.85 9.56 15.08
C VAL D 298 -24.57 9.51 16.41
N SER D 299 -23.96 8.89 17.42
CA SER D 299 -24.63 8.80 18.71
C SER D 299 -24.66 10.15 19.41
N ASN D 300 -23.63 10.95 19.19
CA ASN D 300 -23.59 12.28 19.79
C ASN D 300 -24.51 13.26 19.07
N GLU D 301 -24.80 12.99 17.80
CA GLU D 301 -25.69 13.86 17.04
C GLU D 301 -27.17 13.67 17.39
N ILE D 302 -27.60 12.45 17.75
CA ILE D 302 -29.03 12.16 17.74
C ILE D 302 -29.60 11.71 19.08
N ASN D 303 -28.80 11.24 20.05
CA ASN D 303 -29.41 10.83 21.31
C ASN D 303 -28.60 11.20 22.54
N GLY D 304 -27.50 11.93 22.39
CA GLY D 304 -26.69 12.33 23.52
C GLY D 304 -25.60 11.31 23.87
N GLY D 305 -24.90 10.80 22.85
CA GLY D 305 -23.79 9.89 23.07
C GLY D 305 -24.15 8.59 23.78
N LYS D 306 -25.43 8.20 23.76
CA LYS D 306 -25.90 7.01 24.46
C LYS D 306 -25.64 5.79 23.58
N CYS D 307 -24.41 5.28 23.67
CA CYS D 307 -24.06 4.06 22.95
C CYS D 307 -23.01 3.29 23.74
N LEU D 308 -22.90 2.00 23.41
CA LEU D 308 -21.97 1.14 24.13
C LEU D 308 -21.71 -0.11 23.29
N PHE D 309 -20.59 -0.75 23.60
CA PHE D 309 -20.03 -1.81 22.78
C PHE D 309 -19.90 -3.05 23.65
N VAL D 310 -20.37 -4.18 23.14
CA VAL D 310 -20.45 -5.44 23.86
C VAL D 310 -19.77 -6.52 23.02
N GLN D 311 -18.74 -7.17 23.59
CA GLN D 311 -17.89 -8.11 22.85
C GLN D 311 -18.71 -9.27 22.29
N GLU D 312 -18.46 -9.61 21.02
CA GLU D 312 -19.00 -10.82 20.42
C GLU D 312 -17.80 -11.71 20.08
N GLY D 313 -17.63 -12.09 18.81
CA GLY D 313 -16.62 -13.07 18.46
C GLY D 313 -15.26 -12.46 18.18
N GLY D 314 -14.31 -13.36 17.89
CA GLY D 314 -12.94 -13.00 17.56
C GLY D 314 -12.01 -14.13 17.98
N TYR D 315 -11.08 -14.51 17.11
CA TYR D 315 -10.39 -15.78 17.32
C TYR D 315 -8.91 -15.70 16.96
N SER D 316 -8.36 -14.49 16.85
CA SER D 316 -6.94 -14.35 16.55
C SER D 316 -6.21 -13.81 17.78
N PRO D 317 -5.53 -14.66 18.54
CA PRO D 317 -4.85 -14.20 19.74
C PRO D 317 -3.72 -13.24 19.48
N HIS D 318 -3.22 -13.15 18.24
CA HIS D 318 -2.13 -12.23 17.94
C HIS D 318 -2.65 -10.83 17.63
N TYR D 319 -3.75 -10.73 16.88
CA TYR D 319 -4.16 -9.44 16.35
C TYR D 319 -5.44 -8.88 16.93
N LEU D 320 -6.33 -9.73 17.47
CA LEU D 320 -7.52 -9.19 18.13
C LEU D 320 -7.20 -8.16 19.22
N PRO D 321 -6.24 -8.38 20.14
CA PRO D 321 -6.00 -7.36 21.18
C PRO D 321 -5.77 -5.97 20.60
N PHE D 322 -5.06 -5.86 19.47
CA PHE D 322 -4.88 -4.53 18.89
C PHE D 322 -6.15 -4.00 18.22
N CYS D 323 -7.01 -4.88 17.66
CA CYS D 323 -8.29 -4.39 17.14
C CYS D 323 -9.20 -3.93 18.27
N GLY D 324 -9.19 -4.65 19.39
CA GLY D 324 -9.96 -4.21 20.53
C GLY D 324 -9.42 -2.93 21.11
N LEU D 325 -8.10 -2.83 21.25
CA LEU D 325 -7.50 -1.60 21.76
C LEU D 325 -7.86 -0.42 20.89
N ALA D 326 -7.84 -0.60 19.56
CA ALA D 326 -8.17 0.52 18.67
C ALA D 326 -9.61 0.99 18.88
N VAL D 327 -10.54 0.09 19.21
CA VAL D 327 -11.90 0.52 19.53
C VAL D 327 -11.94 1.24 20.88
N ILE D 328 -11.20 0.73 21.86
CA ILE D 328 -11.14 1.40 23.15
C ILE D 328 -10.59 2.80 22.99
N GLU D 329 -9.53 2.94 22.21
CA GLU D 329 -8.94 4.25 21.99
C GLU D 329 -9.92 5.22 21.31
N ALA D 330 -10.72 4.73 20.37
CA ALA D 330 -11.78 5.57 19.80
C ALA D 330 -12.85 5.98 20.82
N LEU D 331 -12.91 5.32 21.97
CA LEU D 331 -13.85 5.69 23.01
C LEU D 331 -13.25 6.71 23.97
N THR D 332 -11.94 6.65 24.20
CA THR D 332 -11.25 7.52 25.13
C THR D 332 -10.66 8.77 24.49
N GLY D 333 -10.54 8.81 23.16
CA GLY D 333 -9.82 9.89 22.51
C GLY D 333 -8.32 9.84 22.67
N MET D 334 -7.80 8.89 23.44
CA MET D 334 -6.39 8.85 23.82
C MET D 334 -5.69 7.72 23.08
N HIS D 335 -4.64 8.08 22.34
CA HIS D 335 -3.81 7.09 21.67
C HIS D 335 -2.59 6.81 22.55
N THR D 336 -2.33 5.53 22.84
CA THR D 336 -1.22 5.14 23.70
C THR D 336 -0.34 4.03 23.15
N LEU D 337 -0.66 3.48 21.98
CA LEU D 337 0.07 2.32 21.50
C LEU D 337 -0.22 2.12 20.03
N ASP D 338 0.82 1.88 19.25
CA ASP D 338 0.67 1.61 17.83
C ASP D 338 0.29 0.16 17.60
N ASP D 339 -0.45 -0.06 16.53
CA ASP D 339 -0.69 -1.38 15.97
C ASP D 339 0.60 -1.87 15.33
N PRO D 340 1.17 -3.00 15.76
CA PRO D 340 2.50 -3.41 15.25
C PRO D 340 2.52 -3.98 13.84
N LEU D 341 1.39 -4.36 13.24
CA LEU D 341 1.39 -4.92 11.89
C LEU D 341 1.05 -3.90 10.81
N ILE D 342 0.78 -2.65 11.18
CA ILE D 342 0.26 -1.66 10.21
C ILE D 342 1.46 -1.01 9.56
N ASP D 343 1.97 -1.68 8.52
CA ASP D 343 3.07 -1.15 7.73
C ASP D 343 2.57 -0.89 6.32
N GLY D 349 -4.01 -5.67 1.13
CA GLY D 349 -5.05 -5.07 1.94
C GLY D 349 -6.38 -5.00 1.21
N GLY D 350 -7.37 -4.38 1.85
CA GLY D 350 -8.68 -4.16 1.25
C GLY D 350 -9.20 -2.76 1.53
N ASN D 351 -8.28 -1.80 1.52
CA ASN D 351 -8.67 -0.42 1.84
C ASN D 351 -9.42 0.22 0.69
N GLU D 352 -9.17 -0.25 -0.53
CA GLU D 352 -9.87 0.23 -1.72
C GLU D 352 -11.21 -0.49 -1.86
N LEU D 353 -12.30 0.29 -1.92
CA LEU D 353 -13.63 -0.24 -2.21
C LEU D 353 -13.73 -0.73 -3.66
N LEU D 354 -14.42 -1.86 -3.85
CA LEU D 354 -14.51 -2.47 -5.16
C LEU D 354 -15.95 -2.44 -5.67
N PRO D 355 -16.14 -2.42 -7.00
CA PRO D 355 -17.50 -2.48 -7.56
C PRO D 355 -18.39 -3.55 -6.95
N HIS D 356 -17.89 -4.79 -6.81
CA HIS D 356 -18.81 -5.82 -6.32
C HIS D 356 -19.09 -5.67 -4.83
N GLU D 357 -18.21 -5.01 -4.06
CA GLU D 357 -18.59 -4.62 -2.71
C GLU D 357 -19.54 -3.43 -2.70
N LYS D 358 -19.29 -2.44 -3.58
CA LYS D 358 -20.18 -1.29 -3.69
C LYS D 358 -21.60 -1.71 -4.06
N LYS D 359 -21.74 -2.68 -4.98
CA LYS D 359 -23.07 -3.06 -5.44
C LYS D 359 -23.91 -3.62 -4.31
N VAL D 360 -23.33 -4.48 -3.47
CA VAL D 360 -24.04 -4.94 -2.29
C VAL D 360 -24.45 -3.74 -1.43
N VAL D 361 -23.49 -2.87 -1.10
CA VAL D 361 -23.76 -1.80 -0.16
C VAL D 361 -24.89 -0.90 -0.66
N ASP D 362 -24.90 -0.62 -1.96
CA ASP D 362 -25.90 0.28 -2.52
C ASP D 362 -27.27 -0.39 -2.56
N GLU D 363 -27.33 -1.67 -2.92
CA GLU D 363 -28.60 -2.39 -2.84
C GLU D 363 -29.18 -2.28 -1.44
N CYS D 364 -28.31 -2.25 -0.42
CA CYS D 364 -28.77 -2.18 0.97
C CYS D 364 -29.26 -0.79 1.32
N ALA D 365 -28.78 0.25 0.62
CA ALA D 365 -29.17 1.60 0.97
C ALA D 365 -30.62 1.86 0.61
N ASN D 366 -31.16 1.14 -0.38
CA ASN D 366 -32.57 1.27 -0.74
C ASN D 366 -33.46 0.99 0.46
N LEU D 367 -33.04 0.05 1.32
CA LEU D 367 -33.86 -0.44 2.41
C LEU D 367 -34.10 0.61 3.49
N ILE D 368 -33.34 1.71 3.47
CA ILE D 368 -33.48 2.76 4.48
C ILE D 368 -34.83 3.45 4.35
N ALA D 369 -35.40 3.44 3.14
CA ALA D 369 -36.66 4.12 2.89
C ALA D 369 -37.75 3.62 3.83
N ASP D 370 -37.76 2.31 4.10
CA ASP D 370 -38.80 1.65 4.89
C ASP D 370 -38.61 1.79 6.39
N ILE D 371 -37.61 2.53 6.84
CA ILE D 371 -37.39 2.73 8.28
C ILE D 371 -38.08 4.03 8.70
N ASN D 372 -39.02 3.92 9.62
CA ASN D 372 -39.81 5.07 10.06
C ASN D 372 -39.86 5.18 11.58
#